data_3LWS
#
_entry.id   3LWS
#
_cell.length_a   142.150
_cell.length_b   142.150
_cell.length_c   102.710
_cell.angle_alpha   90.000
_cell.angle_beta   90.000
_cell.angle_gamma   120.000
#
_symmetry.space_group_name_H-M   'P 31'
#
loop_
_entity.id
_entity.type
_entity.pdbx_description
1 polymer 'Aromatic amino acid beta-eliminating lyase/threonine aldolase'
2 water water
#
_entity_poly.entity_id   1
_entity_poly.type   'polypeptide(L)'
_entity_poly.pdbx_seq_one_letter_code
;G(MSE)NRLRTSFQQTTGQISGHGKRNVGVLKTAFAAVADE(MSE)ASDQYGTGAIIEPFEQKFADVLG(MSE)DDAVFF
PSGT(MSE)AQQVALRIWSDETDNRTVAYHPLCHLEIHEQDGLKELHPIETILVGAADRL(MSE)TLDEIKALPDIACLL
LELPQREIGGVAPAFSELETISRYCRERGIRLHLDGARLFE(MSE)LPYYEKTAAEIAGLFDSIYISFY(LLP)GLGGIA
GAILAGPAAFCQTARIWKRRYGGDLISLYPYIVSADYYYELRKDR(MSE)GQYYEQAKQLAEQFNALPGVHTTPEVPVSN
(MSE)FHLHFDGQAADISPKLEQVQEETGLGFVGYLVDKDGYCSTEISVGDAYGELDQQTRDAGFARLRQAFS
;
_entity_poly.pdbx_strand_id   A,B,C,D,E,F
#
# COMPACT_ATOMS: atom_id res chain seq x y z
N ASN A 3 -28.15 -3.76 -11.82
CA ASN A 3 -28.18 -5.13 -12.31
C ASN A 3 -27.37 -6.07 -11.42
N ARG A 4 -27.58 -7.36 -11.65
CA ARG A 4 -26.93 -8.43 -10.95
C ARG A 4 -25.39 -8.36 -11.06
N LEU A 5 -24.85 -8.11 -12.25
CA LEU A 5 -23.39 -8.05 -12.42
C LEU A 5 -22.77 -6.91 -11.61
N ARG A 6 -23.27 -5.69 -11.84
CA ARG A 6 -22.78 -4.49 -11.20
C ARG A 6 -22.88 -4.62 -9.69
N THR A 7 -24.00 -5.14 -9.21
CA THR A 7 -24.19 -5.40 -7.79
C THR A 7 -23.06 -6.26 -7.25
N SER A 8 -22.80 -7.36 -7.95
CA SER A 8 -21.81 -8.34 -7.50
C SER A 8 -20.39 -7.75 -7.48
N PHE A 9 -20.14 -6.79 -8.36
CA PHE A 9 -18.82 -6.18 -8.46
C PHE A 9 -18.67 -5.16 -7.34
N GLN A 10 -19.75 -4.42 -7.06
CA GLN A 10 -19.78 -3.42 -5.98
C GLN A 10 -19.53 -4.08 -4.63
N GLN A 11 -20.06 -5.29 -4.44
CA GLN A 11 -19.97 -5.99 -3.16
CA GLN A 11 -19.97 -5.98 -3.17
C GLN A 11 -18.68 -6.80 -3.03
N THR A 12 -17.67 -6.49 -3.87
CA THR A 12 -16.35 -7.16 -3.78
C THR A 12 -15.43 -6.39 -2.86
N THR A 13 -14.43 -7.11 -2.36
CA THR A 13 -13.49 -6.59 -1.37
C THR A 13 -12.14 -6.28 -2.05
N GLY A 14 -12.04 -6.64 -3.33
CA GLY A 14 -10.89 -6.21 -4.14
C GLY A 14 -11.22 -6.35 -5.60
N GLN A 15 -10.46 -5.66 -6.45
CA GLN A 15 -10.72 -5.62 -7.88
C GLN A 15 -9.42 -5.68 -8.65
N ILE A 16 -9.48 -6.20 -9.87
CA ILE A 16 -8.35 -6.17 -10.78
C ILE A 16 -8.17 -4.79 -11.43
N SER A 17 -9.28 -4.07 -11.63
CA SER A 17 -9.23 -2.81 -12.35
C SER A 17 -9.43 -1.68 -11.42
N GLY A 18 -8.94 -0.52 -11.83
CA GLY A 18 -9.12 0.70 -11.06
C GLY A 18 -8.24 0.90 -9.85
N HIS A 19 -8.61 1.93 -9.11
CA HIS A 19 -7.85 2.41 -8.00
C HIS A 19 -8.51 2.19 -6.67
N GLY A 20 -9.74 1.66 -6.68
CA GLY A 20 -10.58 1.67 -5.50
C GLY A 20 -11.82 2.53 -5.72
N LYS A 21 -12.64 2.61 -4.70
CA LYS A 21 -13.91 3.32 -4.82
C LYS A 21 -13.69 4.80 -5.02
N ARG A 22 -14.56 5.36 -5.84
CA ARG A 22 -14.54 6.77 -6.17
C ARG A 22 -15.36 7.49 -5.11
N ASN A 23 -14.72 7.89 -4.04
CA ASN A 23 -15.43 8.56 -2.94
C ASN A 23 -14.82 9.86 -2.43
N VAL A 24 -15.49 10.47 -1.45
CA VAL A 24 -15.10 11.73 -0.85
C VAL A 24 -13.72 11.65 -0.23
N GLY A 25 -13.35 10.47 0.29
CA GLY A 25 -12.00 10.22 0.80
C GLY A 25 -10.86 10.56 -0.16
N VAL A 26 -11.09 10.36 -1.47
CA VAL A 26 -10.08 10.74 -2.49
C VAL A 26 -9.71 12.24 -2.35
N LEU A 27 -10.70 13.11 -2.17
CA LEU A 27 -10.43 14.56 -1.96
C LEU A 27 -9.86 14.76 -0.57
N LYS A 28 -10.49 14.19 0.47
CA LYS A 28 -9.97 14.39 1.82
C LYS A 28 -8.52 13.95 1.96
N THR A 29 -8.15 12.84 1.35
CA THR A 29 -6.78 12.41 1.41
C THR A 29 -5.82 13.42 0.75
N ALA A 30 -6.18 13.93 -0.43
CA ALA A 30 -5.32 14.94 -1.11
C ALA A 30 -5.11 16.21 -0.26
N PHE A 31 -6.10 16.57 0.55
CA PHE A 31 -6.05 17.80 1.33
C PHE A 31 -5.55 17.69 2.80
N ALA A 32 -5.45 16.47 3.30
CA ALA A 32 -5.23 16.25 4.76
C ALA A 32 -3.99 16.93 5.34
N ALA A 33 -2.99 17.20 4.51
CA ALA A 33 -1.78 17.87 4.92
C ALA A 33 -1.66 19.31 4.35
N VAL A 34 -2.74 19.81 3.73
CA VAL A 34 -2.73 21.13 3.14
C VAL A 34 -3.16 22.15 4.22
N ALA A 35 -2.32 23.16 4.45
CA ALA A 35 -2.59 24.23 5.43
C ALA A 35 -3.91 24.91 5.17
N ASP A 36 -4.76 25.07 6.19
CA ASP A 36 -6.04 25.78 6.00
C ASP A 36 -5.81 27.19 5.46
N GLU A 37 -4.65 27.77 5.76
CA GLU A 37 -4.37 29.14 5.38
C GLU A 37 -3.87 29.30 3.94
N ALA A 39 -3.83 30.26 0.30
CA ALA A 39 -4.75 31.08 -0.47
C ALA A 39 -5.22 30.35 -1.74
N SER A 40 -6.47 30.58 -2.07
CA SER A 40 -7.07 30.01 -3.24
C SER A 40 -6.56 30.71 -4.45
N ASP A 41 -6.66 30.02 -5.58
CA ASP A 41 -6.54 30.64 -6.88
C ASP A 41 -7.66 31.67 -7.05
N GLN A 42 -7.54 32.54 -8.06
CA GLN A 42 -8.63 33.48 -8.35
C GLN A 42 -8.82 33.71 -9.85
N TYR A 43 -9.97 33.29 -10.32
CA TYR A 43 -10.34 33.34 -11.75
C TYR A 43 -9.15 33.15 -12.70
N GLY A 44 -8.44 32.05 -12.51
CA GLY A 44 -7.47 31.57 -13.49
C GLY A 44 -6.04 32.05 -13.30
N THR A 45 -5.81 32.82 -12.24
CA THR A 45 -4.49 33.25 -11.85
C THR A 45 -4.33 33.18 -10.30
N GLY A 46 -3.18 33.65 -9.85
CA GLY A 46 -2.87 33.71 -8.44
C GLY A 46 -2.30 32.41 -7.94
N ALA A 47 -2.54 32.16 -6.66
CA ALA A 47 -1.97 31.03 -5.94
C ALA A 47 -2.48 29.71 -6.51
N ILE A 48 -1.62 28.69 -6.42
CA ILE A 48 -1.94 27.29 -6.72
C ILE A 48 -1.95 27.05 -8.22
N ILE A 49 -2.86 27.72 -8.91
CA ILE A 49 -3.03 27.53 -10.35
C ILE A 49 -1.78 27.92 -11.17
N GLU A 50 -1.14 29.06 -10.88
CA GLU A 50 0.04 29.46 -11.68
C GLU A 50 1.20 28.51 -11.55
N PRO A 51 1.59 28.12 -10.33
CA PRO A 51 2.65 27.13 -10.21
C PRO A 51 2.30 25.75 -10.84
N PHE A 52 1.04 25.33 -10.73
CA PHE A 52 0.63 24.05 -11.31
C PHE A 52 0.75 24.09 -12.84
N GLU A 53 0.31 25.21 -13.41
CA GLU A 53 0.34 25.38 -14.83
C GLU A 53 1.80 25.39 -15.31
N GLN A 54 2.68 26.12 -14.63
CA GLN A 54 4.13 26.14 -15.03
C GLN A 54 4.78 24.76 -14.93
N LYS A 55 4.50 24.07 -13.83
CA LYS A 55 4.93 22.70 -13.61
C LYS A 55 4.64 21.81 -14.80
N PHE A 56 3.38 21.81 -15.23
CA PHE A 56 2.98 20.99 -16.33
C PHE A 56 3.28 21.59 -17.70
N ALA A 57 3.46 22.89 -17.83
CA ALA A 57 4.11 23.36 -19.07
C ALA A 57 5.50 22.69 -19.19
N ASP A 58 6.23 22.63 -18.09
CA ASP A 58 7.55 22.01 -18.05
C ASP A 58 7.51 20.53 -18.31
N VAL A 59 6.55 19.83 -17.69
CA VAL A 59 6.48 18.37 -17.83
C VAL A 59 6.20 18.00 -19.28
N LEU A 60 5.37 18.79 -19.94
CA LEU A 60 5.09 18.53 -21.35
C LEU A 60 6.05 19.26 -22.30
N GLY A 61 6.93 20.11 -21.78
CA GLY A 61 7.90 20.84 -22.62
C GLY A 61 7.26 21.84 -23.56
N ASP A 63 5.46 25.96 -23.97
CA ASP A 63 5.67 27.33 -23.53
C ASP A 63 4.77 27.67 -22.32
N ASP A 64 3.56 27.12 -22.29
CA ASP A 64 2.59 27.50 -21.27
C ASP A 64 1.58 26.33 -21.14
N ALA A 65 0.79 26.31 -20.07
CA ALA A 65 -0.27 25.31 -19.90
C ALA A 65 -1.42 25.95 -19.16
N VAL A 66 -2.64 25.48 -19.43
CA VAL A 66 -3.86 26.09 -18.88
C VAL A 66 -4.65 24.97 -18.20
N PHE A 67 -5.00 25.20 -16.93
CA PHE A 67 -5.80 24.23 -16.21
C PHE A 67 -7.27 24.40 -16.60
N PHE A 68 -7.90 23.32 -17.05
CA PHE A 68 -9.32 23.34 -17.37
C PHE A 68 -10.10 22.37 -16.45
N PRO A 69 -11.38 22.68 -16.16
CA PRO A 69 -12.26 21.74 -15.44
C PRO A 69 -12.48 20.40 -16.12
N SER A 70 -12.46 20.40 -17.46
CA SER A 70 -12.63 19.17 -18.24
C SER A 70 -11.81 19.12 -19.52
N GLY A 71 -11.48 17.90 -19.91
CA GLY A 71 -10.93 17.66 -21.23
C GLY A 71 -11.94 17.94 -22.35
N THR A 72 -13.22 17.79 -22.05
CA THR A 72 -14.25 18.06 -23.03
C THR A 72 -14.15 19.51 -23.49
N ALA A 74 -11.53 21.61 -22.71
CA ALA A 74 -10.17 21.78 -23.15
C ALA A 74 -9.95 21.48 -24.67
N GLN A 75 -10.47 20.36 -25.15
CA GLN A 75 -10.13 19.95 -26.54
C GLN A 75 -10.97 20.67 -27.62
N GLN A 76 -12.22 20.98 -27.27
CA GLN A 76 -13.06 21.85 -28.07
C GLN A 76 -12.39 23.19 -28.25
N VAL A 77 -11.92 23.75 -27.13
CA VAL A 77 -11.20 25.02 -27.22
C VAL A 77 -9.94 24.94 -28.10
N ALA A 78 -9.18 23.88 -27.95
CA ALA A 78 -7.92 23.69 -28.72
C ALA A 78 -8.23 23.72 -30.21
N LEU A 79 -9.19 22.89 -30.61
CA LEU A 79 -9.56 22.73 -32.04
C LEU A 79 -10.06 24.06 -32.64
N ARG A 80 -10.90 24.77 -31.88
CA ARG A 80 -11.38 26.09 -32.27
C ARG A 80 -10.24 27.09 -32.47
N ILE A 81 -9.28 27.10 -31.55
CA ILE A 81 -8.15 28.03 -31.68
C ILE A 81 -7.41 27.73 -32.97
N TRP A 82 -7.03 26.49 -33.20
CA TRP A 82 -6.36 26.11 -34.44
C TRP A 82 -7.21 26.35 -35.68
N SER A 83 -8.50 26.06 -35.63
CA SER A 83 -9.40 26.35 -36.73
C SER A 83 -9.32 27.85 -37.06
N ASP A 84 -9.44 28.69 -36.04
CA ASP A 84 -9.33 30.16 -36.20
C ASP A 84 -7.96 30.58 -36.76
N GLU A 85 -6.88 30.01 -36.25
CA GLU A 85 -5.57 30.37 -36.72
C GLU A 85 -5.34 30.03 -38.20
N THR A 86 -5.93 28.93 -38.66
CA THR A 86 -5.72 28.45 -40.04
C THR A 86 -6.81 28.82 -41.01
N ASP A 87 -7.83 29.55 -40.55
CA ASP A 87 -9.00 29.88 -41.35
C ASP A 87 -9.59 28.63 -42.04
N ASN A 88 -9.58 27.51 -41.32
CA ASN A 88 -10.09 26.26 -41.86
C ASN A 88 -11.02 25.67 -40.79
N ARG A 89 -12.26 25.47 -41.19
CA ARG A 89 -13.30 24.97 -40.28
C ARG A 89 -13.44 23.44 -40.26
N THR A 90 -12.44 22.71 -40.73
CA THR A 90 -12.53 21.26 -40.74
C THR A 90 -11.39 20.66 -39.91
N VAL A 91 -11.73 19.69 -39.07
CA VAL A 91 -10.75 18.97 -38.26
C VAL A 91 -10.89 17.47 -38.57
N ALA A 92 -9.85 16.71 -38.36
CA ALA A 92 -9.92 15.28 -38.56
C ALA A 92 -9.42 14.49 -37.33
N TYR A 93 -10.06 13.35 -37.13
CA TYR A 93 -9.71 12.43 -36.05
C TYR A 93 -10.35 11.06 -36.28
N HIS A 94 -10.03 10.12 -35.39
CA HIS A 94 -10.62 8.75 -35.42
C HIS A 94 -12.16 8.81 -35.27
N PRO A 95 -12.92 7.87 -35.91
CA PRO A 95 -14.41 7.92 -35.77
C PRO A 95 -14.93 7.77 -34.32
N LEU A 96 -14.17 7.16 -33.43
CA LEU A 96 -14.56 7.03 -32.04
C LEU A 96 -13.88 8.05 -31.13
N CYS A 97 -13.47 9.19 -31.69
CA CYS A 97 -12.87 10.25 -30.92
C CYS A 97 -13.87 10.73 -29.87
N HIS A 98 -13.37 11.05 -28.69
CA HIS A 98 -14.23 11.52 -27.57
C HIS A 98 -15.16 12.65 -27.99
N LEU A 99 -14.62 13.59 -28.78
CA LEU A 99 -15.40 14.74 -29.24
C LEU A 99 -16.57 14.35 -30.16
N GLU A 100 -16.43 13.23 -30.86
CA GLU A 100 -17.42 12.74 -31.80
C GLU A 100 -18.53 11.97 -31.12
N ILE A 101 -18.18 11.16 -30.11
CA ILE A 101 -19.16 10.22 -29.53
C ILE A 101 -19.50 10.45 -28.04
N HIS A 102 -18.76 11.23 -27.30
CA HIS A 102 -19.03 11.29 -25.85
C HIS A 102 -19.33 12.72 -25.34
N GLU A 103 -19.55 13.71 -26.21
CA GLU A 103 -19.70 15.11 -25.74
C GLU A 103 -21.02 15.78 -26.19
N GLN A 104 -22.00 14.94 -26.51
CA GLN A 104 -23.30 15.38 -27.03
C GLN A 104 -23.07 16.39 -28.22
N ASP A 105 -22.10 16.08 -29.06
CA ASP A 105 -21.78 16.82 -30.27
C ASP A 105 -21.34 18.24 -30.00
N GLY A 106 -20.77 18.45 -28.81
CA GLY A 106 -20.40 19.78 -28.31
C GLY A 106 -19.61 20.60 -29.29
N LEU A 107 -18.55 20.00 -29.87
CA LEU A 107 -17.71 20.69 -30.86
C LEU A 107 -18.54 21.33 -31.99
N LYS A 108 -19.45 20.55 -32.56
CA LYS A 108 -20.21 20.98 -33.71
C LYS A 108 -21.39 21.86 -33.33
N GLU A 109 -21.88 21.77 -32.10
CA GLU A 109 -23.01 22.58 -31.68
C GLU A 109 -22.50 23.93 -31.26
N LEU A 110 -21.27 23.99 -30.73
CA LEU A 110 -20.71 25.23 -30.16
C LEU A 110 -19.77 26.01 -31.08
N HIS A 111 -19.33 25.40 -32.17
CA HIS A 111 -18.44 26.04 -33.12
C HIS A 111 -18.81 25.62 -34.55
N PRO A 112 -18.59 26.50 -35.54
CA PRO A 112 -18.93 26.15 -36.91
C PRO A 112 -17.81 25.25 -37.45
N ILE A 113 -17.70 24.04 -36.91
CA ILE A 113 -16.62 23.15 -37.24
C ILE A 113 -17.13 21.77 -37.69
N GLU A 114 -16.51 21.27 -38.76
CA GLU A 114 -16.89 19.98 -39.35
C GLU A 114 -15.74 19.02 -39.14
N THR A 115 -16.07 17.73 -39.10
CA THR A 115 -15.09 16.71 -38.79
C THR A 115 -15.04 15.64 -39.89
N ILE A 116 -13.84 15.28 -40.31
CA ILE A 116 -13.61 14.13 -41.19
C ILE A 116 -13.17 13.02 -40.30
N LEU A 117 -13.86 11.87 -40.37
CA LEU A 117 -13.52 10.73 -39.52
C LEU A 117 -12.52 9.89 -40.30
N VAL A 118 -11.34 9.65 -39.72
CA VAL A 118 -10.23 9.11 -40.49
C VAL A 118 -10.13 7.60 -40.22
N GLY A 119 -10.18 6.80 -41.27
CA GLY A 119 -9.92 5.36 -41.17
C GLY A 119 -11.17 4.54 -40.92
N ALA A 120 -11.08 3.55 -40.04
CA ALA A 120 -12.25 2.72 -39.65
C ALA A 120 -12.43 2.67 -38.13
N ALA A 121 -13.67 2.50 -37.68
CA ALA A 121 -14.04 2.47 -36.27
C ALA A 121 -13.33 1.40 -35.44
N ASP A 122 -12.97 0.30 -36.07
CA ASP A 122 -12.43 -0.84 -35.36
C ASP A 122 -10.91 -0.96 -35.46
N ARG A 123 -10.21 0.09 -35.91
CA ARG A 123 -8.76 0.00 -36.04
C ARG A 123 -8.12 1.39 -35.99
N LEU A 124 -6.80 1.42 -35.94
CA LEU A 124 -6.09 2.69 -36.06
C LEU A 124 -6.19 3.19 -37.50
N THR A 126 -4.46 4.75 -40.75
CA THR A 126 -3.18 4.41 -41.33
C THR A 126 -2.47 5.69 -41.74
N LEU A 127 -1.14 5.64 -41.89
CA LEU A 127 -0.39 6.79 -42.39
C LEU A 127 -0.86 7.22 -43.80
N ASP A 128 -1.18 6.25 -44.67
CA ASP A 128 -1.75 6.58 -45.98
C ASP A 128 -3.04 7.37 -45.88
N GLU A 129 -3.91 6.99 -44.94
CA GLU A 129 -5.17 7.74 -44.73
C GLU A 129 -4.94 9.18 -44.27
N ILE A 130 -3.92 9.42 -43.44
CA ILE A 130 -3.54 10.78 -43.04
C ILE A 130 -3.01 11.56 -44.25
N LYS A 131 -2.10 10.96 -45.02
CA LYS A 131 -1.57 11.61 -46.23
C LYS A 131 -2.66 11.91 -47.27
N ALA A 132 -3.76 11.17 -47.25
CA ALA A 132 -4.88 11.42 -48.17
C ALA A 132 -5.79 12.54 -47.69
N LEU A 133 -5.61 13.03 -46.47
CA LEU A 133 -6.43 14.17 -45.98
C LEU A 133 -6.22 15.40 -46.84
N PRO A 134 -7.29 16.19 -47.08
CA PRO A 134 -7.21 17.49 -47.71
C PRO A 134 -6.75 18.55 -46.70
N ASP A 135 -6.70 19.80 -47.13
CA ASP A 135 -6.33 20.95 -46.29
C ASP A 135 -7.34 21.01 -45.14
N ILE A 136 -6.84 20.79 -43.93
CA ILE A 136 -7.65 20.90 -42.71
C ILE A 136 -6.91 21.75 -41.68
N ALA A 137 -7.60 22.24 -40.66
CA ALA A 137 -6.99 22.99 -39.54
C ALA A 137 -6.16 22.11 -38.60
N CYS A 138 -6.74 20.98 -38.19
CA CYS A 138 -6.14 20.17 -37.12
C CYS A 138 -6.39 18.67 -37.27
N LEU A 139 -5.33 17.86 -37.12
CA LEU A 139 -5.47 16.41 -36.91
C LEU A 139 -5.31 16.18 -35.38
N LEU A 140 -6.28 15.48 -34.77
CA LEU A 140 -6.26 15.05 -33.38
C LEU A 140 -5.91 13.56 -33.35
N LEU A 141 -4.86 13.21 -32.60
CA LEU A 141 -4.55 11.84 -32.29
C LEU A 141 -4.82 11.63 -30.81
N GLU A 142 -5.27 10.42 -30.47
CA GLU A 142 -5.50 9.96 -29.09
C GLU A 142 -4.59 8.76 -28.77
N LEU A 143 -3.68 8.92 -27.83
CA LEU A 143 -2.71 7.89 -27.51
C LEU A 143 -2.98 7.28 -26.13
N PRO A 144 -3.40 5.99 -26.07
CA PRO A 144 -3.75 5.08 -27.17
C PRO A 144 -5.22 5.27 -27.55
N GLN A 145 -5.67 4.50 -28.55
CA GLN A 145 -7.08 4.56 -29.02
C GLN A 145 -7.92 3.69 -28.13
N ARG A 146 -8.45 4.32 -27.11
CA ARG A 146 -9.05 3.60 -26.01
C ARG A 146 -10.27 2.79 -26.44
N GLU A 147 -11.05 3.33 -27.39
CA GLU A 147 -12.32 2.72 -27.76
C GLU A 147 -12.15 1.37 -28.45
N ILE A 148 -10.96 1.09 -28.95
CA ILE A 148 -10.63 -0.22 -29.53
C ILE A 148 -9.65 -0.99 -28.62
N GLY A 149 -9.68 -0.70 -27.31
CA GLY A 149 -8.92 -1.46 -26.32
C GLY A 149 -7.58 -0.87 -25.90
N GLY A 150 -7.14 0.14 -26.63
CA GLY A 150 -5.92 0.88 -26.31
C GLY A 150 -4.74 0.43 -27.15
N VAL A 151 -4.82 0.74 -28.43
CA VAL A 151 -3.82 0.45 -29.43
CA VAL A 151 -3.71 0.45 -29.34
C VAL A 151 -3.16 1.78 -29.82
N ALA A 152 -1.88 1.78 -30.15
CA ALA A 152 -1.20 3.05 -30.49
C ALA A 152 -0.13 2.80 -31.52
N PRO A 153 0.19 3.82 -32.32
CA PRO A 153 1.23 3.60 -33.31
C PRO A 153 2.62 3.60 -32.65
N ALA A 154 3.62 3.06 -33.34
CA ALA A 154 5.01 3.08 -32.90
C ALA A 154 5.50 4.51 -32.79
N PHE A 155 6.47 4.78 -31.93
CA PHE A 155 6.99 6.14 -31.78
C PHE A 155 7.48 6.74 -33.11
N SER A 156 8.12 5.93 -33.94
CA SER A 156 8.64 6.42 -35.24
CA SER A 156 8.64 6.40 -35.24
C SER A 156 7.50 6.80 -36.17
N GLU A 157 6.37 6.07 -36.08
CA GLU A 157 5.18 6.46 -36.86
C GLU A 157 4.69 7.85 -36.42
N LEU A 158 4.68 8.13 -35.13
CA LEU A 158 4.28 9.44 -34.63
C LEU A 158 5.25 10.51 -35.13
N GLU A 159 6.54 10.18 -35.25
CA GLU A 159 7.52 11.15 -35.71
C GLU A 159 7.25 11.54 -37.16
N THR A 160 6.92 10.54 -37.97
CA THR A 160 6.58 10.73 -39.36
C THR A 160 5.32 11.56 -39.54
N ILE A 161 4.29 11.28 -38.73
CA ILE A 161 3.02 12.04 -38.77
C ILE A 161 3.24 13.50 -38.35
N SER A 162 4.07 13.71 -37.32
CA SER A 162 4.43 15.04 -36.83
C SER A 162 5.15 15.89 -37.89
N ARG A 163 6.10 15.29 -38.59
CA ARG A 163 6.80 15.98 -39.69
C ARG A 163 5.88 16.25 -40.87
N TYR A 164 5.04 15.27 -41.21
CA TYR A 164 4.14 15.43 -42.33
C TYR A 164 3.24 16.63 -42.11
N CYS A 165 2.51 16.59 -41.00
CA CYS A 165 1.51 17.62 -40.68
C CYS A 165 2.14 19.00 -40.64
N ARG A 166 3.31 19.09 -39.99
CA ARG A 166 4.05 20.33 -39.91
C ARG A 166 4.44 20.79 -41.30
N GLU A 167 4.99 19.89 -42.13
CA GLU A 167 5.40 20.24 -43.49
CA GLU A 167 5.39 20.26 -43.48
C GLU A 167 4.18 20.70 -44.32
N ARG A 168 2.99 20.27 -43.92
CA ARG A 168 1.73 20.63 -44.59
C ARG A 168 0.89 21.74 -43.95
N GLY A 169 1.33 22.29 -42.83
CA GLY A 169 0.60 23.35 -42.14
C GLY A 169 -0.60 22.95 -41.33
N ILE A 170 -0.76 21.65 -41.07
CA ILE A 170 -1.83 21.10 -40.24
C ILE A 170 -1.38 21.07 -38.78
N ARG A 171 -2.19 21.61 -37.87
CA ARG A 171 -1.84 21.58 -36.45
C ARG A 171 -2.09 20.18 -35.90
N LEU A 172 -1.20 19.68 -35.04
CA LEU A 172 -1.34 18.34 -34.49
C LEU A 172 -1.64 18.42 -33.01
N HIS A 173 -2.81 17.92 -32.65
CA HIS A 173 -3.26 17.96 -31.28
C HIS A 173 -3.28 16.57 -30.65
N LEU A 174 -2.78 16.47 -29.41
CA LEU A 174 -2.76 15.18 -28.68
C LEU A 174 -3.87 15.14 -27.62
N ASP A 175 -4.75 14.16 -27.78
CA ASP A 175 -5.62 13.68 -26.74
C ASP A 175 -4.79 12.69 -25.93
N GLY A 176 -4.17 13.25 -24.90
CA GLY A 176 -3.37 12.53 -23.97
C GLY A 176 -4.09 12.28 -22.66
N ALA A 177 -5.39 12.03 -22.71
CA ALA A 177 -6.15 11.54 -21.56
C ALA A 177 -5.38 10.41 -20.87
N ARG A 178 -4.77 9.52 -21.64
CA ARG A 178 -4.00 8.40 -21.11
C ARG A 178 -2.51 8.45 -21.50
N LEU A 179 -1.93 9.64 -21.56
CA LEU A 179 -0.50 9.72 -21.97
C LEU A 179 0.46 9.06 -20.97
N PHE A 180 0.25 9.28 -19.68
CA PHE A 180 1.19 8.73 -18.68
C PHE A 180 1.24 7.21 -18.79
N GLU A 181 0.08 6.62 -19.10
CA GLU A 181 -0.09 5.20 -19.17
C GLU A 181 0.73 4.62 -20.30
N LEU A 183 3.76 5.82 -21.46
CA LEU A 183 5.20 6.07 -21.38
C LEU A 183 6.06 4.81 -21.14
N PRO A 184 5.62 3.86 -20.28
CA PRO A 184 6.43 2.66 -20.15
C PRO A 184 6.68 1.96 -21.49
N TYR A 185 5.63 1.80 -22.30
CA TYR A 185 5.73 1.11 -23.57
C TYR A 185 6.56 1.88 -24.60
N TYR A 186 6.37 3.18 -24.67
CA TYR A 186 7.17 3.98 -25.62
C TYR A 186 8.62 4.09 -25.17
N GLU A 187 8.85 3.95 -23.87
CA GLU A 187 10.18 4.20 -23.26
C GLU A 187 10.61 5.66 -23.50
N LYS A 188 9.67 6.57 -23.21
CA LYS A 188 9.84 7.99 -23.47
C LYS A 188 9.26 8.80 -22.33
N THR A 189 9.75 10.04 -22.16
CA THR A 189 9.20 10.96 -21.18
C THR A 189 7.97 11.64 -21.74
N ALA A 190 7.19 12.27 -20.89
CA ALA A 190 6.01 13.01 -21.34
C ALA A 190 6.38 14.14 -22.36
N ALA A 191 7.52 14.81 -22.14
CA ALA A 191 7.95 15.88 -23.04
C ALA A 191 8.35 15.32 -24.40
N GLU A 192 9.02 14.15 -24.46
CA GLU A 192 9.42 13.61 -25.76
C GLU A 192 8.20 13.21 -26.64
N ILE A 193 7.13 12.75 -26.01
CA ILE A 193 5.93 12.41 -26.75
C ILE A 193 5.26 13.72 -27.12
N ALA A 194 4.97 14.55 -26.11
CA ALA A 194 4.32 15.87 -26.30
C ALA A 194 5.02 16.80 -27.29
N GLY A 195 6.34 16.69 -27.41
CA GLY A 195 7.15 17.50 -28.32
C GLY A 195 6.84 17.37 -29.80
N LEU A 196 6.18 16.27 -30.19
CA LEU A 196 5.78 16.02 -31.57
C LEU A 196 4.49 16.74 -32.01
N PHE A 197 3.80 17.34 -31.05
CA PHE A 197 2.51 17.94 -31.23
C PHE A 197 2.52 19.44 -30.98
N ASP A 198 1.57 20.13 -31.60
CA ASP A 198 1.41 21.56 -31.40
C ASP A 198 0.76 21.89 -30.04
N SER A 199 -0.20 21.06 -29.63
CA SER A 199 -0.93 21.24 -28.41
C SER A 199 -1.22 19.86 -27.75
N ILE A 200 -1.48 19.86 -26.45
CA ILE A 200 -1.68 18.61 -25.71
C ILE A 200 -2.71 18.80 -24.62
N TYR A 201 -3.55 17.79 -24.45
CA TYR A 201 -4.48 17.71 -23.37
C TYR A 201 -4.05 16.52 -22.56
N ILE A 202 -4.04 16.71 -21.24
CA ILE A 202 -3.84 15.62 -20.30
C ILE A 202 -4.87 15.72 -19.23
N SER A 203 -5.18 14.56 -18.65
CA SER A 203 -6.20 14.42 -17.66
C SER A 203 -5.61 14.03 -16.31
N PHE A 204 -6.28 14.42 -15.24
CA PHE A 204 -5.88 14.01 -13.91
C PHE A 204 -6.77 13.00 -13.21
N TYR A 205 -7.71 12.41 -13.96
CA TYR A 205 -8.63 11.45 -13.38
C TYR A 205 -8.70 10.08 -14.03
N GLY A 207 -5.58 7.35 -15.58
CA GLY A 207 -4.51 6.58 -14.94
C GLY A 207 -4.07 7.10 -13.58
N LEU A 208 -3.97 8.42 -13.48
CA LEU A 208 -3.50 9.04 -12.26
C LEU A 208 -4.48 8.96 -11.12
N GLY A 209 -5.79 8.80 -11.40
CA GLY A 209 -6.77 8.57 -10.35
C GLY A 209 -7.10 9.72 -9.42
N GLY A 210 -6.98 10.95 -9.93
CA GLY A 210 -7.46 12.13 -9.22
C GLY A 210 -8.97 12.20 -9.39
N ILE A 211 -9.55 13.36 -9.11
CA ILE A 211 -10.99 13.54 -9.06
C ILE A 211 -11.58 14.05 -10.37
N ALA A 212 -10.91 15.05 -10.93
CA ALA A 212 -11.32 15.58 -12.19
C ALA A 212 -10.30 16.62 -12.62
N GLY A 213 -10.50 17.20 -13.81
CA GLY A 213 -9.67 18.29 -14.23
C GLY A 213 -8.65 17.90 -15.29
N ALA A 214 -8.14 18.91 -15.98
CA ALA A 214 -7.32 18.72 -17.20
C ALA A 214 -6.28 19.81 -17.36
N ILE A 215 -5.23 19.50 -18.11
CA ILE A 215 -4.29 20.52 -18.58
C ILE A 215 -4.26 20.53 -20.12
N LEU A 216 -4.41 21.71 -20.71
CA LEU A 216 -4.21 21.96 -22.12
C LEU A 216 -2.92 22.75 -22.24
N ALA A 217 -1.94 22.24 -22.97
CA ALA A 217 -0.64 22.90 -23.07
C ALA A 217 -0.24 23.10 -24.53
N GLY A 218 0.56 24.14 -24.74
CA GLY A 218 1.00 24.52 -26.08
C GLY A 218 1.76 25.84 -26.09
N PRO A 219 1.86 26.49 -27.26
CA PRO A 219 2.53 27.80 -27.33
C PRO A 219 1.87 28.85 -26.43
N ALA A 220 2.64 29.85 -26.05
CA ALA A 220 2.19 30.99 -25.26
C ALA A 220 0.92 31.66 -25.76
N ALA A 221 0.88 32.08 -27.04
CA ALA A 221 -0.28 32.79 -27.63
C ALA A 221 -1.53 31.92 -27.68
N PHE A 222 -1.36 30.67 -28.10
CA PHE A 222 -2.41 29.63 -28.03
C PHE A 222 -3.06 29.55 -26.62
N CYS A 223 -2.22 29.43 -25.60
CA CYS A 223 -2.72 29.39 -24.22
C CYS A 223 -3.42 30.67 -23.79
N GLN A 224 -2.99 31.82 -24.28
CA GLN A 224 -3.66 33.09 -23.95
C GLN A 224 -5.05 33.10 -24.45
N THR A 225 -5.21 32.67 -25.70
CA THR A 225 -6.53 32.56 -26.28
C THR A 225 -7.39 31.53 -25.60
N ALA A 226 -6.75 30.42 -25.21
CA ALA A 226 -7.41 29.32 -24.50
C ALA A 226 -8.04 29.82 -23.18
N ARG A 227 -7.34 30.74 -22.49
CA ARG A 227 -7.83 31.36 -21.27
C ARG A 227 -9.04 32.24 -21.53
N ILE A 228 -9.13 32.88 -22.70
CA ILE A 228 -10.33 33.67 -23.00
C ILE A 228 -11.55 32.78 -23.29
N TRP A 229 -11.35 31.73 -24.07
CA TRP A 229 -12.39 30.73 -24.29
C TRP A 229 -12.74 30.06 -22.98
N LYS A 230 -11.76 29.78 -22.12
CA LYS A 230 -12.12 29.21 -20.80
C LYS A 230 -13.16 30.07 -20.01
N ARG A 231 -12.96 31.38 -20.01
CA ARG A 231 -13.96 32.26 -19.43
C ARG A 231 -15.31 32.25 -20.20
N ARG A 232 -15.25 32.24 -21.54
CA ARG A 232 -16.48 32.26 -22.36
C ARG A 232 -17.29 31.02 -22.08
N TYR A 233 -16.62 29.89 -21.92
CA TYR A 233 -17.29 28.62 -21.56
C TYR A 233 -17.83 28.53 -20.14
N GLY A 234 -17.47 29.45 -19.25
CA GLY A 234 -17.91 29.32 -17.88
C GLY A 234 -17.09 28.32 -17.10
N GLY A 235 -15.86 28.09 -17.54
CA GLY A 235 -14.88 27.21 -16.87
C GLY A 235 -13.83 27.93 -16.05
N ASP A 236 -13.90 29.27 -16.03
CA ASP A 236 -12.93 30.09 -15.33
C ASP A 236 -13.56 30.37 -13.97
N LEU A 237 -13.61 29.30 -13.17
CA LEU A 237 -14.25 29.37 -11.87
C LEU A 237 -13.38 30.26 -11.00
N ILE A 238 -14.01 30.96 -10.06
CA ILE A 238 -13.23 31.71 -9.04
C ILE A 238 -12.17 30.83 -8.37
N SER A 239 -12.55 29.57 -8.06
CA SER A 239 -11.69 28.64 -7.29
C SER A 239 -11.71 27.22 -7.93
N LEU A 240 -10.62 26.85 -8.58
CA LEU A 240 -10.42 25.52 -9.10
C LEU A 240 -9.39 24.72 -8.29
N TYR A 241 -8.93 25.25 -7.14
CA TYR A 241 -7.97 24.51 -6.32
C TYR A 241 -8.48 23.11 -5.89
N PRO A 242 -9.79 22.95 -5.58
CA PRO A 242 -10.17 21.61 -5.14
C PRO A 242 -9.78 20.51 -6.14
N TYR A 243 -9.77 20.84 -7.43
CA TYR A 243 -9.26 19.92 -8.43
C TYR A 243 -7.79 20.04 -8.67
N ILE A 244 -7.18 21.22 -8.48
CA ILE A 244 -5.73 21.36 -8.77
C ILE A 244 -4.84 20.72 -7.70
N VAL A 245 -5.19 20.91 -6.45
CA VAL A 245 -4.43 20.35 -5.33
C VAL A 245 -4.51 18.82 -5.39
N SER A 246 -5.73 18.32 -5.56
CA SER A 246 -5.94 16.87 -5.69
C SER A 246 -5.22 16.31 -6.90
N ALA A 247 -5.33 16.98 -8.06
CA ALA A 247 -4.64 16.59 -9.30
C ALA A 247 -3.15 16.44 -9.11
N ASP A 248 -2.52 17.46 -8.51
CA ASP A 248 -1.10 17.43 -8.24
C ASP A 248 -0.70 16.33 -7.25
N TYR A 249 -1.48 16.17 -6.18
CA TYR A 249 -1.27 15.09 -5.21
C TYR A 249 -1.29 13.71 -5.84
N TYR A 250 -2.30 13.41 -6.67
CA TYR A 250 -2.36 12.05 -7.29
C TYR A 250 -1.31 11.90 -8.37
N TYR A 251 -0.95 13.02 -9.00
CA TYR A 251 0.19 13.02 -9.91
C TYR A 251 1.47 12.63 -9.16
N GLU A 252 1.79 13.33 -8.08
CA GLU A 252 3.00 13.00 -7.34
C GLU A 252 2.94 11.57 -6.82
N LEU A 253 1.75 11.14 -6.37
CA LEU A 253 1.57 9.77 -5.86
C LEU A 253 1.78 8.67 -6.90
N ARG A 254 1.31 8.88 -8.12
CA ARG A 254 1.24 7.77 -9.06
C ARG A 254 2.10 7.88 -10.32
N LYS A 255 2.85 8.98 -10.47
CA LYS A 255 3.60 9.22 -11.69
C LYS A 255 4.59 8.11 -12.04
N ASP A 256 5.06 7.38 -11.02
CA ASP A 256 6.06 6.37 -11.17
C ASP A 256 5.52 4.97 -10.98
N ARG A 257 4.20 4.82 -11.16
CA ARG A 257 3.60 3.50 -11.06
C ARG A 257 3.05 3.01 -12.37
N GLY A 259 4.49 1.98 -14.99
CA GLY A 259 5.24 0.80 -15.43
C GLY A 259 4.72 -0.48 -14.83
N GLN A 260 4.49 -0.45 -13.52
CA GLN A 260 3.99 -1.62 -12.85
C GLN A 260 2.55 -1.92 -13.33
N TYR A 261 1.74 -0.88 -13.53
CA TYR A 261 0.34 -1.06 -13.97
C TYR A 261 0.34 -1.75 -15.33
N TYR A 262 1.27 -1.35 -16.18
CA TYR A 262 1.45 -1.94 -17.51
C TYR A 262 1.89 -3.41 -17.47
N GLU A 263 2.87 -3.72 -16.62
CA GLU A 263 3.34 -5.11 -16.52
C GLU A 263 2.22 -5.99 -16.01
N GLN A 264 1.44 -5.44 -15.07
CA GLN A 264 0.38 -6.17 -14.43
C GLN A 264 -0.78 -6.45 -15.39
N ALA A 265 -1.09 -5.46 -16.24
CA ALA A 265 -2.09 -5.56 -17.26
C ALA A 265 -1.72 -6.64 -18.25
N LYS A 266 -0.46 -6.65 -18.67
CA LYS A 266 0.02 -7.72 -19.54
C LYS A 266 -0.14 -9.09 -18.88
N GLN A 267 0.11 -9.18 -17.58
CA GLN A 267 -0.10 -10.44 -16.84
C GLN A 267 -1.58 -10.85 -16.83
N LEU A 268 -2.47 -9.90 -16.53
CA LEU A 268 -3.92 -10.17 -16.50
C LEU A 268 -4.41 -10.64 -17.88
N ALA A 269 -3.98 -9.96 -18.93
CA ALA A 269 -4.41 -10.31 -20.29
C ALA A 269 -4.07 -11.77 -20.65
N GLU A 270 -2.89 -12.18 -20.20
CA GLU A 270 -2.39 -13.51 -20.45
C GLU A 270 -3.30 -14.52 -19.77
N GLN A 271 -3.70 -14.23 -18.53
CA GLN A 271 -4.65 -15.08 -17.80
C GLN A 271 -6.01 -15.18 -18.50
N PHE A 272 -6.49 -14.06 -19.03
CA PHE A 272 -7.82 -13.99 -19.67
C PHE A 272 -7.84 -14.69 -21.00
N ASN A 273 -6.78 -14.49 -21.78
CA ASN A 273 -6.69 -15.08 -23.09
C ASN A 273 -6.58 -16.61 -23.03
N ALA A 274 -6.05 -17.13 -21.93
CA ALA A 274 -6.02 -18.59 -21.68
C ALA A 274 -7.39 -19.20 -21.50
N LEU A 275 -8.39 -18.41 -21.13
CA LEU A 275 -9.74 -18.92 -20.91
C LEU A 275 -10.48 -19.25 -22.19
N PRO A 276 -11.14 -20.43 -22.25
CA PRO A 276 -11.90 -20.70 -23.48
C PRO A 276 -13.11 -19.78 -23.56
N GLY A 277 -13.33 -19.22 -24.75
CA GLY A 277 -14.43 -18.28 -25.01
C GLY A 277 -14.14 -16.83 -24.60
N VAL A 278 -12.87 -16.52 -24.34
CA VAL A 278 -12.49 -15.21 -23.78
C VAL A 278 -11.24 -14.72 -24.44
N HIS A 279 -11.22 -13.48 -24.92
CA HIS A 279 -9.96 -12.87 -25.33
C HIS A 279 -9.86 -11.38 -25.04
N THR A 280 -8.64 -10.85 -25.14
CA THR A 280 -8.45 -9.42 -25.01
C THR A 280 -8.18 -8.78 -26.37
N THR A 281 -8.45 -7.50 -26.44
CA THR A 281 -8.14 -6.68 -27.61
C THR A 281 -7.52 -5.44 -26.96
N PRO A 282 -6.26 -5.13 -27.27
CA PRO A 282 -5.34 -5.98 -28.05
C PRO A 282 -5.02 -7.26 -27.25
N GLU A 283 -4.47 -8.26 -27.93
CA GLU A 283 -4.08 -9.50 -27.27
C GLU A 283 -3.05 -9.21 -26.16
N VAL A 284 -2.07 -8.39 -26.49
CA VAL A 284 -1.04 -7.96 -25.56
C VAL A 284 -1.25 -6.46 -25.40
N PRO A 285 -1.57 -6.01 -24.19
CA PRO A 285 -1.68 -4.57 -23.92
C PRO A 285 -0.38 -3.80 -24.18
N VAL A 286 -0.50 -2.53 -24.56
CA VAL A 286 0.65 -1.66 -24.71
C VAL A 286 0.61 -0.57 -23.62
N SER A 287 -0.22 -0.80 -22.59
CA SER A 287 -0.45 0.12 -21.50
C SER A 287 -1.14 -0.62 -20.35
N ASN A 288 -1.73 0.12 -19.42
CA ASN A 288 -2.45 -0.49 -18.32
C ASN A 288 -3.84 -0.99 -18.70
N PHE A 290 -6.86 -2.72 -21.53
CA PHE A 290 -7.29 -3.50 -22.66
C PHE A 290 -8.81 -3.68 -22.62
N HIS A 291 -9.40 -4.19 -23.69
CA HIS A 291 -10.79 -4.63 -23.61
C HIS A 291 -10.85 -6.12 -23.47
N LEU A 292 -11.81 -6.58 -22.70
CA LEU A 292 -12.01 -7.98 -22.38
C LEU A 292 -13.33 -8.40 -23.02
N HIS A 293 -13.22 -9.24 -24.04
CA HIS A 293 -14.31 -9.82 -24.84
C HIS A 293 -14.65 -11.28 -24.46
N PHE A 294 -15.94 -11.55 -24.25
CA PHE A 294 -16.48 -12.87 -23.99
C PHE A 294 -17.41 -13.25 -25.15
N ASP A 295 -17.24 -14.44 -25.70
CA ASP A 295 -18.17 -14.99 -26.67
C ASP A 295 -19.51 -15.18 -25.93
N GLY A 296 -20.60 -14.82 -26.58
CA GLY A 296 -21.92 -14.88 -25.97
C GLY A 296 -22.32 -13.47 -25.51
N GLN A 297 -23.56 -13.31 -25.12
CA GLN A 297 -24.11 -12.00 -24.78
C GLN A 297 -24.22 -11.91 -23.26
N ALA A 298 -24.51 -10.71 -22.76
CA ALA A 298 -24.54 -10.47 -21.30
C ALA A 298 -25.50 -11.38 -20.55
N ALA A 299 -26.65 -11.69 -21.17
CA ALA A 299 -27.60 -12.63 -20.60
C ALA A 299 -27.01 -14.05 -20.38
N ASP A 300 -26.04 -14.44 -21.20
CA ASP A 300 -25.27 -15.68 -21.07
C ASP A 300 -24.11 -15.60 -20.07
N ILE A 301 -23.37 -14.50 -20.11
CA ILE A 301 -22.09 -14.35 -19.38
C ILE A 301 -22.26 -13.71 -18.01
N SER A 302 -23.11 -12.69 -17.90
CA SER A 302 -23.31 -12.05 -16.59
C SER A 302 -23.50 -13.07 -15.41
N PRO A 303 -24.39 -14.06 -15.56
CA PRO A 303 -24.60 -15.01 -14.44
C PRO A 303 -23.34 -15.73 -14.00
N LYS A 304 -22.47 -16.06 -14.95
CA LYS A 304 -21.22 -16.76 -14.63
C LYS A 304 -20.34 -15.87 -13.75
N LEU A 305 -20.16 -14.63 -14.21
CA LEU A 305 -19.36 -13.63 -13.53
C LEU A 305 -19.94 -13.30 -12.16
N GLU A 306 -21.27 -13.15 -12.10
CA GLU A 306 -22.00 -12.89 -10.88
C GLU A 306 -21.58 -13.93 -9.83
N GLN A 307 -21.73 -15.21 -10.17
CA GLN A 307 -21.43 -16.30 -9.25
C GLN A 307 -19.97 -16.21 -8.79
N VAL A 308 -19.05 -16.17 -9.76
CA VAL A 308 -17.61 -16.02 -9.49
C VAL A 308 -17.34 -14.90 -8.51
N GLN A 309 -17.93 -13.75 -8.76
CA GLN A 309 -17.68 -12.55 -7.98
C GLN A 309 -18.30 -12.62 -6.58
N GLU A 310 -19.55 -13.09 -6.50
CA GLU A 310 -20.24 -13.27 -5.21
C GLU A 310 -19.39 -14.10 -4.28
N GLU A 311 -18.92 -15.25 -4.79
CA GLU A 311 -18.23 -16.24 -3.99
C GLU A 311 -16.85 -15.80 -3.55
N THR A 312 -16.04 -15.34 -4.51
CA THR A 312 -14.64 -14.94 -4.21
C THR A 312 -14.52 -13.58 -3.54
N GLY A 313 -15.44 -12.65 -3.82
CA GLY A 313 -15.29 -11.28 -3.31
C GLY A 313 -14.20 -10.48 -4.05
N LEU A 314 -13.75 -11.03 -5.18
CA LEU A 314 -12.83 -10.38 -6.15
C LEU A 314 -13.53 -9.88 -7.45
N GLY A 315 -13.49 -8.58 -7.72
CA GLY A 315 -14.08 -7.96 -8.94
C GLY A 315 -13.23 -8.10 -10.20
N PHE A 316 -13.67 -8.93 -11.14
CA PHE A 316 -13.03 -9.05 -12.48
C PHE A 316 -13.67 -8.09 -13.50
N VAL A 317 -14.99 -7.98 -13.43
CA VAL A 317 -15.83 -7.35 -14.46
C VAL A 317 -16.97 -6.62 -13.77
N GLY A 318 -17.06 -5.32 -13.95
CA GLY A 318 -18.10 -4.51 -13.33
C GLY A 318 -19.33 -4.22 -14.16
N TYR A 319 -19.24 -4.45 -15.47
CA TYR A 319 -20.34 -4.20 -16.38
C TYR A 319 -19.97 -4.89 -17.71
N LEU A 320 -20.96 -5.27 -18.52
CA LEU A 320 -20.76 -5.73 -19.89
C LEU A 320 -21.49 -4.83 -20.93
N VAL A 321 -20.96 -4.78 -22.16
CA VAL A 321 -21.59 -4.06 -23.26
C VAL A 321 -21.76 -5.08 -24.36
N ASP A 322 -23.02 -5.38 -24.73
CA ASP A 322 -23.29 -6.37 -25.75
C ASP A 322 -22.90 -5.85 -27.11
N LYS A 323 -22.29 -6.74 -27.89
CA LYS A 323 -21.89 -6.46 -29.26
C LYS A 323 -22.44 -7.62 -30.07
N ASP A 324 -21.90 -7.83 -31.27
CA ASP A 324 -22.41 -8.86 -32.18
CA ASP A 324 -22.37 -8.85 -32.21
C ASP A 324 -21.81 -10.24 -31.85
N GLY A 325 -22.58 -11.06 -31.12
CA GLY A 325 -22.12 -12.39 -30.74
C GLY A 325 -21.09 -12.45 -29.62
N TYR A 326 -20.75 -11.30 -29.05
CA TYR A 326 -19.86 -11.22 -27.89
C TYR A 326 -20.24 -10.01 -27.04
N CYS A 327 -19.70 -9.92 -25.83
CA CYS A 327 -19.90 -8.78 -24.94
C CYS A 327 -18.56 -8.37 -24.38
N SER A 328 -18.46 -7.13 -23.98
CA SER A 328 -17.16 -6.51 -23.75
C SER A 328 -17.14 -5.66 -22.51
N THR A 329 -15.99 -5.59 -21.87
CA THR A 329 -15.76 -4.65 -20.79
C THR A 329 -14.34 -4.11 -20.89
N GLU A 330 -14.12 -2.98 -20.26
CA GLU A 330 -12.81 -2.32 -20.32
C GLU A 330 -12.08 -2.48 -18.97
N ILE A 331 -10.83 -2.93 -19.02
CA ILE A 331 -9.99 -3.09 -17.83
C ILE A 331 -8.91 -2.02 -17.89
N SER A 332 -8.78 -1.21 -16.84
CA SER A 332 -7.63 -0.28 -16.72
C SER A 332 -6.95 -0.57 -15.38
N VAL A 333 -5.68 -0.97 -15.38
CA VAL A 333 -5.01 -1.37 -14.12
C VAL A 333 -4.49 -0.14 -13.36
N GLY A 334 -4.73 -0.17 -12.04
CA GLY A 334 -4.33 0.87 -11.10
C GLY A 334 -3.94 0.26 -9.76
N ASP A 335 -4.14 1.00 -8.67
CA ASP A 335 -3.68 0.59 -7.34
C ASP A 335 -4.42 -0.63 -6.81
N ALA A 336 -5.65 -0.88 -7.27
CA ALA A 336 -6.44 -1.97 -6.74
C ALA A 336 -5.83 -3.36 -6.92
N TYR A 337 -5.34 -3.66 -8.13
CA TYR A 337 -4.75 -4.95 -8.43
C TYR A 337 -3.60 -5.29 -7.48
N GLY A 338 -2.70 -4.34 -7.25
CA GLY A 338 -1.54 -4.56 -6.39
C GLY A 338 -1.86 -4.81 -4.93
N GLU A 339 -3.12 -4.59 -4.53
CA GLU A 339 -3.57 -4.90 -3.17
C GLU A 339 -4.13 -6.34 -3.07
N LEU A 340 -4.18 -7.05 -4.18
CA LEU A 340 -4.57 -8.46 -4.18
C LEU A 340 -3.35 -9.31 -3.98
N ASP A 341 -3.30 -10.06 -2.88
CA ASP A 341 -2.16 -10.93 -2.63
C ASP A 341 -2.20 -12.13 -3.57
N GLN A 342 -1.11 -12.90 -3.60
CA GLN A 342 -1.01 -13.97 -4.58
C GLN A 342 -2.09 -15.05 -4.42
N GLN A 343 -2.40 -15.38 -3.17
CA GLN A 343 -3.40 -16.40 -2.87
CA GLN A 343 -3.42 -16.40 -2.87
C GLN A 343 -4.79 -15.87 -3.29
N THR A 344 -5.06 -14.60 -3.02
CA THR A 344 -6.30 -13.96 -3.46
C THR A 344 -6.40 -13.94 -5.00
N ARG A 345 -5.32 -13.70 -5.73
CA ARG A 345 -5.38 -13.77 -7.21
C ARG A 345 -5.59 -15.19 -7.66
N ASP A 346 -4.79 -16.09 -7.11
CA ASP A 346 -4.84 -17.50 -7.50
C ASP A 346 -6.20 -18.14 -7.26
N ALA A 347 -6.81 -17.88 -6.11
CA ALA A 347 -8.17 -18.42 -5.81
C ALA A 347 -9.30 -17.82 -6.71
N GLY A 348 -9.24 -16.52 -6.98
CA GLY A 348 -10.19 -15.88 -7.90
C GLY A 348 -10.12 -16.51 -9.27
N PHE A 349 -8.90 -16.55 -9.81
CA PHE A 349 -8.68 -17.03 -11.14
C PHE A 349 -9.00 -18.51 -11.32
N ALA A 350 -8.81 -19.33 -10.29
CA ALA A 350 -9.24 -20.75 -10.38
C ALA A 350 -10.77 -20.82 -10.46
N ARG A 351 -11.43 -20.01 -9.63
CA ARG A 351 -12.88 -19.95 -9.65
C ARG A 351 -13.43 -19.41 -10.98
N LEU A 352 -12.76 -18.41 -11.52
CA LEU A 352 -13.08 -17.88 -12.83
C LEU A 352 -12.82 -18.95 -13.89
N ARG A 353 -11.69 -19.66 -13.78
CA ARG A 353 -11.39 -20.79 -14.68
C ARG A 353 -12.48 -21.87 -14.65
N GLN A 354 -13.02 -22.16 -13.47
CA GLN A 354 -14.16 -23.09 -13.34
C GLN A 354 -15.42 -22.62 -14.11
N ALA A 355 -15.65 -21.31 -14.21
CA ALA A 355 -16.78 -20.76 -14.98
C ALA A 355 -16.63 -20.82 -16.49
N PHE A 356 -15.41 -20.81 -17.00
CA PHE A 356 -15.17 -20.70 -18.45
C PHE A 356 -14.33 -21.84 -19.06
N ASN B 3 -0.11 45.52 -5.20
CA ASN B 3 -0.95 46.73 -4.93
C ASN B 3 -1.06 46.98 -3.40
N ARG B 4 -0.74 48.21 -2.99
CA ARG B 4 -0.58 48.57 -1.57
C ARG B 4 -1.88 48.57 -0.74
N LEU B 5 -2.99 48.95 -1.36
CA LEU B 5 -4.27 49.02 -0.68
C LEU B 5 -4.73 47.61 -0.42
N ARG B 6 -4.68 46.80 -1.47
CA ARG B 6 -5.07 45.38 -1.41
C ARG B 6 -4.32 44.71 -0.25
N THR B 7 -3.00 44.89 -0.25
CA THR B 7 -2.11 44.44 0.84
C THR B 7 -2.61 44.87 2.21
N SER B 8 -2.68 46.19 2.44
CA SER B 8 -3.21 46.72 3.70
C SER B 8 -4.51 45.99 4.14
N PHE B 9 -5.38 45.69 3.17
CA PHE B 9 -6.65 45.01 3.43
C PHE B 9 -6.46 43.52 3.77
N GLN B 10 -5.67 42.84 2.95
CA GLN B 10 -5.35 41.43 3.14
C GLN B 10 -4.66 41.17 4.47
N GLN B 11 -3.89 42.15 4.95
CA GLN B 11 -3.11 41.99 6.17
C GLN B 11 -3.87 42.35 7.44
N THR B 12 -5.14 42.72 7.31
CA THR B 12 -5.97 42.99 8.48
C THR B 12 -6.41 41.67 9.13
N THR B 13 -6.72 41.76 10.41
CA THR B 13 -7.15 40.63 11.22
C THR B 13 -8.69 40.63 11.39
N GLY B 14 -9.38 41.57 10.74
CA GLY B 14 -10.85 41.62 10.70
C GLY B 14 -11.30 42.55 9.59
N GLN B 15 -12.48 42.34 9.05
CA GLN B 15 -12.98 43.20 7.99
C GLN B 15 -14.47 43.46 8.18
N ILE B 16 -14.97 44.54 7.58
CA ILE B 16 -16.41 44.80 7.58
C ILE B 16 -17.07 44.09 6.40
N SER B 17 -16.30 43.70 5.40
CA SER B 17 -16.82 43.11 4.18
C SER B 17 -16.42 41.65 4.04
N GLY B 18 -17.29 40.88 3.40
CA GLY B 18 -17.00 39.50 3.04
C GLY B 18 -17.16 38.55 4.22
N HIS B 19 -16.66 37.35 4.03
CA HIS B 19 -16.79 36.24 5.01
C HIS B 19 -15.43 35.89 5.63
N GLY B 20 -14.36 36.52 5.19
CA GLY B 20 -13.00 36.24 5.67
C GLY B 20 -12.13 35.72 4.55
N LYS B 21 -10.95 35.19 4.85
CA LYS B 21 -10.01 34.80 3.80
C LYS B 21 -10.50 33.65 2.92
N ARG B 22 -10.33 33.79 1.60
CA ARG B 22 -10.67 32.76 0.60
C ARG B 22 -9.48 31.82 0.51
N ASN B 23 -9.53 30.76 1.32
CA ASN B 23 -8.41 29.84 1.43
C ASN B 23 -8.93 28.40 1.45
N VAL B 24 -7.99 27.47 1.49
CA VAL B 24 -8.27 26.05 1.46
C VAL B 24 -9.15 25.61 2.64
N GLY B 25 -8.97 26.28 3.77
CA GLY B 25 -9.74 25.98 4.98
C GLY B 25 -11.23 25.91 4.73
N VAL B 26 -11.70 26.80 3.86
CA VAL B 26 -13.10 26.85 3.47
C VAL B 26 -13.59 25.49 2.90
N LEU B 27 -12.72 24.76 2.20
CA LEU B 27 -13.07 23.44 1.67
C LEU B 27 -13.01 22.41 2.79
N LYS B 28 -11.92 22.41 3.54
CA LYS B 28 -11.73 21.48 4.63
C LYS B 28 -12.77 21.66 5.71
N THR B 29 -13.16 22.89 6.03
CA THR B 29 -14.26 23.09 6.98
C THR B 29 -15.54 22.41 6.49
N ALA B 30 -15.88 22.56 5.21
CA ALA B 30 -17.11 21.96 4.65
C ALA B 30 -17.12 20.41 4.62
N PHE B 31 -15.94 19.80 4.52
CA PHE B 31 -15.79 18.36 4.42
C PHE B 31 -15.50 17.68 5.80
N ALA B 32 -15.26 18.46 6.87
CA ALA B 32 -14.77 17.88 8.15
C ALA B 32 -15.65 16.75 8.63
N ALA B 33 -16.96 16.91 8.44
CA ALA B 33 -17.98 15.94 8.88
C ALA B 33 -18.54 15.01 7.79
N VAL B 34 -17.99 15.01 6.57
CA VAL B 34 -18.46 14.05 5.56
C VAL B 34 -17.56 12.84 5.61
N ALA B 35 -18.17 11.67 5.77
CA ALA B 35 -17.43 10.39 5.78
C ALA B 35 -16.65 10.23 4.49
N ASP B 36 -15.41 9.74 4.61
CA ASP B 36 -14.57 9.34 3.47
C ASP B 36 -15.29 8.40 2.48
N GLU B 37 -16.18 7.55 2.98
CA GLU B 37 -16.80 6.49 2.15
C GLU B 37 -17.97 6.98 1.30
N ALA B 39 -20.12 8.08 -1.54
CA ALA B 39 -20.00 7.94 -2.97
C ALA B 39 -19.95 9.31 -3.66
N SER B 40 -19.07 9.46 -4.65
CA SER B 40 -19.06 10.61 -5.55
C SER B 40 -20.33 10.63 -6.39
N ASP B 41 -20.71 11.80 -6.85
CA ASP B 41 -21.61 11.87 -8.02
C ASP B 41 -20.91 11.23 -9.19
N GLN B 42 -21.64 11.02 -10.30
CA GLN B 42 -21.10 10.52 -11.56
C GLN B 42 -21.74 11.17 -12.81
N TYR B 43 -21.00 12.06 -13.46
CA TYR B 43 -21.45 12.73 -14.65
C TYR B 43 -22.89 13.20 -14.54
N GLY B 44 -23.18 14.07 -13.56
CA GLY B 44 -24.49 14.71 -13.48
C GLY B 44 -25.59 13.98 -12.75
N THR B 45 -25.36 12.70 -12.44
CA THR B 45 -26.33 11.88 -11.75
C THR B 45 -25.71 11.13 -10.56
N GLY B 46 -26.58 10.45 -9.81
CA GLY B 46 -26.21 9.60 -8.70
C GLY B 46 -26.10 10.29 -7.36
N ALA B 47 -25.22 9.76 -6.54
CA ALA B 47 -25.01 10.25 -5.16
C ALA B 47 -24.62 11.74 -5.13
N ILE B 48 -25.18 12.45 -4.15
CA ILE B 48 -24.79 13.81 -3.79
C ILE B 48 -25.49 14.85 -4.66
N ILE B 49 -25.36 14.71 -5.97
CA ILE B 49 -25.88 15.64 -6.92
C ILE B 49 -27.39 15.59 -7.02
N GLU B 50 -27.97 14.38 -7.12
CA GLU B 50 -29.42 14.28 -7.25
C GLU B 50 -30.19 14.86 -6.06
N PRO B 51 -29.80 14.52 -4.80
CA PRO B 51 -30.42 15.10 -3.61
C PRO B 51 -30.26 16.61 -3.52
N PHE B 52 -29.10 17.11 -3.94
CA PHE B 52 -28.90 18.53 -4.00
C PHE B 52 -29.81 19.23 -5.00
N GLU B 53 -29.90 18.71 -6.21
CA GLU B 53 -30.79 19.26 -7.23
C GLU B 53 -32.26 19.24 -6.80
N GLN B 54 -32.70 18.14 -6.20
CA GLN B 54 -34.08 18.02 -5.74
C GLN B 54 -34.35 19.03 -4.62
N LYS B 55 -33.40 19.15 -3.69
CA LYS B 55 -33.45 20.12 -2.62
C LYS B 55 -33.64 21.53 -3.18
N PHE B 56 -32.83 21.90 -4.18
CA PHE B 56 -32.95 23.25 -4.70
C PHE B 56 -34.11 23.51 -5.68
N ALA B 57 -34.60 22.48 -6.41
CA ALA B 57 -35.90 22.56 -7.08
C ALA B 57 -37.00 22.93 -6.06
N ASP B 58 -37.02 22.26 -4.90
CA ASP B 58 -38.05 22.53 -3.88
C ASP B 58 -37.93 23.92 -3.30
N VAL B 59 -36.71 24.30 -2.92
CA VAL B 59 -36.41 25.64 -2.41
C VAL B 59 -36.90 26.72 -3.40
N LEU B 60 -36.63 26.55 -4.68
CA LEU B 60 -37.04 27.53 -5.70
C LEU B 60 -38.49 27.33 -6.26
N GLY B 61 -39.17 26.28 -5.78
CA GLY B 61 -40.51 25.91 -6.25
C GLY B 61 -40.61 25.54 -7.71
N ASP B 63 -39.85 22.68 -11.13
CA ASP B 63 -39.95 21.28 -11.47
C ASP B 63 -38.68 20.50 -11.21
N ASP B 64 -37.54 21.08 -11.57
CA ASP B 64 -36.25 20.36 -11.48
C ASP B 64 -35.17 21.46 -11.32
N ALA B 65 -33.95 21.04 -11.06
CA ALA B 65 -32.81 21.94 -10.98
C ALA B 65 -31.55 21.16 -11.40
N VAL B 66 -30.54 21.90 -11.87
CA VAL B 66 -29.34 21.31 -12.41
C VAL B 66 -28.15 22.04 -11.85
N PHE B 67 -27.23 21.29 -11.24
CA PHE B 67 -26.02 21.87 -10.74
C PHE B 67 -25.00 22.18 -11.83
N PHE B 68 -24.55 23.42 -11.87
CA PHE B 68 -23.53 23.85 -12.85
C PHE B 68 -22.27 24.24 -12.10
N PRO B 69 -21.09 24.01 -12.74
CA PRO B 69 -19.83 24.55 -12.17
C PRO B 69 -19.83 26.06 -12.03
N SER B 70 -20.60 26.76 -12.88
CA SER B 70 -20.68 28.23 -12.83
C SER B 70 -21.98 28.82 -13.31
N GLY B 71 -22.21 30.05 -12.91
CA GLY B 71 -23.31 30.83 -13.44
C GLY B 71 -23.07 31.33 -14.84
N THR B 72 -21.82 31.51 -15.20
CA THR B 72 -21.48 31.91 -16.56
C THR B 72 -22.06 30.89 -17.55
N ALA B 74 -24.29 28.38 -16.71
CA ALA B 74 -25.72 28.11 -16.46
C ALA B 74 -26.59 29.03 -17.27
N GLN B 75 -26.24 30.30 -17.22
CA GLN B 75 -27.17 31.33 -17.70
C GLN B 75 -27.16 31.42 -19.19
N GLN B 76 -25.98 31.26 -19.78
CA GLN B 76 -25.87 31.15 -21.22
C GLN B 76 -26.74 30.02 -21.78
N VAL B 77 -26.66 28.88 -21.08
CA VAL B 77 -27.44 27.71 -21.43
C VAL B 77 -28.95 27.96 -21.32
N ALA B 78 -29.37 28.61 -20.25
CA ALA B 78 -30.76 28.98 -20.07
C ALA B 78 -31.25 29.91 -21.20
N LEU B 79 -30.46 30.90 -21.58
CA LEU B 79 -30.88 31.82 -22.64
C LEU B 79 -31.05 31.11 -23.98
N ARG B 80 -30.14 30.18 -24.27
CA ARG B 80 -30.21 29.41 -25.53
C ARG B 80 -31.40 28.49 -25.60
N ILE B 81 -31.74 27.84 -24.50
CA ILE B 81 -32.87 26.91 -24.48
C ILE B 81 -34.16 27.68 -24.76
N TRP B 82 -34.33 28.81 -24.06
CA TRP B 82 -35.45 29.68 -24.36
C TRP B 82 -35.40 30.26 -25.80
N SER B 83 -34.24 30.64 -26.32
CA SER B 83 -34.16 31.12 -27.71
C SER B 83 -34.61 30.02 -28.69
N ASP B 84 -34.11 28.81 -28.48
CA ASP B 84 -34.63 27.64 -29.18
C ASP B 84 -36.12 27.33 -29.01
N GLU B 85 -36.61 27.31 -27.78
CA GLU B 85 -38.01 27.00 -27.55
C GLU B 85 -38.95 28.03 -28.19
N THR B 86 -38.48 29.25 -28.35
CA THR B 86 -39.32 30.33 -28.86
C THR B 86 -39.10 30.67 -30.33
N ASP B 87 -38.16 30.01 -31.02
CA ASP B 87 -37.60 30.46 -32.34
C ASP B 87 -37.43 31.96 -32.38
N ASN B 88 -36.62 32.46 -31.48
CA ASN B 88 -36.35 33.85 -31.48
C ASN B 88 -34.91 34.01 -31.02
N ARG B 89 -34.11 34.69 -31.82
CA ARG B 89 -32.65 34.77 -31.57
C ARG B 89 -32.18 36.01 -30.82
N THR B 90 -33.11 36.81 -30.28
CA THR B 90 -32.76 38.00 -29.52
C THR B 90 -33.21 37.81 -28.06
N VAL B 91 -32.33 38.22 -27.13
CA VAL B 91 -32.68 38.36 -25.71
C VAL B 91 -32.36 39.79 -25.24
N ALA B 92 -32.88 40.13 -24.08
CA ALA B 92 -32.79 41.48 -23.53
C ALA B 92 -32.43 41.46 -22.04
N TYR B 93 -31.68 42.47 -21.60
CA TYR B 93 -31.34 42.62 -20.19
C TYR B 93 -30.71 43.99 -19.95
N HIS B 94 -30.33 44.26 -18.71
CA HIS B 94 -29.72 45.54 -18.37
C HIS B 94 -28.34 45.63 -19.04
N PRO B 95 -27.86 46.87 -19.37
CA PRO B 95 -26.54 47.08 -19.96
C PRO B 95 -25.33 46.54 -19.21
N LEU B 96 -25.41 46.40 -17.89
CA LEU B 96 -24.32 45.86 -17.10
C LEU B 96 -24.62 44.45 -16.59
N CYS B 97 -25.56 43.79 -17.26
CA CYS B 97 -25.76 42.34 -17.10
C CYS B 97 -24.42 41.59 -17.17
N HIS B 98 -24.28 40.59 -16.30
CA HIS B 98 -23.03 39.86 -16.19
C HIS B 98 -22.64 39.17 -17.50
N LEU B 99 -23.63 38.76 -18.28
CA LEU B 99 -23.39 38.14 -19.59
C LEU B 99 -22.86 39.15 -20.60
N GLU B 100 -23.22 40.41 -20.41
CA GLU B 100 -22.75 41.47 -21.32
C GLU B 100 -21.32 41.95 -21.10
N ILE B 101 -20.89 42.01 -19.84
CA ILE B 101 -19.65 42.64 -19.50
C ILE B 101 -18.57 41.79 -18.81
N HIS B 102 -18.92 40.62 -18.29
CA HIS B 102 -17.97 39.85 -17.47
C HIS B 102 -17.67 38.42 -17.94
N GLU B 103 -18.00 38.10 -19.18
CA GLU B 103 -17.86 36.75 -19.69
C GLU B 103 -17.16 36.68 -21.03
N GLN B 104 -16.42 37.74 -21.41
CA GLN B 104 -15.71 37.78 -22.72
C GLN B 104 -16.61 37.53 -23.93
N ASP B 105 -17.84 38.00 -23.83
CA ASP B 105 -18.86 37.85 -24.87
C ASP B 105 -19.23 36.41 -25.16
N GLY B 106 -19.09 35.53 -24.17
CA GLY B 106 -19.46 34.12 -24.33
C GLY B 106 -20.80 33.85 -25.00
N LEU B 107 -21.87 34.41 -24.45
CA LEU B 107 -23.22 34.15 -25.03
C LEU B 107 -23.23 34.34 -26.56
N LYS B 108 -22.62 35.42 -27.02
CA LYS B 108 -22.69 35.80 -28.44
C LYS B 108 -21.62 35.08 -29.24
N GLU B 109 -20.56 34.62 -28.58
CA GLU B 109 -19.49 33.93 -29.29
C GLU B 109 -19.81 32.47 -29.47
N LEU B 110 -20.53 31.89 -28.51
CA LEU B 110 -20.90 30.49 -28.55
C LEU B 110 -22.32 30.18 -29.11
N HIS B 111 -23.12 31.20 -29.34
CA HIS B 111 -24.49 31.01 -29.76
C HIS B 111 -24.87 32.12 -30.77
N PRO B 112 -25.78 31.83 -31.73
CA PRO B 112 -26.21 32.79 -32.74
C PRO B 112 -27.26 33.72 -32.14
N ILE B 113 -26.86 34.40 -31.08
CA ILE B 113 -27.78 35.20 -30.28
C ILE B 113 -27.30 36.65 -30.28
N GLU B 114 -28.28 37.53 -30.21
CA GLU B 114 -28.09 38.94 -30.22
C GLU B 114 -28.78 39.49 -28.97
N THR B 115 -28.20 40.53 -28.41
CA THR B 115 -28.70 41.11 -27.16
C THR B 115 -29.14 42.55 -27.35
N ILE B 116 -30.27 42.90 -26.72
CA ILE B 116 -30.75 44.25 -26.61
C ILE B 116 -30.57 44.66 -25.17
N LEU B 117 -30.08 45.88 -24.98
CA LEU B 117 -29.80 46.41 -23.68
C LEU B 117 -30.95 47.31 -23.27
N VAL B 118 -31.53 47.06 -22.11
CA VAL B 118 -32.79 47.72 -21.73
C VAL B 118 -32.57 48.79 -20.68
N GLY B 119 -32.68 50.06 -21.10
CA GLY B 119 -32.60 51.20 -20.20
C GLY B 119 -31.32 52.01 -20.30
N ALA B 120 -30.72 52.29 -19.16
CA ALA B 120 -29.51 53.06 -19.12
C ALA B 120 -28.65 52.38 -18.08
N ALA B 121 -27.36 52.31 -18.37
CA ALA B 121 -26.39 51.69 -17.47
C ALA B 121 -26.51 52.06 -15.99
N ASP B 122 -26.93 53.28 -15.68
CA ASP B 122 -26.77 53.84 -14.34
C ASP B 122 -28.02 53.70 -13.48
N ARG B 123 -29.02 52.95 -13.97
CA ARG B 123 -30.29 52.74 -13.24
C ARG B 123 -31.03 51.48 -13.69
N LEU B 124 -32.06 51.14 -12.90
CA LEU B 124 -32.98 50.10 -13.24
C LEU B 124 -33.74 50.53 -14.47
N THR B 126 -37.10 50.52 -16.79
CA THR B 126 -38.48 50.81 -16.46
C THR B 126 -39.43 49.84 -17.16
N LEU B 127 -40.66 49.81 -16.67
CA LEU B 127 -41.69 48.96 -17.24
C LEU B 127 -42.07 49.41 -18.65
N ASP B 128 -42.08 50.71 -18.92
CA ASP B 128 -42.33 51.20 -20.27
C ASP B 128 -41.22 50.75 -21.22
N GLU B 129 -39.98 50.70 -20.73
CA GLU B 129 -38.88 50.24 -21.56
C GLU B 129 -39.02 48.75 -21.88
N ILE B 130 -39.52 47.98 -20.93
CA ILE B 130 -39.77 46.58 -21.15
C ILE B 130 -40.87 46.49 -22.21
N LYS B 131 -41.92 47.30 -22.05
CA LYS B 131 -43.05 47.35 -22.99
C LYS B 131 -42.68 47.80 -24.42
N ALA B 132 -41.68 48.66 -24.57
CA ALA B 132 -41.10 49.00 -25.89
C ALA B 132 -40.23 47.93 -26.55
N LEU B 133 -39.97 46.80 -25.89
CA LEU B 133 -39.10 45.75 -26.46
C LEU B 133 -39.80 44.97 -27.58
N PRO B 134 -39.13 44.80 -28.74
CA PRO B 134 -39.65 43.86 -29.74
C PRO B 134 -39.83 42.41 -29.27
N ASP B 135 -40.38 41.56 -30.12
CA ASP B 135 -40.54 40.17 -29.75
C ASP B 135 -39.13 39.62 -29.49
N ILE B 136 -38.99 38.93 -28.37
CA ILE B 136 -37.70 38.41 -27.96
C ILE B 136 -38.00 37.04 -27.37
N ALA B 137 -36.99 36.17 -27.35
CA ALA B 137 -37.02 34.93 -26.59
C ALA B 137 -37.06 35.18 -25.10
N CYS B 138 -36.18 36.04 -24.58
CA CYS B 138 -35.99 36.12 -23.11
C CYS B 138 -35.52 37.49 -22.57
N LEU B 139 -36.18 37.95 -21.51
CA LEU B 139 -35.74 39.05 -20.69
C LEU B 139 -35.13 38.44 -19.42
N LEU B 140 -33.91 38.86 -19.10
CA LEU B 140 -33.21 38.47 -17.87
C LEU B 140 -33.23 39.63 -16.90
N LEU B 141 -33.67 39.35 -15.67
CA LEU B 141 -33.70 40.33 -14.62
C LEU B 141 -32.68 39.89 -13.58
N GLU B 142 -31.90 40.85 -13.11
CA GLU B 142 -30.98 40.62 -12.00
C GLU B 142 -31.48 41.26 -10.69
N LEU B 143 -31.66 40.47 -9.65
CA LEU B 143 -32.10 41.00 -8.37
C LEU B 143 -30.96 40.86 -7.37
N PRO B 144 -30.40 41.98 -6.85
CA PRO B 144 -30.55 43.37 -7.27
C PRO B 144 -29.60 43.64 -8.42
N GLN B 145 -29.67 44.82 -9.02
CA GLN B 145 -28.64 45.22 -10.00
C GLN B 145 -27.32 45.61 -9.30
N ARG B 146 -26.40 44.64 -9.25
CA ARG B 146 -25.18 44.76 -8.47
C ARG B 146 -24.22 45.88 -8.90
N GLU B 147 -24.09 46.05 -10.21
CA GLU B 147 -23.14 46.99 -10.79
C GLU B 147 -23.55 48.44 -10.54
N ILE B 148 -24.77 48.70 -10.11
CA ILE B 148 -25.14 50.07 -9.71
C ILE B 148 -25.41 50.21 -8.23
N GLY B 149 -24.85 49.29 -7.45
CA GLY B 149 -24.91 49.33 -5.99
C GLY B 149 -25.87 48.39 -5.31
N GLY B 150 -26.74 47.74 -6.06
CA GLY B 150 -27.66 46.76 -5.50
C GLY B 150 -28.97 47.46 -5.24
N VAL B 151 -29.64 47.78 -6.35
CA VAL B 151 -30.93 48.47 -6.35
C VAL B 151 -31.88 47.41 -6.95
N ALA B 152 -33.17 47.42 -6.61
CA ALA B 152 -34.11 46.42 -7.13
C ALA B 152 -35.52 46.96 -7.13
N PRO B 153 -36.39 46.47 -8.02
CA PRO B 153 -37.77 46.90 -8.11
C PRO B 153 -38.60 46.29 -7.02
N ALA B 154 -39.63 47.03 -6.59
CA ALA B 154 -40.56 46.52 -5.58
C ALA B 154 -41.17 45.23 -6.10
N PHE B 155 -41.55 44.34 -5.18
CA PHE B 155 -42.17 43.06 -5.55
C PHE B 155 -43.41 43.26 -6.46
N SER B 156 -44.20 44.32 -6.23
CA SER B 156 -45.40 44.58 -7.02
C SER B 156 -45.00 44.79 -8.47
N GLU B 157 -43.83 45.39 -8.66
CA GLU B 157 -43.33 45.65 -10.00
C GLU B 157 -42.86 44.37 -10.67
N LEU B 158 -42.15 43.50 -9.92
CA LEU B 158 -41.77 42.17 -10.43
C LEU B 158 -43.01 41.41 -10.87
N GLU B 159 -44.08 41.47 -10.07
CA GLU B 159 -45.35 40.81 -10.44
C GLU B 159 -45.90 41.30 -11.76
N THR B 160 -45.97 42.62 -11.91
CA THR B 160 -46.49 43.27 -13.13
C THR B 160 -45.72 42.76 -14.35
N ILE B 161 -44.40 42.84 -14.24
CA ILE B 161 -43.49 42.41 -15.28
C ILE B 161 -43.60 40.95 -15.63
N SER B 162 -43.85 40.08 -14.65
CA SER B 162 -43.97 38.65 -14.91
C SER B 162 -45.25 38.32 -15.65
N ARG B 163 -46.35 38.94 -15.22
CA ARG B 163 -47.64 38.83 -15.91
C ARG B 163 -47.59 39.46 -17.32
N TYR B 164 -46.76 40.48 -17.50
CA TYR B 164 -46.64 41.09 -18.83
C TYR B 164 -45.90 40.13 -19.77
N CYS B 165 -44.77 39.57 -19.32
CA CYS B 165 -43.98 38.70 -20.19
C CYS B 165 -44.71 37.37 -20.47
N ARG B 166 -45.55 36.92 -19.54
CA ARG B 166 -46.45 35.77 -19.74
C ARG B 166 -47.44 36.07 -20.87
N GLU B 167 -47.91 37.33 -20.91
CA GLU B 167 -48.83 37.87 -21.94
C GLU B 167 -48.21 37.87 -23.34
N ARG B 168 -46.93 38.20 -23.43
CA ARG B 168 -46.28 38.36 -24.71
C ARG B 168 -45.46 37.16 -25.14
N GLY B 169 -45.52 36.09 -24.36
CA GLY B 169 -44.76 34.87 -24.64
C GLY B 169 -43.26 35.05 -24.49
N ILE B 170 -42.85 36.03 -23.69
CA ILE B 170 -41.43 36.29 -23.40
C ILE B 170 -41.11 35.47 -22.17
N ARG B 171 -40.09 34.63 -22.27
CA ARG B 171 -39.60 33.88 -21.14
C ARG B 171 -38.81 34.81 -20.24
N LEU B 172 -39.01 34.65 -18.94
CA LEU B 172 -38.39 35.52 -17.97
C LEU B 172 -37.50 34.68 -17.06
N HIS B 173 -36.26 35.13 -16.98
CA HIS B 173 -35.19 34.42 -16.31
C HIS B 173 -34.59 35.34 -15.30
N LEU B 174 -34.37 34.81 -14.11
CA LEU B 174 -33.75 35.54 -13.01
C LEU B 174 -32.28 35.16 -12.84
N ASP B 175 -31.40 36.13 -13.09
CA ASP B 175 -30.03 36.08 -12.53
C ASP B 175 -30.17 36.34 -11.02
N GLY B 176 -30.16 35.26 -10.25
CA GLY B 176 -30.30 35.30 -8.80
C GLY B 176 -29.04 34.93 -8.06
N ALA B 177 -27.90 35.29 -8.65
CA ALA B 177 -26.61 35.24 -7.98
C ALA B 177 -26.70 35.76 -6.54
N ARG B 178 -27.56 36.74 -6.32
CA ARG B 178 -27.70 37.37 -4.99
C ARG B 178 -29.11 37.31 -4.46
N LEU B 179 -29.88 36.30 -4.93
CA LEU B 179 -31.29 36.19 -4.59
C LEU B 179 -31.50 36.15 -3.09
N PHE B 180 -30.68 35.35 -2.38
CA PHE B 180 -30.91 35.13 -0.93
C PHE B 180 -30.74 36.41 -0.14
N GLU B 181 -29.77 37.23 -0.56
CA GLU B 181 -29.46 38.51 0.08
C GLU B 181 -30.62 39.51 0.05
N LEU B 183 -34.03 38.50 0.13
CA LEU B 183 -35.28 38.00 0.72
C LEU B 183 -35.71 38.83 1.95
N PRO B 184 -34.75 39.15 2.83
CA PRO B 184 -35.09 40.03 3.94
C PRO B 184 -35.86 41.27 3.50
N TYR B 185 -35.32 42.02 2.54
CA TYR B 185 -35.98 43.22 2.07
C TYR B 185 -37.35 42.84 1.56
N TYR B 186 -37.40 41.93 0.57
CA TYR B 186 -38.70 41.52 0.03
C TYR B 186 -39.69 40.94 1.05
N GLU B 187 -39.19 40.38 2.14
CA GLU B 187 -40.08 39.71 3.12
C GLU B 187 -40.81 38.57 2.35
N LYS B 188 -40.11 37.94 1.40
CA LYS B 188 -40.63 36.82 0.58
C LYS B 188 -39.70 35.64 0.68
N THR B 189 -40.24 34.44 0.46
CA THR B 189 -39.39 33.27 0.23
C THR B 189 -38.67 33.35 -1.13
N ALA B 190 -37.64 32.51 -1.26
CA ALA B 190 -37.03 32.23 -2.55
C ALA B 190 -38.08 31.69 -3.53
N ALA B 191 -38.96 30.81 -3.06
CA ALA B 191 -40.02 30.25 -3.91
C ALA B 191 -40.97 31.35 -4.42
N GLU B 192 -41.30 32.33 -3.58
CA GLU B 192 -42.26 33.37 -3.96
C GLU B 192 -41.64 34.27 -5.02
N ILE B 193 -40.37 34.62 -4.88
CA ILE B 193 -39.65 35.42 -5.89
C ILE B 193 -39.48 34.60 -7.20
N ALA B 194 -38.91 33.40 -7.09
CA ALA B 194 -38.64 32.50 -8.22
C ALA B 194 -39.88 32.15 -9.03
N GLY B 195 -41.02 32.09 -8.36
CA GLY B 195 -42.28 31.73 -8.99
C GLY B 195 -42.79 32.76 -9.99
N LEU B 196 -42.21 33.95 -10.03
CA LEU B 196 -42.52 34.94 -11.08
C LEU B 196 -41.71 34.75 -12.36
N PHE B 197 -40.85 33.74 -12.39
CA PHE B 197 -39.93 33.55 -13.50
C PHE B 197 -40.08 32.16 -14.15
N ASP B 198 -39.64 32.04 -15.39
CA ASP B 198 -39.56 30.76 -16.06
C ASP B 198 -38.37 29.91 -15.64
N SER B 199 -37.19 30.54 -15.55
CA SER B 199 -35.99 29.84 -15.06
C SER B 199 -35.29 30.70 -14.00
N ILE B 200 -34.45 30.06 -13.20
CA ILE B 200 -33.72 30.77 -12.14
C ILE B 200 -32.32 30.20 -11.98
N TYR B 201 -31.36 31.10 -11.91
CA TYR B 201 -30.00 30.80 -11.56
C TYR B 201 -29.73 31.36 -10.18
N ILE B 202 -29.14 30.54 -9.30
CA ILE B 202 -28.62 31.01 -8.00
C ILE B 202 -27.17 30.62 -7.87
N SER B 203 -26.43 31.33 -7.02
CA SER B 203 -25.00 31.08 -6.82
C SER B 203 -24.74 30.58 -5.42
N PHE B 204 -23.66 29.79 -5.27
CA PHE B 204 -23.22 29.32 -3.96
C PHE B 204 -21.92 29.93 -3.48
N TYR B 205 -21.42 30.94 -4.20
CA TYR B 205 -20.22 31.64 -3.73
C TYR B 205 -20.38 33.15 -3.46
N GLY B 207 -23.39 35.59 -1.58
CA GLY B 207 -23.84 35.86 -0.21
C GLY B 207 -23.65 34.66 0.71
N LEU B 208 -23.87 33.46 0.18
CA LEU B 208 -23.68 32.23 0.96
C LEU B 208 -22.21 31.90 1.26
N GLY B 209 -21.28 32.39 0.43
CA GLY B 209 -19.86 32.23 0.71
C GLY B 209 -19.21 30.86 0.59
N GLY B 210 -19.76 30.01 -0.27
CA GLY B 210 -19.11 28.78 -0.59
C GLY B 210 -18.00 29.04 -1.58
N ILE B 211 -17.61 28.00 -2.30
CA ILE B 211 -16.40 28.04 -3.07
C ILE B 211 -16.71 28.39 -4.52
N ALA B 212 -17.68 27.68 -5.10
CA ALA B 212 -18.04 27.84 -6.52
C ALA B 212 -19.30 27.03 -6.74
N GLY B 213 -19.94 27.22 -7.90
CA GLY B 213 -21.10 26.42 -8.27
C GLY B 213 -22.41 27.19 -8.33
N ALA B 214 -23.37 26.59 -9.00
CA ALA B 214 -24.57 27.29 -9.37
C ALA B 214 -25.68 26.28 -9.51
N ILE B 215 -26.93 26.72 -9.32
CA ILE B 215 -28.07 25.90 -9.67
C ILE B 215 -28.83 26.65 -10.76
N LEU B 216 -29.28 25.93 -11.80
CA LEU B 216 -30.27 26.45 -12.76
C LEU B 216 -31.54 25.62 -12.57
N ALA B 217 -32.65 26.28 -12.25
CA ALA B 217 -33.92 25.61 -11.94
C ALA B 217 -34.98 26.08 -12.94
N GLY B 218 -35.98 25.24 -13.18
CA GLY B 218 -36.99 25.51 -14.19
C GLY B 218 -37.83 24.27 -14.48
N PRO B 219 -38.60 24.30 -15.59
CA PRO B 219 -39.46 23.17 -15.90
C PRO B 219 -38.66 21.94 -16.24
N ALA B 220 -39.29 20.79 -16.04
CA ALA B 220 -38.64 19.52 -16.19
C ALA B 220 -37.98 19.42 -17.59
N ALA B 221 -38.71 19.80 -18.63
CA ALA B 221 -38.19 19.75 -20.01
C ALA B 221 -36.95 20.63 -20.15
N PHE B 222 -37.10 21.88 -19.71
CA PHE B 222 -36.04 22.86 -19.73
C PHE B 222 -34.77 22.29 -19.08
N CYS B 223 -34.88 21.74 -17.88
CA CYS B 223 -33.72 21.13 -17.20
C CYS B 223 -33.12 19.92 -17.91
N GLN B 224 -33.94 19.07 -18.52
CA GLN B 224 -33.38 17.96 -19.35
C GLN B 224 -32.45 18.46 -20.46
N THR B 225 -32.92 19.45 -21.20
CA THR B 225 -32.11 20.09 -22.23
C THR B 225 -30.90 20.82 -21.66
N ALA B 226 -31.09 21.42 -20.51
CA ALA B 226 -29.94 22.08 -19.87
C ALA B 226 -28.87 21.06 -19.47
N ARG B 227 -29.23 19.85 -19.08
CA ARG B 227 -28.23 18.83 -18.85
C ARG B 227 -27.49 18.40 -20.13
N ILE B 228 -28.13 18.49 -21.30
CA ILE B 228 -27.41 18.18 -22.53
C ILE B 228 -26.36 19.25 -22.83
N TRP B 229 -26.73 20.51 -22.67
CA TRP B 229 -25.79 21.60 -22.92
C TRP B 229 -24.67 21.59 -21.94
N LYS B 230 -24.93 21.24 -20.67
CA LYS B 230 -23.87 21.07 -19.67
C LYS B 230 -22.76 20.11 -20.12
N ARG B 231 -23.15 19.01 -20.76
CA ARG B 231 -22.16 18.08 -21.32
CA ARG B 231 -22.20 18.06 -21.35
C ARG B 231 -21.45 18.70 -22.53
N ARG B 232 -22.21 19.32 -23.44
CA ARG B 232 -21.61 19.98 -24.60
C ARG B 232 -20.52 20.94 -24.16
N TYR B 233 -20.85 21.76 -23.14
CA TYR B 233 -19.93 22.75 -22.55
C TYR B 233 -18.70 22.22 -21.85
N GLY B 234 -18.65 20.92 -21.55
CA GLY B 234 -17.58 20.41 -20.71
C GLY B 234 -17.78 20.75 -19.22
N GLY B 235 -19.03 20.92 -18.82
CA GLY B 235 -19.36 21.24 -17.43
C GLY B 235 -19.87 20.04 -16.66
N ASP B 236 -20.05 18.92 -17.35
CA ASP B 236 -20.65 17.68 -16.79
C ASP B 236 -19.51 16.79 -16.37
N LEU B 237 -18.88 17.23 -15.29
CA LEU B 237 -17.66 16.65 -14.79
C LEU B 237 -18.02 15.32 -14.12
N ILE B 238 -17.10 14.38 -14.18
CA ILE B 238 -17.35 13.09 -13.56
C ILE B 238 -17.74 13.33 -12.09
N SER B 239 -17.06 14.25 -11.42
CA SER B 239 -17.32 14.49 -10.00
C SER B 239 -17.36 15.97 -9.71
N LEU B 240 -18.58 16.49 -9.52
CA LEU B 240 -18.76 17.87 -9.02
C LEU B 240 -18.92 17.99 -7.49
N TYR B 241 -18.96 16.87 -6.73
CA TYR B 241 -19.14 16.92 -5.25
C TYR B 241 -18.24 17.87 -4.48
N PRO B 242 -16.98 18.12 -4.91
CA PRO B 242 -16.27 19.11 -4.11
C PRO B 242 -16.99 20.47 -3.99
N TYR B 243 -17.72 20.85 -5.03
CA TYR B 243 -18.50 22.08 -5.03
C TYR B 243 -19.87 21.91 -4.43
N ILE B 244 -20.50 20.78 -4.74
CA ILE B 244 -21.86 20.52 -4.30
C ILE B 244 -21.93 20.44 -2.78
N VAL B 245 -21.02 19.64 -2.22
CA VAL B 245 -20.99 19.38 -0.77
C VAL B 245 -20.64 20.69 -0.04
N SER B 246 -19.65 21.39 -0.54
CA SER B 246 -19.32 22.68 -0.01
C SER B 246 -20.46 23.68 -0.17
N ALA B 247 -21.11 23.74 -1.35
CA ALA B 247 -22.28 24.61 -1.52
C ALA B 247 -23.31 24.35 -0.39
N ASP B 248 -23.69 23.10 -0.20
CA ASP B 248 -24.68 22.71 0.85
C ASP B 248 -24.22 23.11 2.23
N TYR B 249 -22.96 22.85 2.55
CA TYR B 249 -22.40 23.21 3.84
C TYR B 249 -22.66 24.67 4.17
N TYR B 250 -22.32 25.54 3.22
CA TYR B 250 -22.42 26.96 3.42
C TYR B 250 -23.86 27.46 3.33
N TYR B 251 -24.68 26.88 2.45
CA TYR B 251 -26.12 27.20 2.40
C TYR B 251 -26.75 26.94 3.76
N GLU B 252 -26.49 25.76 4.31
CA GLU B 252 -27.09 25.37 5.58
C GLU B 252 -26.61 26.27 6.71
N LEU B 253 -25.30 26.52 6.74
CA LEU B 253 -24.65 27.39 7.72
C LEU B 253 -25.18 28.84 7.69
N ARG B 254 -25.43 29.37 6.49
CA ARG B 254 -25.73 30.79 6.34
C ARG B 254 -27.11 31.16 5.78
N LYS B 255 -27.93 30.17 5.42
CA LYS B 255 -29.26 30.43 4.90
C LYS B 255 -30.09 31.36 5.73
N ASP B 256 -30.00 31.30 7.07
CA ASP B 256 -30.77 32.19 7.96
C ASP B 256 -29.98 33.39 8.50
N ARG B 257 -28.92 33.82 7.81
CA ARG B 257 -28.16 34.98 8.23
C ARG B 257 -28.32 36.17 7.31
N GLY B 259 -30.75 38.25 6.87
CA GLY B 259 -31.41 39.33 7.62
C GLY B 259 -30.39 40.10 8.38
N GLN B 260 -29.50 39.41 9.07
CA GLN B 260 -28.51 40.12 9.88
C GLN B 260 -27.46 40.80 8.98
N TYR B 261 -27.17 40.21 7.82
CA TYR B 261 -26.25 40.86 6.88
C TYR B 261 -26.87 42.12 6.33
N TYR B 262 -28.19 42.11 6.11
CA TYR B 262 -28.89 43.26 5.57
C TYR B 262 -28.91 44.40 6.59
N GLU B 263 -29.30 44.07 7.81
CA GLU B 263 -29.29 45.02 8.95
C GLU B 263 -27.87 45.57 9.20
N GLN B 264 -26.88 44.69 9.12
CA GLN B 264 -25.48 45.07 9.31
C GLN B 264 -24.99 45.97 8.19
N ALA B 265 -25.48 45.70 6.98
CA ALA B 265 -25.19 46.56 5.83
C ALA B 265 -25.72 47.94 6.08
N LYS B 266 -26.96 48.01 6.52
CA LYS B 266 -27.60 49.31 6.81
C LYS B 266 -26.84 50.07 7.88
N GLN B 267 -26.30 49.35 8.87
CA GLN B 267 -25.48 49.95 9.92
C GLN B 267 -24.25 50.62 9.38
N LEU B 268 -23.60 49.96 8.41
CA LEU B 268 -22.35 50.42 7.81
C LEU B 268 -22.60 51.63 6.94
N ALA B 269 -23.66 51.58 6.11
CA ALA B 269 -23.98 52.73 5.23
C ALA B 269 -24.33 53.99 6.00
N GLU B 270 -24.91 53.81 7.17
CA GLU B 270 -25.27 54.93 8.04
C GLU B 270 -24.00 55.61 8.58
N GLN B 271 -23.04 54.79 8.99
CA GLN B 271 -21.76 55.27 9.44
C GLN B 271 -21.03 55.98 8.30
N PHE B 272 -21.04 55.37 7.13
CA PHE B 272 -20.33 55.93 5.97
C PHE B 272 -20.93 57.26 5.50
N ASN B 273 -22.26 57.34 5.37
CA ASN B 273 -22.89 58.54 4.83
C ASN B 273 -22.68 59.76 5.73
N ALA B 274 -22.68 59.54 7.04
CA ALA B 274 -22.37 60.62 8.01
C ALA B 274 -20.91 61.16 7.90
N LEU B 275 -20.01 60.47 7.19
CA LEU B 275 -18.66 61.00 6.97
C LEU B 275 -18.67 62.09 5.88
N PRO B 276 -17.94 63.21 6.11
CA PRO B 276 -17.87 64.21 5.04
C PRO B 276 -17.02 63.67 3.90
N GLY B 277 -17.46 63.92 2.69
CA GLY B 277 -16.76 63.46 1.52
C GLY B 277 -16.98 61.99 1.18
N VAL B 278 -17.98 61.35 1.82
CA VAL B 278 -18.33 59.93 1.56
C VAL B 278 -19.85 59.73 1.34
N HIS B 279 -20.25 58.92 0.36
CA HIS B 279 -21.64 58.47 0.34
C HIS B 279 -21.78 57.08 -0.24
N THR B 280 -22.96 56.51 -0.08
CA THR B 280 -23.20 55.21 -0.62
C THR B 280 -24.35 55.25 -1.65
N THR B 281 -24.33 54.34 -2.61
CA THR B 281 -25.47 54.08 -3.52
C THR B 281 -25.83 52.61 -3.35
N PRO B 282 -27.09 52.32 -3.01
CA PRO B 282 -28.12 53.28 -2.63
C PRO B 282 -27.75 53.91 -1.29
N GLU B 283 -28.41 55.00 -0.95
CA GLU B 283 -28.27 55.63 0.36
C GLU B 283 -28.50 54.66 1.51
N VAL B 284 -29.63 53.97 1.46
CA VAL B 284 -30.00 52.96 2.45
C VAL B 284 -30.01 51.61 1.70
N PRO B 285 -29.19 50.65 2.15
CA PRO B 285 -29.12 49.35 1.46
C PRO B 285 -30.43 48.58 1.46
N VAL B 286 -30.72 47.88 0.34
CA VAL B 286 -31.89 46.98 0.29
C VAL B 286 -31.45 45.54 0.39
N SER B 287 -30.17 45.33 0.72
CA SER B 287 -29.59 44.00 0.82
C SER B 287 -28.35 44.10 1.73
N ASN B 288 -27.50 43.08 1.65
CA ASN B 288 -26.20 43.09 2.33
C ASN B 288 -25.12 43.97 1.63
N PHE B 290 -23.78 47.46 -1.00
CA PHE B 290 -23.91 48.79 -1.55
C PHE B 290 -22.59 49.18 -2.16
N HIS B 291 -22.63 50.26 -2.92
CA HIS B 291 -21.39 50.89 -3.35
C HIS B 291 -21.06 52.07 -2.46
N LEU B 292 -19.76 52.30 -2.29
CA LEU B 292 -19.19 53.31 -1.42
C LEU B 292 -18.38 54.29 -2.26
N HIS B 293 -18.66 55.58 -2.12
CA HIS B 293 -18.00 56.60 -2.92
C HIS B 293 -17.24 57.62 -2.03
N PHE B 294 -15.99 57.86 -2.37
CA PHE B 294 -15.15 58.81 -1.66
C PHE B 294 -14.93 60.01 -2.57
N ASP B 295 -15.20 61.20 -2.06
CA ASP B 295 -14.94 62.44 -2.80
C ASP B 295 -13.44 62.55 -3.03
N GLY B 296 -13.04 62.81 -4.30
CA GLY B 296 -11.59 62.87 -4.65
C GLY B 296 -11.15 61.59 -5.34
N GLN B 297 -9.96 61.62 -5.94
CA GLN B 297 -9.45 60.51 -6.76
C GLN B 297 -8.71 59.47 -5.94
N ALA B 298 -8.54 58.29 -6.53
CA ALA B 298 -7.88 57.19 -5.83
C ALA B 298 -6.51 57.62 -5.32
N ALA B 299 -5.81 58.46 -6.08
CA ALA B 299 -4.50 59.03 -5.66
C ALA B 299 -4.51 59.71 -4.29
N ASP B 300 -5.58 60.46 -4.01
CA ASP B 300 -5.75 61.19 -2.72
C ASP B 300 -6.31 60.30 -1.60
N ILE B 301 -7.15 59.34 -1.99
CA ILE B 301 -7.96 58.56 -1.07
C ILE B 301 -7.29 57.26 -0.64
N SER B 302 -6.63 56.58 -1.56
CA SER B 302 -6.02 55.27 -1.30
C SER B 302 -4.90 55.33 -0.24
N PRO B 303 -4.14 56.44 -0.20
CA PRO B 303 -3.22 56.65 0.92
C PRO B 303 -3.88 56.72 2.29
N LYS B 304 -5.03 57.38 2.39
CA LYS B 304 -5.73 57.61 3.66
C LYS B 304 -6.25 56.28 4.22
N LEU B 305 -6.90 55.53 3.33
CA LEU B 305 -7.41 54.18 3.62
C LEU B 305 -6.26 53.29 4.03
N GLU B 306 -5.26 53.18 3.14
CA GLU B 306 -4.05 52.39 3.40
C GLU B 306 -3.56 52.50 4.83
N GLN B 307 -3.48 53.72 5.34
CA GLN B 307 -2.91 54.00 6.66
C GLN B 307 -3.81 53.58 7.80
N VAL B 308 -5.04 54.10 7.78
CA VAL B 308 -6.09 53.69 8.73
C VAL B 308 -6.10 52.17 8.92
N GLN B 309 -6.01 51.43 7.81
CA GLN B 309 -6.05 49.96 7.85
C GLN B 309 -4.74 49.40 8.40
N GLU B 310 -3.62 50.02 8.03
CA GLU B 310 -2.33 49.60 8.55
C GLU B 310 -2.26 49.77 10.05
N GLU B 311 -2.72 50.92 10.54
CA GLU B 311 -2.75 51.22 11.97
C GLU B 311 -3.76 50.39 12.75
N THR B 312 -5.01 50.33 12.27
CA THR B 312 -6.12 49.68 12.98
C THR B 312 -6.08 48.13 12.87
N GLY B 313 -5.62 47.61 11.73
CA GLY B 313 -5.75 46.19 11.41
C GLY B 313 -7.21 45.78 11.15
N LEU B 314 -8.01 46.75 10.70
CA LEU B 314 -9.40 46.57 10.34
C LEU B 314 -9.55 46.91 8.85
N GLY B 315 -10.15 46.00 8.08
CA GLY B 315 -10.27 46.21 6.65
C GLY B 315 -11.60 46.82 6.26
N PHE B 316 -11.56 48.05 5.73
CA PHE B 316 -12.74 48.71 5.13
C PHE B 316 -12.78 48.56 3.63
N VAL B 317 -11.63 48.70 2.96
CA VAL B 317 -11.61 48.80 1.48
C VAL B 317 -10.36 48.12 0.86
N GLY B 318 -10.59 47.24 -0.10
CA GLY B 318 -9.54 46.52 -0.79
C GLY B 318 -9.17 47.01 -2.20
N TYR B 319 -10.00 47.86 -2.81
CA TYR B 319 -9.69 48.43 -4.13
C TYR B 319 -10.56 49.66 -4.39
N LEU B 320 -10.04 50.61 -5.16
CA LEU B 320 -10.84 51.75 -5.59
C LEU B 320 -10.91 51.86 -7.12
N VAL B 321 -12.10 52.13 -7.66
CA VAL B 321 -12.29 52.42 -9.08
C VAL B 321 -12.39 53.95 -9.22
N ASP B 322 -11.46 54.53 -9.99
CA ASP B 322 -11.42 55.99 -10.26
C ASP B 322 -12.52 56.44 -11.23
N LYS B 323 -13.31 57.41 -10.78
CA LYS B 323 -14.36 58.00 -11.60
C LYS B 323 -14.12 59.54 -11.64
N ASP B 324 -15.08 60.31 -12.16
CA ASP B 324 -14.89 61.75 -12.30
C ASP B 324 -15.20 62.55 -11.04
N GLY B 325 -14.16 62.84 -10.28
CA GLY B 325 -14.34 63.61 -9.04
C GLY B 325 -14.49 62.78 -7.78
N TYR B 326 -14.64 61.47 -7.94
CA TYR B 326 -14.78 60.54 -6.81
C TYR B 326 -14.22 59.16 -7.19
N CYS B 327 -14.01 58.31 -6.20
CA CYS B 327 -13.60 56.94 -6.47
C CYS B 327 -14.47 55.99 -5.66
N SER B 328 -14.68 54.78 -6.17
CA SER B 328 -15.72 53.91 -5.62
C SER B 328 -15.22 52.54 -5.31
N THR B 329 -16.03 51.80 -4.52
CA THR B 329 -15.72 50.42 -4.10
C THR B 329 -17.02 49.73 -3.70
N GLU B 330 -17.02 48.40 -3.75
CA GLU B 330 -18.17 47.60 -3.37
C GLU B 330 -17.94 46.91 -2.04
N ILE B 331 -18.98 47.03 -1.19
CA ILE B 331 -19.07 46.40 0.14
C ILE B 331 -20.19 45.34 0.11
N SER B 332 -19.90 44.11 0.55
CA SER B 332 -20.91 43.05 0.71
C SER B 332 -20.65 42.40 2.08
N VAL B 333 -21.65 42.49 2.95
CA VAL B 333 -21.51 42.01 4.30
C VAL B 333 -21.76 40.49 4.33
N GLY B 334 -20.87 39.79 5.03
CA GLY B 334 -21.03 38.38 5.34
C GLY B 334 -20.58 38.17 6.78
N ASP B 335 -19.88 37.07 7.05
CA ASP B 335 -19.54 36.69 8.42
C ASP B 335 -18.44 37.57 9.03
N ALA B 336 -17.70 38.35 8.24
CA ALA B 336 -16.56 39.09 8.77
C ALA B 336 -17.01 40.27 9.66
N TYR B 337 -18.11 40.91 9.30
CA TYR B 337 -18.62 42.00 10.11
C TYR B 337 -18.91 41.55 11.54
N GLY B 338 -19.63 40.43 11.66
CA GLY B 338 -20.08 39.86 12.94
C GLY B 338 -18.98 39.38 13.86
N GLU B 339 -17.83 39.02 13.28
CA GLU B 339 -16.69 38.60 14.07
C GLU B 339 -15.90 39.73 14.73
N LEU B 340 -16.07 40.98 14.28
CA LEU B 340 -15.45 42.15 14.90
C LEU B 340 -16.42 42.67 15.93
N ASP B 341 -16.02 42.76 17.18
CA ASP B 341 -16.93 43.29 18.20
C ASP B 341 -17.25 44.78 17.93
N GLN B 342 -18.29 45.27 18.60
CA GLN B 342 -18.81 46.58 18.35
C GLN B 342 -17.77 47.65 18.58
N GLN B 343 -17.05 47.53 19.69
CA GLN B 343 -16.09 48.53 20.08
C GLN B 343 -14.98 48.61 19.04
N THR B 344 -14.55 47.43 18.55
CA THR B 344 -13.51 47.32 17.53
C THR B 344 -13.95 48.01 16.25
N ARG B 345 -15.21 47.80 15.85
CA ARG B 345 -15.72 48.53 14.67
C ARG B 345 -15.85 50.03 14.97
N ASP B 346 -16.25 50.39 16.18
CA ASP B 346 -16.36 51.82 16.58
C ASP B 346 -15.01 52.57 16.56
N ALA B 347 -13.93 51.95 17.06
CA ALA B 347 -12.56 52.53 17.01
C ALA B 347 -11.99 52.62 15.60
N GLY B 348 -12.42 51.70 14.73
CA GLY B 348 -12.01 51.76 13.34
C GLY B 348 -12.66 52.95 12.64
N PHE B 349 -13.97 53.07 12.83
CA PHE B 349 -14.72 54.20 12.26
C PHE B 349 -14.23 55.55 12.78
N ALA B 350 -13.71 55.58 14.01
CA ALA B 350 -13.32 56.82 14.69
C ALA B 350 -12.03 57.32 14.08
N ARG B 351 -11.12 56.40 13.86
CA ARG B 351 -9.91 56.65 13.14
C ARG B 351 -10.25 57.09 11.73
N LEU B 352 -11.22 56.42 11.12
CA LEU B 352 -11.64 56.75 9.75
C LEU B 352 -12.14 58.19 9.76
N ARG B 353 -12.88 58.54 10.80
CA ARG B 353 -13.51 59.86 10.94
C ARG B 353 -12.49 60.97 11.01
N GLN B 354 -11.38 60.70 11.70
CA GLN B 354 -10.22 61.60 11.74
C GLN B 354 -9.56 61.76 10.36
N ALA B 355 -9.52 60.70 9.57
CA ALA B 355 -8.78 60.75 8.29
C ALA B 355 -9.54 61.46 7.19
N PHE B 356 -10.83 61.74 7.40
CA PHE B 356 -11.71 62.33 6.38
C PHE B 356 -12.36 63.65 6.81
N GLY C 1 33.43 -49.47 -25.69
CA GLY C 1 33.26 -49.18 -24.25
C GLY C 1 31.93 -48.54 -23.85
N ASN C 3 27.39 -49.22 -23.64
CA ASN C 3 26.33 -50.22 -23.59
C ASN C 3 25.30 -50.08 -24.71
N ARG C 4 24.43 -51.06 -24.82
CA ARG C 4 23.52 -51.13 -25.93
C ARG C 4 22.54 -49.95 -26.00
N LEU C 5 22.03 -49.50 -24.86
CA LEU C 5 21.15 -48.32 -24.81
C LEU C 5 21.85 -47.03 -25.28
N ARG C 6 23.02 -46.71 -24.72
CA ARG C 6 23.84 -45.54 -25.12
C ARG C 6 24.13 -45.58 -26.63
N THR C 7 24.51 -46.76 -27.13
CA THR C 7 24.78 -46.97 -28.57
C THR C 7 23.54 -46.71 -29.43
N SER C 8 22.36 -47.09 -28.94
CA SER C 8 21.15 -46.88 -29.73
C SER C 8 20.83 -45.38 -29.83
N PHE C 9 20.96 -44.66 -28.71
CA PHE C 9 20.66 -43.24 -28.63
C PHE C 9 21.60 -42.42 -29.49
N GLN C 10 22.90 -42.73 -29.41
CA GLN C 10 23.94 -41.96 -30.09
C GLN C 10 23.86 -42.09 -31.59
N GLN C 11 23.24 -43.17 -32.07
CA GLN C 11 23.02 -43.37 -33.50
C GLN C 11 21.65 -42.89 -34.01
N THR C 12 20.93 -42.06 -33.22
CA THR C 12 19.67 -41.46 -33.66
C THR C 12 19.91 -40.15 -34.42
N THR C 13 18.95 -39.76 -35.25
CA THR C 13 19.06 -38.55 -36.09
C THR C 13 18.40 -37.34 -35.44
N GLY C 14 17.56 -37.61 -34.45
CA GLY C 14 16.94 -36.60 -33.61
C GLY C 14 16.69 -37.16 -32.22
N GLN C 15 16.47 -36.25 -31.27
CA GLN C 15 16.29 -36.59 -29.84
C GLN C 15 15.28 -35.66 -29.19
N ILE C 16 14.60 -36.14 -28.14
CA ILE C 16 13.70 -35.29 -27.37
C ILE C 16 14.42 -34.40 -26.34
N SER C 17 15.62 -34.81 -25.90
CA SER C 17 16.38 -34.09 -24.87
CA SER C 17 16.37 -34.05 -24.87
C SER C 17 17.64 -33.37 -25.42
N GLY C 18 18.05 -32.30 -24.74
CA GLY C 18 19.26 -31.54 -25.05
C GLY C 18 19.14 -30.67 -26.28
N HIS C 19 20.30 -30.26 -26.77
CA HIS C 19 20.45 -29.37 -27.89
C HIS C 19 21.24 -29.98 -29.05
N GLY C 20 21.39 -31.30 -29.07
CA GLY C 20 22.22 -31.95 -30.09
C GLY C 20 23.61 -32.21 -29.55
N LYS C 21 24.49 -32.79 -30.37
CA LYS C 21 25.81 -33.23 -29.91
C LYS C 21 26.66 -32.14 -29.27
N ARG C 22 27.42 -32.57 -28.25
CA ARG C 22 28.37 -31.73 -27.57
C ARG C 22 29.68 -31.87 -28.33
N ASN C 23 29.89 -30.99 -29.32
CA ASN C 23 31.04 -31.13 -30.21
C ASN C 23 31.76 -29.83 -30.43
N VAL C 24 32.90 -29.92 -31.14
CA VAL C 24 33.76 -28.77 -31.38
C VAL C 24 33.03 -27.64 -32.15
N GLY C 25 32.09 -28.02 -33.01
CA GLY C 25 31.18 -27.08 -33.69
C GLY C 25 30.50 -26.06 -32.79
N VAL C 26 30.21 -26.47 -31.55
CA VAL C 26 29.51 -25.58 -30.58
C VAL C 26 30.40 -24.35 -30.32
N LEU C 27 31.70 -24.56 -30.14
CA LEU C 27 32.64 -23.43 -30.04
C LEU C 27 32.79 -22.68 -31.41
N LYS C 28 33.03 -23.37 -32.52
CA LYS C 28 33.25 -22.68 -33.83
C LYS C 28 32.04 -21.88 -34.33
N THR C 29 30.84 -22.41 -34.08
CA THR C 29 29.61 -21.62 -34.27
C THR C 29 29.63 -20.32 -33.43
N ALA C 30 30.05 -20.40 -32.17
CA ALA C 30 30.13 -19.19 -31.31
C ALA C 30 31.12 -18.11 -31.82
N PHE C 31 32.17 -18.57 -32.48
CA PHE C 31 33.29 -17.72 -32.93
C PHE C 31 33.27 -17.35 -34.44
N ALA C 32 32.30 -17.88 -35.21
CA ALA C 32 32.24 -17.63 -36.66
C ALA C 32 32.13 -16.14 -37.01
N ALA C 33 31.30 -15.40 -36.29
CA ALA C 33 31.18 -13.97 -36.55
C ALA C 33 32.12 -13.06 -35.71
N VAL C 34 33.08 -13.61 -34.94
CA VAL C 34 33.86 -12.80 -34.02
C VAL C 34 35.16 -12.38 -34.71
N ALA C 35 35.54 -11.10 -34.53
CA ALA C 35 36.72 -10.51 -35.19
C ALA C 35 38.01 -11.04 -34.59
N ASP C 36 38.94 -11.55 -35.42
CA ASP C 36 40.23 -12.12 -34.96
C ASP C 36 41.00 -11.13 -34.10
N GLU C 37 40.85 -9.85 -34.45
CA GLU C 37 41.52 -8.74 -33.81
C GLU C 37 40.99 -8.36 -32.41
N ALA C 39 40.43 -8.20 -28.56
CA ALA C 39 41.47 -8.44 -27.55
C ALA C 39 41.02 -9.42 -26.48
N SER C 40 41.95 -10.27 -26.04
CA SER C 40 41.67 -11.23 -24.98
C SER C 40 41.53 -10.52 -23.64
N ASP C 41 40.84 -11.19 -22.74
CA ASP C 41 40.77 -10.77 -21.33
C ASP C 41 42.14 -11.09 -20.78
N GLN C 42 42.46 -10.51 -19.63
CA GLN C 42 43.75 -10.70 -19.00
C GLN C 42 43.61 -10.81 -17.49
N TYR C 43 43.76 -12.04 -17.00
CA TYR C 43 43.65 -12.39 -15.59
C TYR C 43 42.43 -11.73 -14.93
N GLY C 44 41.24 -11.95 -15.50
CA GLY C 44 39.99 -11.53 -14.87
C GLY C 44 39.59 -10.09 -15.05
N THR C 45 40.37 -9.33 -15.83
CA THR C 45 39.99 -7.97 -16.18
C THR C 45 40.26 -7.72 -17.68
N GLY C 46 39.95 -6.50 -18.08
CA GLY C 46 40.19 -6.06 -19.43
C GLY C 46 38.99 -6.38 -20.28
N ALA C 47 39.25 -6.43 -21.57
CA ALA C 47 38.25 -6.73 -22.59
C ALA C 47 37.57 -8.11 -22.47
N ILE C 48 36.34 -8.16 -23.01
CA ILE C 48 35.49 -9.35 -23.01
C ILE C 48 34.92 -9.65 -21.64
N ILE C 49 35.80 -9.77 -20.62
CA ILE C 49 35.39 -10.18 -19.27
C ILE C 49 34.67 -9.05 -18.50
N GLU C 50 35.14 -7.81 -18.58
CA GLU C 50 34.43 -6.75 -17.84
C GLU C 50 33.01 -6.44 -18.41
N PRO C 51 32.86 -6.34 -19.74
CA PRO C 51 31.48 -6.12 -20.25
C PRO C 51 30.49 -7.25 -19.89
N PHE C 52 30.97 -8.49 -19.92
CA PHE C 52 30.19 -9.69 -19.62
C PHE C 52 29.73 -9.69 -18.17
N GLU C 53 30.66 -9.45 -17.26
CA GLU C 53 30.34 -9.37 -15.84
C GLU C 53 29.36 -8.25 -15.53
N GLN C 54 29.57 -7.07 -16.10
CA GLN C 54 28.60 -5.98 -15.96
C GLN C 54 27.24 -6.36 -16.54
N LYS C 55 27.23 -6.96 -17.73
CA LYS C 55 25.99 -7.44 -18.35
C LYS C 55 25.17 -8.31 -17.37
N PHE C 56 25.82 -9.31 -16.78
CA PHE C 56 25.12 -10.27 -15.91
C PHE C 56 24.91 -9.82 -14.49
N ALA C 57 25.75 -8.90 -13.99
CA ALA C 57 25.42 -8.15 -12.76
C ALA C 57 24.05 -7.51 -12.92
N ASP C 58 23.85 -6.79 -14.04
CA ASP C 58 22.58 -6.13 -14.37
C ASP C 58 21.39 -7.06 -14.63
N VAL C 59 21.61 -8.16 -15.35
CA VAL C 59 20.57 -9.20 -15.56
C VAL C 59 20.02 -9.77 -14.24
N LEU C 60 20.92 -9.97 -13.30
CA LEU C 60 20.59 -10.47 -11.94
C LEU C 60 20.30 -9.34 -10.89
N GLY C 61 20.53 -8.07 -11.26
CA GLY C 61 20.18 -6.93 -10.39
C GLY C 61 21.09 -6.83 -9.17
N ASP C 63 25.12 -5.92 -7.50
CA ASP C 63 26.15 -4.87 -7.63
C ASP C 63 27.24 -5.24 -8.56
N ASP C 64 27.58 -6.53 -8.63
CA ASP C 64 28.76 -6.95 -9.39
C ASP C 64 28.65 -8.46 -9.64
N ALA C 65 29.51 -8.99 -10.50
CA ALA C 65 29.47 -10.36 -10.95
C ALA C 65 30.86 -10.81 -11.37
N VAL C 66 31.18 -12.06 -11.12
CA VAL C 66 32.48 -12.58 -11.44
C VAL C 66 32.36 -13.86 -12.27
N PHE C 67 33.06 -13.88 -13.40
CA PHE C 67 33.02 -15.06 -14.27
C PHE C 67 33.97 -16.08 -13.71
N PHE C 68 33.42 -17.25 -13.42
CA PHE C 68 34.18 -18.39 -12.97
C PHE C 68 34.20 -19.46 -14.02
N PRO C 69 35.32 -20.21 -14.08
CA PRO C 69 35.38 -21.28 -15.01
C PRO C 69 34.37 -22.39 -14.67
N SER C 70 34.02 -22.56 -13.41
CA SER C 70 33.05 -23.62 -13.08
C SER C 70 32.14 -23.19 -11.94
N GLY C 71 30.92 -23.71 -11.94
CA GLY C 71 30.00 -23.58 -10.82
C GLY C 71 30.50 -24.23 -9.52
N THR C 72 31.27 -25.31 -9.65
CA THR C 72 31.95 -25.94 -8.51
C THR C 72 32.86 -24.92 -7.79
N ALA C 74 32.93 -21.60 -8.14
CA ALA C 74 32.15 -20.43 -7.78
C ALA C 74 31.40 -20.61 -6.48
N GLN C 75 30.74 -21.73 -6.28
CA GLN C 75 29.89 -21.87 -5.10
C GLN C 75 30.65 -22.21 -3.84
N GLN C 76 31.72 -23.02 -3.98
CA GLN C 76 32.65 -23.21 -2.87
C GLN C 76 33.06 -21.86 -2.36
N VAL C 77 33.45 -20.96 -3.28
CA VAL C 77 33.95 -19.61 -2.94
C VAL C 77 32.86 -18.78 -2.20
N ALA C 78 31.62 -18.78 -2.75
CA ALA C 78 30.49 -18.05 -2.14
C ALA C 78 30.22 -18.44 -0.66
N LEU C 79 30.19 -19.75 -0.41
CA LEU C 79 29.94 -20.30 0.92
C LEU C 79 31.13 -19.97 1.85
N ARG C 80 32.36 -20.12 1.39
CA ARG C 80 33.50 -19.70 2.23
C ARG C 80 33.47 -18.20 2.56
N ILE C 81 33.16 -17.38 1.56
CA ILE C 81 33.05 -15.93 1.81
C ILE C 81 31.99 -15.64 2.89
N TRP C 82 30.79 -16.20 2.73
CA TRP C 82 29.74 -16.03 3.73
C TRP C 82 30.09 -16.64 5.10
N SER C 83 30.73 -17.80 5.11
CA SER C 83 31.22 -18.40 6.36
C SER C 83 32.23 -17.49 7.10
N ASP C 84 33.25 -16.98 6.39
CA ASP C 84 34.19 -15.96 6.92
C ASP C 84 33.47 -14.71 7.47
N GLU C 85 32.46 -14.21 6.74
CA GLU C 85 31.75 -12.98 7.17
C GLU C 85 30.84 -13.19 8.38
N THR C 86 30.28 -14.37 8.55
CA THR C 86 29.44 -14.65 9.69
C THR C 86 30.22 -15.26 10.88
N ASP C 87 31.51 -15.55 10.70
CA ASP C 87 32.30 -16.32 11.70
C ASP C 87 31.65 -17.67 12.05
N ASN C 88 30.97 -18.28 11.08
CA ASN C 88 30.24 -19.52 11.28
C ASN C 88 30.65 -20.50 10.20
N ARG C 89 31.18 -21.64 10.62
CA ARG C 89 31.74 -22.62 9.65
C ARG C 89 30.75 -23.74 9.31
N THR C 90 29.45 -23.48 9.46
CA THR C 90 28.44 -24.44 9.15
C THR C 90 27.54 -23.85 8.12
N VAL C 91 27.29 -24.59 7.04
CA VAL C 91 26.30 -24.18 6.05
C VAL C 91 25.23 -25.23 5.93
N ALA C 92 24.12 -24.85 5.31
CA ALA C 92 22.97 -25.77 5.15
C ALA C 92 22.51 -25.86 3.71
N TYR C 93 22.06 -27.05 3.32
CA TYR C 93 21.40 -27.25 2.02
C TYR C 93 20.72 -28.60 1.94
N HIS C 94 20.00 -28.82 0.85
CA HIS C 94 19.27 -30.08 0.62
C HIS C 94 20.26 -31.25 0.53
N PRO C 95 19.82 -32.46 0.91
CA PRO C 95 20.77 -33.56 0.92
C PRO C 95 21.50 -33.88 -0.38
N LEU C 96 20.86 -33.61 -1.52
CA LEU C 96 21.47 -33.94 -2.81
C LEU C 96 22.01 -32.72 -3.52
N CYS C 97 22.36 -31.69 -2.74
CA CYS C 97 22.99 -30.48 -3.22
C CYS C 97 24.24 -30.88 -3.98
N HIS C 98 24.56 -30.15 -5.05
CA HIS C 98 25.69 -30.52 -5.92
C HIS C 98 27.05 -30.48 -5.21
N LEU C 99 27.19 -29.64 -4.20
CA LEU C 99 28.45 -29.57 -3.41
C LEU C 99 28.64 -30.76 -2.50
N GLU C 100 27.51 -31.37 -2.10
CA GLU C 100 27.53 -32.57 -1.29
C GLU C 100 27.94 -33.82 -2.05
N ILE C 101 27.47 -33.98 -3.28
CA ILE C 101 27.51 -35.26 -3.94
C ILE C 101 28.27 -35.30 -5.26
N HIS C 102 28.58 -34.15 -5.87
CA HIS C 102 29.17 -34.18 -7.21
C HIS C 102 30.51 -33.49 -7.32
N GLU C 103 31.14 -33.15 -6.18
CA GLU C 103 32.38 -32.36 -6.23
C GLU C 103 33.58 -32.98 -5.48
N GLN C 104 33.51 -34.30 -5.25
CA GLN C 104 34.50 -35.04 -4.49
C GLN C 104 34.83 -34.41 -3.15
N ASP C 105 33.81 -33.84 -2.52
CA ASP C 105 33.88 -33.17 -1.21
C ASP C 105 34.80 -31.95 -1.17
N GLY C 106 34.85 -31.21 -2.28
CA GLY C 106 35.74 -30.06 -2.41
C GLY C 106 35.53 -29.02 -1.32
N LEU C 107 34.28 -28.75 -1.01
CA LEU C 107 33.92 -27.78 0.02
C LEU C 107 34.54 -28.14 1.36
N LYS C 108 34.32 -29.37 1.76
CA LYS C 108 34.76 -29.84 3.08
C LYS C 108 36.26 -30.09 3.15
N GLU C 109 36.89 -30.36 1.99
CA GLU C 109 38.32 -30.70 1.89
C GLU C 109 39.20 -29.47 1.76
N LEU C 110 38.67 -28.46 1.07
CA LEU C 110 39.40 -27.24 0.81
C LEU C 110 39.09 -26.13 1.82
N HIS C 111 38.09 -26.32 2.68
CA HIS C 111 37.68 -25.28 3.62
C HIS C 111 37.25 -25.97 4.93
N PRO C 112 37.43 -25.31 6.10
CA PRO C 112 37.00 -25.91 7.37
C PRO C 112 35.50 -25.75 7.60
N ILE C 113 34.71 -26.33 6.72
CA ILE C 113 33.27 -26.07 6.67
C ILE C 113 32.51 -27.37 6.78
N GLU C 114 31.49 -27.39 7.64
CA GLU C 114 30.62 -28.55 7.86
C GLU C 114 29.25 -28.22 7.32
N THR C 115 28.54 -29.24 6.87
CA THR C 115 27.24 -29.05 6.26
C THR C 115 26.11 -29.77 6.97
N ILE C 116 25.00 -29.07 7.16
CA ILE C 116 23.73 -29.62 7.62
C ILE C 116 22.86 -29.95 6.39
N LEU C 117 22.35 -31.19 6.32
CA LEU C 117 21.45 -31.57 5.24
C LEU C 117 20.02 -31.31 5.73
N VAL C 118 19.26 -30.51 4.95
CA VAL C 118 17.91 -30.02 5.35
C VAL C 118 16.82 -30.77 4.60
N GLY C 119 15.91 -31.38 5.35
CA GLY C 119 14.83 -32.17 4.77
C GLY C 119 15.25 -33.59 4.46
N ALA C 120 14.64 -34.16 3.44
CA ALA C 120 14.79 -35.57 3.10
C ALA C 120 15.31 -35.64 1.68
N ALA C 121 16.10 -36.66 1.36
CA ALA C 121 16.67 -36.81 0.00
C ALA C 121 15.65 -36.89 -1.16
N ASP C 122 14.41 -37.31 -0.86
CA ASP C 122 13.35 -37.52 -1.90
C ASP C 122 12.34 -36.35 -2.09
N ARG C 123 12.51 -35.22 -1.40
CA ARG C 123 11.58 -34.07 -1.53
C ARG C 123 12.24 -32.70 -1.26
N LEU C 124 11.48 -31.64 -1.49
CA LEU C 124 11.90 -30.29 -1.09
C LEU C 124 11.93 -30.17 0.42
N THR C 126 11.19 -28.08 3.86
CA THR C 126 9.99 -27.34 4.23
C THR C 126 10.44 -26.10 5.00
N LEU C 127 9.57 -25.08 5.06
CA LEU C 127 9.83 -23.89 5.89
C LEU C 127 10.12 -24.23 7.36
N ASP C 128 9.35 -25.15 7.93
CA ASP C 128 9.56 -25.58 9.33
C ASP C 128 10.98 -26.07 9.56
N GLU C 129 11.46 -26.93 8.67
CA GLU C 129 12.82 -27.47 8.77
C GLU C 129 13.86 -26.35 8.59
N ILE C 130 13.54 -25.35 7.78
CA ILE C 130 14.42 -24.17 7.62
C ILE C 130 14.47 -23.35 8.95
N LYS C 131 13.30 -23.14 9.52
CA LYS C 131 13.15 -22.48 10.79
C LYS C 131 13.76 -23.28 11.96
N ALA C 132 13.75 -24.60 11.89
CA ALA C 132 14.44 -25.43 12.88
C ALA C 132 15.97 -25.31 12.85
N LEU C 133 16.56 -24.70 11.82
CA LEU C 133 18.02 -24.62 11.70
C LEU C 133 18.63 -23.77 12.82
N PRO C 134 19.81 -24.17 13.33
CA PRO C 134 20.56 -23.36 14.28
C PRO C 134 21.28 -22.24 13.54
N ASP C 135 22.01 -21.37 14.28
CA ASP C 135 22.82 -20.34 13.64
C ASP C 135 23.79 -21.01 12.65
N ILE C 136 23.63 -20.65 11.37
CA ILE C 136 24.48 -21.13 10.26
C ILE C 136 24.99 -19.92 9.47
N ALA C 137 26.11 -20.08 8.76
CA ALA C 137 26.63 -19.01 7.89
C ALA C 137 25.69 -18.69 6.75
N CYS C 138 25.16 -19.72 6.12
CA CYS C 138 24.51 -19.60 4.83
C CYS C 138 23.58 -20.79 4.59
N LEU C 139 22.39 -20.51 4.05
CA LEU C 139 21.49 -21.51 3.47
C LEU C 139 21.56 -21.41 1.94
N LEU C 140 21.84 -22.54 1.27
CA LEU C 140 21.92 -22.66 -0.22
C LEU C 140 20.64 -23.34 -0.72
N LEU C 141 20.01 -22.74 -1.72
CA LEU C 141 18.76 -23.26 -2.33
C LEU C 141 19.08 -23.45 -3.79
N GLU C 142 18.51 -24.51 -4.35
CA GLU C 142 18.72 -24.85 -5.74
C GLU C 142 17.38 -24.88 -6.45
N LEU C 143 17.22 -24.00 -7.42
CA LEU C 143 15.94 -23.83 -8.12
C LEU C 143 16.06 -24.25 -9.59
N PRO C 144 15.44 -25.38 -9.98
CA PRO C 144 14.73 -26.32 -9.12
C PRO C 144 15.72 -27.32 -8.58
N GLN C 145 15.17 -28.24 -7.80
CA GLN C 145 15.94 -29.34 -7.20
C GLN C 145 16.07 -30.44 -8.26
N ARG C 146 17.14 -30.32 -9.03
CA ARG C 146 17.38 -31.17 -10.19
C ARG C 146 17.37 -32.69 -9.90
N GLU C 147 17.94 -33.06 -8.76
CA GLU C 147 18.11 -34.45 -8.41
C GLU C 147 16.82 -35.20 -8.01
N ILE C 148 15.73 -34.48 -7.77
CA ILE C 148 14.44 -35.15 -7.61
C ILE C 148 13.49 -34.78 -8.75
N GLY C 149 14.06 -34.53 -9.95
CA GLY C 149 13.24 -34.34 -11.15
C GLY C 149 12.96 -32.89 -11.51
N GLY C 150 13.39 -31.97 -10.66
CA GLY C 150 13.22 -30.55 -10.94
C GLY C 150 11.94 -30.03 -10.34
N VAL C 151 11.89 -30.04 -9.03
CA VAL C 151 10.76 -29.52 -8.27
C VAL C 151 11.21 -28.22 -7.60
N ALA C 152 10.35 -27.21 -7.51
CA ALA C 152 10.69 -25.99 -6.75
C ALA C 152 9.50 -25.42 -5.94
N PRO C 153 9.78 -24.60 -4.91
CA PRO C 153 8.73 -23.94 -4.15
C PRO C 153 8.16 -22.76 -4.92
N ALA C 154 6.92 -22.38 -4.61
CA ALA C 154 6.31 -21.23 -5.22
C ALA C 154 7.05 -19.94 -4.80
N PHE C 155 6.90 -18.91 -5.64
CA PHE C 155 7.59 -17.64 -5.40
C PHE C 155 7.28 -17.09 -4.00
N SER C 156 6.04 -17.32 -3.54
CA SER C 156 5.64 -16.87 -2.20
C SER C 156 6.46 -17.53 -1.08
N GLU C 157 6.79 -18.83 -1.18
CA GLU C 157 7.62 -19.50 -0.15
C GLU C 157 9.07 -18.99 -0.19
N LEU C 158 9.61 -18.73 -1.39
CA LEU C 158 10.92 -18.08 -1.55
C LEU C 158 10.96 -16.73 -0.86
N GLU C 159 9.96 -15.90 -1.08
CA GLU C 159 9.80 -14.64 -0.33
C GLU C 159 9.80 -14.78 1.19
N THR C 160 9.10 -15.79 1.71
CA THR C 160 9.06 -16.04 3.17
C THR C 160 10.43 -16.47 3.65
N ILE C 161 11.04 -17.42 2.95
CA ILE C 161 12.38 -17.89 3.30
C ILE C 161 13.42 -16.81 3.22
N SER C 162 13.30 -15.94 2.20
CA SER C 162 14.22 -14.82 2.04
C SER C 162 14.12 -13.90 3.25
N ARG C 163 12.89 -13.57 3.66
CA ARG C 163 12.67 -12.65 4.78
C ARG C 163 13.07 -13.24 6.13
N TYR C 164 12.91 -14.54 6.27
CA TYR C 164 13.30 -15.21 7.51
C TYR C 164 14.84 -15.23 7.64
N CYS C 165 15.54 -15.57 6.55
CA CYS C 165 16.99 -15.71 6.65
C CYS C 165 17.63 -14.32 6.94
N ARG C 166 17.21 -13.33 6.17
CA ARG C 166 17.58 -11.91 6.46
C ARG C 166 17.33 -11.53 7.94
N GLU C 167 16.13 -11.82 8.44
CA GLU C 167 15.78 -11.53 9.84
C GLU C 167 16.77 -12.20 10.83
N ARG C 168 17.30 -13.35 10.44
CA ARG C 168 18.19 -14.14 11.31
C ARG C 168 19.66 -14.06 10.96
N GLY C 169 20.01 -13.18 10.03
CA GLY C 169 21.40 -13.02 9.66
C GLY C 169 22.00 -14.20 8.90
N ILE C 170 21.17 -15.06 8.33
CA ILE C 170 21.63 -16.18 7.48
C ILE C 170 21.68 -15.70 6.04
N ARG C 171 22.85 -15.78 5.45
CA ARG C 171 23.02 -15.36 4.07
C ARG C 171 22.37 -16.43 3.23
N LEU C 172 21.59 -15.99 2.25
CA LEU C 172 20.88 -16.90 1.35
C LEU C 172 21.62 -16.95 0.02
N HIS C 173 22.03 -18.14 -0.40
CA HIS C 173 22.69 -18.33 -1.68
C HIS C 173 21.83 -19.16 -2.65
N LEU C 174 21.67 -18.68 -3.88
CA LEU C 174 21.03 -19.48 -4.92
C LEU C 174 22.03 -20.24 -5.83
N ASP C 175 21.92 -21.58 -5.81
CA ASP C 175 22.42 -22.39 -6.90
C ASP C 175 21.38 -22.33 -8.02
N GLY C 176 21.63 -21.40 -8.95
CA GLY C 176 20.78 -21.21 -10.12
C GLY C 176 21.36 -21.71 -11.43
N ALA C 177 21.98 -22.88 -11.40
CA ALA C 177 22.41 -23.58 -12.62
C ALA C 177 21.30 -23.61 -13.68
N ARG C 178 20.04 -23.80 -13.24
CA ARG C 178 18.86 -23.85 -14.12
C ARG C 178 17.83 -22.75 -13.85
N LEU C 179 18.30 -21.57 -13.42
CA LEU C 179 17.43 -20.40 -13.14
C LEU C 179 16.64 -19.95 -14.34
N PHE C 180 17.30 -19.83 -15.48
CA PHE C 180 16.62 -19.31 -16.68
C PHE C 180 15.49 -20.24 -17.07
N GLU C 181 15.75 -21.55 -16.91
CA GLU C 181 14.75 -22.62 -17.13
C GLU C 181 13.52 -22.45 -16.24
N LEU C 183 12.13 -19.39 -15.05
CA LEU C 183 11.44 -18.07 -15.14
C LEU C 183 10.03 -18.15 -15.80
N PRO C 184 9.85 -18.94 -16.88
CA PRO C 184 8.49 -19.10 -17.47
C PRO C 184 7.45 -19.52 -16.43
N TYR C 185 7.75 -20.58 -15.69
CA TYR C 185 6.89 -21.00 -14.58
C TYR C 185 6.68 -19.94 -13.49
N TYR C 186 7.75 -19.33 -13.00
CA TYR C 186 7.62 -18.31 -11.96
C TYR C 186 6.98 -17.03 -12.47
N GLU C 187 7.12 -16.74 -13.79
CA GLU C 187 6.61 -15.53 -14.45
C GLU C 187 7.28 -14.31 -13.81
N LYS C 188 8.60 -14.43 -13.71
CA LYS C 188 9.44 -13.48 -13.03
C LYS C 188 10.71 -13.40 -13.82
N THR C 189 11.34 -12.24 -13.79
CA THR C 189 12.59 -12.03 -14.47
CA THR C 189 12.59 -12.01 -14.47
C THR C 189 13.71 -12.62 -13.61
N ALA C 190 14.86 -12.80 -14.23
CA ALA C 190 16.05 -13.31 -13.52
C ALA C 190 16.34 -12.43 -12.31
N ALA C 191 16.34 -11.11 -12.50
CA ALA C 191 16.47 -10.10 -11.42
C ALA C 191 15.47 -10.27 -10.28
N GLU C 192 14.22 -10.56 -10.58
CA GLU C 192 13.19 -10.70 -9.53
C GLU C 192 13.37 -11.91 -8.63
N ILE C 193 13.88 -13.01 -9.20
CA ILE C 193 14.20 -14.19 -8.38
CA ILE C 193 14.20 -14.18 -8.38
C ILE C 193 15.46 -13.88 -7.59
N ALA C 194 16.53 -13.51 -8.29
CA ALA C 194 17.84 -13.28 -7.67
C ALA C 194 17.82 -12.23 -6.58
N GLY C 195 16.88 -11.28 -6.68
CA GLY C 195 16.63 -10.24 -5.68
C GLY C 195 16.30 -10.75 -4.27
N LEU C 196 15.86 -12.01 -4.16
CA LEU C 196 15.56 -12.63 -2.85
C LEU C 196 16.80 -13.22 -2.17
N PHE C 197 17.93 -13.25 -2.87
CA PHE C 197 19.16 -13.88 -2.41
C PHE C 197 20.30 -12.91 -2.22
N ASP C 198 21.19 -13.24 -1.29
CA ASP C 198 22.42 -12.43 -1.08
C ASP C 198 23.47 -12.61 -2.19
N SER C 199 23.53 -13.81 -2.75
CA SER C 199 24.42 -14.19 -3.87
C SER C 199 23.76 -15.23 -4.76
N ILE C 200 24.21 -15.28 -6.02
CA ILE C 200 23.65 -16.16 -7.03
C ILE C 200 24.74 -16.74 -7.91
N TYR C 201 24.59 -18.02 -8.18
CA TYR C 201 25.31 -18.67 -9.26
C TYR C 201 24.34 -19.04 -10.40
N ILE C 202 24.74 -18.69 -11.61
CA ILE C 202 24.15 -19.10 -12.88
C ILE C 202 25.23 -19.76 -13.79
N SER C 203 24.75 -20.66 -14.67
CA SER C 203 25.61 -21.53 -15.49
C SER C 203 25.36 -21.22 -16.96
N PHE C 204 26.37 -21.43 -17.80
CA PHE C 204 26.18 -21.20 -19.24
C PHE C 204 26.16 -22.50 -20.07
N TYR C 205 26.18 -23.65 -19.42
CA TYR C 205 26.17 -24.89 -20.19
C TYR C 205 25.01 -25.83 -19.95
N GLY C 207 20.72 -25.21 -19.44
CA GLY C 207 19.65 -24.94 -20.38
C GLY C 207 20.02 -24.06 -21.55
N LEU C 208 20.97 -23.14 -21.32
CA LEU C 208 21.45 -22.22 -22.34
C LEU C 208 22.33 -22.91 -23.34
N GLY C 209 22.92 -24.05 -22.94
CA GLY C 209 23.66 -24.91 -23.85
C GLY C 209 24.94 -24.33 -24.47
N GLY C 210 25.63 -23.50 -23.71
CA GLY C 210 27.01 -23.07 -24.06
C GLY C 210 27.97 -24.22 -23.73
N ILE C 211 29.26 -23.90 -23.59
CA ILE C 211 30.28 -24.93 -23.49
C ILE C 211 30.60 -25.24 -22.03
N ALA C 212 30.88 -24.18 -21.27
CA ALA C 212 31.20 -24.25 -19.84
C ALA C 212 31.30 -22.83 -19.34
N GLY C 213 31.32 -22.67 -18.02
CA GLY C 213 31.41 -21.34 -17.41
C GLY C 213 30.25 -21.01 -16.53
N ALA C 214 30.47 -19.96 -15.72
CA ALA C 214 29.66 -19.59 -14.61
C ALA C 214 29.84 -18.10 -14.27
N ILE C 215 28.77 -17.52 -13.74
CA ILE C 215 28.78 -16.22 -13.08
C ILE C 215 28.34 -16.43 -11.63
N LEU C 216 29.03 -15.73 -10.72
CA LEU C 216 28.74 -15.67 -9.30
C LEU C 216 28.56 -14.16 -9.04
N ALA C 217 27.35 -13.78 -8.65
CA ALA C 217 27.01 -12.38 -8.48
C ALA C 217 26.56 -12.05 -7.05
N GLY C 218 26.74 -10.79 -6.67
CA GLY C 218 26.35 -10.36 -5.35
C GLY C 218 26.78 -8.92 -5.12
N PRO C 219 27.07 -8.56 -3.86
CA PRO C 219 27.57 -7.23 -3.44
C PRO C 219 29.03 -6.97 -3.82
N ALA C 220 29.41 -5.71 -3.95
CA ALA C 220 30.73 -5.31 -4.43
C ALA C 220 31.88 -5.96 -3.64
N ALA C 221 31.78 -5.92 -2.30
CA ALA C 221 32.82 -6.48 -1.44
C ALA C 221 32.88 -8.01 -1.60
N PHE C 222 31.72 -8.67 -1.58
CA PHE C 222 31.64 -10.12 -1.78
C PHE C 222 32.39 -10.55 -3.06
N CYS C 223 32.16 -9.81 -4.15
CA CYS C 223 32.73 -10.10 -5.45
C CYS C 223 34.23 -9.77 -5.50
N GLN C 224 34.63 -8.66 -4.87
CA GLN C 224 36.02 -8.34 -4.75
C GLN C 224 36.77 -9.48 -4.05
N THR C 225 36.18 -10.00 -2.99
CA THR C 225 36.75 -11.11 -2.26
C THR C 225 36.68 -12.38 -3.10
N ALA C 226 35.65 -12.50 -3.93
CA ALA C 226 35.50 -13.65 -4.82
C ALA C 226 36.64 -13.73 -5.86
N ARG C 227 37.08 -12.59 -6.39
CA ARG C 227 38.18 -12.58 -7.39
C ARG C 227 39.50 -13.05 -6.74
N ILE C 228 39.68 -12.74 -5.46
CA ILE C 228 40.87 -13.16 -4.73
C ILE C 228 40.86 -14.67 -4.56
N TRP C 229 39.72 -15.24 -4.14
CA TRP C 229 39.57 -16.69 -4.14
C TRP C 229 39.73 -17.30 -5.53
N LYS C 230 39.16 -16.67 -6.58
CA LYS C 230 39.40 -17.16 -7.95
C LYS C 230 40.91 -17.34 -8.27
N ARG C 231 41.76 -16.40 -7.87
CA ARG C 231 43.17 -16.52 -8.15
C ARG C 231 43.75 -17.65 -7.31
N ARG C 232 43.39 -17.71 -6.03
CA ARG C 232 43.83 -18.81 -5.11
C ARG C 232 43.53 -20.20 -5.68
N TYR C 233 42.33 -20.36 -6.20
CA TYR C 233 41.92 -21.65 -6.80
C TYR C 233 42.59 -21.98 -8.12
N GLY C 234 43.23 -21.00 -8.74
CA GLY C 234 43.84 -21.22 -10.04
C GLY C 234 42.79 -21.19 -11.13
N GLY C 235 41.65 -20.55 -10.84
CA GLY C 235 40.64 -20.30 -11.88
C GLY C 235 40.78 -18.96 -12.59
N ASP C 236 41.70 -18.11 -12.13
CA ASP C 236 41.92 -16.77 -12.70
C ASP C 236 42.89 -16.86 -13.90
N LEU C 237 42.36 -17.46 -14.97
CA LEU C 237 43.18 -17.86 -16.10
C LEU C 237 43.49 -16.60 -16.90
N ILE C 238 44.66 -16.58 -17.54
CA ILE C 238 45.01 -15.41 -18.37
C ILE C 238 43.92 -15.05 -19.41
N SER C 239 43.29 -16.09 -20.00
CA SER C 239 42.22 -15.94 -20.99
C SER C 239 41.09 -16.93 -20.76
N LEU C 240 39.90 -16.42 -20.42
CA LEU C 240 38.67 -17.22 -20.22
C LEU C 240 37.67 -16.97 -21.35
N TYR C 241 38.06 -16.13 -22.32
CA TYR C 241 37.19 -15.72 -23.43
C TYR C 241 36.70 -16.87 -24.29
N PRO C 242 37.48 -17.95 -24.41
CA PRO C 242 36.81 -19.09 -25.04
C PRO C 242 35.48 -19.52 -24.37
N TYR C 243 35.37 -19.37 -23.06
CA TYR C 243 34.10 -19.62 -22.35
C TYR C 243 33.21 -18.43 -22.33
N ILE C 244 33.79 -17.23 -22.22
CA ILE C 244 32.98 -16.05 -22.08
C ILE C 244 32.20 -15.70 -23.37
N VAL C 245 32.91 -15.63 -24.52
CA VAL C 245 32.30 -15.32 -25.83
C VAL C 245 31.23 -16.34 -26.21
N SER C 246 31.55 -17.61 -25.96
CA SER C 246 30.65 -18.66 -26.27
C SER C 246 29.45 -18.65 -25.33
N ALA C 247 29.66 -18.32 -24.05
CA ALA C 247 28.57 -18.14 -23.05
C ALA C 247 27.57 -17.10 -23.52
N ASP C 248 28.12 -15.95 -23.91
CA ASP C 248 27.29 -14.84 -24.41
C ASP C 248 26.53 -15.19 -25.69
N TYR C 249 27.18 -15.91 -26.60
CA TYR C 249 26.54 -16.36 -27.85
C TYR C 249 25.30 -17.20 -27.59
N TYR C 250 25.41 -18.18 -26.71
CA TYR C 250 24.28 -19.10 -26.52
C TYR C 250 23.25 -18.46 -25.62
N TYR C 251 23.67 -17.55 -24.74
CA TYR C 251 22.70 -16.76 -24.00
C TYR C 251 21.84 -15.91 -24.96
N GLU C 252 22.49 -15.10 -25.78
CA GLU C 252 21.70 -14.31 -26.73
C GLU C 252 20.84 -15.19 -27.66
N LEU C 253 21.38 -16.32 -28.11
CA LEU C 253 20.63 -17.30 -28.88
C LEU C 253 19.41 -17.92 -28.16
N ARG C 254 19.55 -18.36 -26.91
CA ARG C 254 18.47 -19.18 -26.27
C ARG C 254 17.72 -18.55 -25.05
N LYS C 255 18.06 -17.33 -24.69
CA LYS C 255 17.40 -16.66 -23.52
C LYS C 255 15.90 -16.47 -23.62
N ASP C 256 15.33 -16.48 -24.83
CA ASP C 256 13.87 -16.33 -24.97
C ASP C 256 13.20 -17.66 -25.38
N ARG C 257 13.93 -18.77 -25.25
CA ARG C 257 13.38 -20.08 -25.62
C ARG C 257 12.95 -20.91 -24.41
N GLY C 259 10.60 -20.58 -22.38
CA GLY C 259 9.14 -20.76 -22.41
C GLY C 259 8.72 -21.90 -23.32
N GLN C 260 9.24 -21.90 -24.53
CA GLN C 260 8.93 -23.02 -25.44
C GLN C 260 9.47 -24.37 -24.92
N TYR C 261 10.65 -24.39 -24.29
CA TYR C 261 11.17 -25.67 -23.81
C TYR C 261 10.28 -26.21 -22.67
N TYR C 262 9.78 -25.34 -21.79
CA TYR C 262 8.89 -25.76 -20.70
C TYR C 262 7.54 -26.30 -21.22
N GLU C 263 6.94 -25.57 -22.17
CA GLU C 263 5.72 -26.03 -22.83
C GLU C 263 5.93 -27.38 -23.50
N GLN C 264 7.07 -27.56 -24.15
CA GLN C 264 7.39 -28.83 -24.79
C GLN C 264 7.64 -29.94 -23.76
N ALA C 265 8.30 -29.61 -22.65
CA ALA C 265 8.54 -30.58 -21.60
C ALA C 265 7.19 -31.11 -21.06
N LYS C 266 6.25 -30.22 -20.83
CA LYS C 266 4.92 -30.59 -20.37
C LYS C 266 4.19 -31.53 -21.35
N GLN C 267 4.35 -31.26 -22.66
CA GLN C 267 3.77 -32.12 -23.71
C GLN C 267 4.41 -33.51 -23.70
N LEU C 268 5.72 -33.58 -23.52
CA LEU C 268 6.40 -34.85 -23.41
C LEU C 268 5.96 -35.66 -22.20
N ALA C 269 5.92 -35.04 -21.02
CA ALA C 269 5.59 -35.76 -19.78
C ALA C 269 4.16 -36.32 -19.90
N GLU C 270 3.29 -35.55 -20.56
CA GLU C 270 1.93 -36.02 -20.86
C GLU C 270 1.93 -37.30 -21.70
N GLN C 271 2.78 -37.36 -22.73
CA GLN C 271 2.90 -38.60 -23.54
C GLN C 271 3.42 -39.78 -22.70
N PHE C 272 4.43 -39.50 -21.87
CA PHE C 272 5.13 -40.54 -21.10
C PHE C 272 4.26 -41.09 -19.98
N ASN C 273 3.59 -40.22 -19.27
CA ASN C 273 2.66 -40.66 -18.20
C ASN C 273 1.50 -41.54 -18.72
N ALA C 274 1.10 -41.34 -19.98
CA ALA C 274 0.09 -42.16 -20.63
C ALA C 274 0.55 -43.60 -20.99
N LEU C 275 1.86 -43.87 -20.87
CA LEU C 275 2.41 -45.22 -21.04
C LEU C 275 2.25 -46.08 -19.75
N PRO C 276 1.71 -47.31 -19.87
CA PRO C 276 1.64 -48.13 -18.65
C PRO C 276 3.05 -48.55 -18.22
N GLY C 277 3.34 -48.40 -16.93
CA GLY C 277 4.64 -48.76 -16.38
C GLY C 277 5.68 -47.64 -16.49
N VAL C 278 5.22 -46.43 -16.83
CA VAL C 278 6.08 -45.26 -17.05
C VAL C 278 5.40 -44.06 -16.38
N HIS C 279 6.18 -43.24 -15.68
CA HIS C 279 5.68 -41.95 -15.20
C HIS C 279 6.84 -40.98 -15.00
N THR C 280 6.50 -39.70 -14.90
CA THR C 280 7.50 -38.66 -14.67
C THR C 280 7.45 -38.17 -13.21
N THR C 281 8.61 -37.66 -12.74
CA THR C 281 8.70 -36.94 -11.48
C THR C 281 9.34 -35.60 -11.81
N PRO C 282 8.62 -34.49 -11.63
CA PRO C 282 7.21 -34.33 -11.19
C PRO C 282 6.21 -34.72 -12.31
N GLU C 283 4.98 -35.09 -11.93
CA GLU C 283 3.97 -35.46 -12.92
C GLU C 283 3.90 -34.37 -14.00
N VAL C 284 3.87 -33.12 -13.54
CA VAL C 284 3.86 -31.99 -14.42
C VAL C 284 5.11 -31.16 -14.26
N PRO C 285 6.00 -31.18 -15.28
CA PRO C 285 7.18 -30.29 -15.25
C PRO C 285 6.87 -28.85 -14.92
N VAL C 286 7.78 -28.23 -14.16
CA VAL C 286 7.71 -26.82 -13.82
C VAL C 286 8.80 -26.06 -14.61
N SER C 287 9.37 -26.74 -15.61
CA SER C 287 10.48 -26.22 -16.40
C SER C 287 10.68 -27.12 -17.65
N ASN C 288 11.79 -26.93 -18.34
CA ASN C 288 12.17 -27.79 -19.44
C ASN C 288 12.55 -29.21 -19.03
N PHE C 290 12.46 -32.93 -16.42
CA PHE C 290 11.84 -33.88 -15.50
C PHE C 290 12.65 -35.14 -15.49
N HIS C 291 12.36 -36.02 -14.52
CA HIS C 291 12.85 -37.40 -14.54
C HIS C 291 11.77 -38.34 -15.07
N LEU C 292 12.19 -39.29 -15.90
CA LEU C 292 11.36 -40.33 -16.47
C LEU C 292 11.65 -41.64 -15.74
N HIS C 293 10.63 -42.23 -15.08
CA HIS C 293 10.74 -43.45 -14.28
C HIS C 293 10.12 -44.63 -15.05
N PHE C 294 10.84 -45.75 -15.16
CA PHE C 294 10.30 -46.99 -15.74
C PHE C 294 10.26 -48.12 -14.68
N ASP C 295 9.05 -48.66 -14.40
CA ASP C 295 8.89 -49.88 -13.56
C ASP C 295 9.75 -50.98 -14.19
N GLY C 296 10.48 -51.73 -13.36
CA GLY C 296 11.47 -52.73 -13.87
C GLY C 296 12.88 -52.16 -13.74
N GLN C 297 13.88 -52.98 -14.04
CA GLN C 297 15.28 -52.58 -13.94
C GLN C 297 15.84 -52.40 -15.36
N ALA C 298 17.07 -51.92 -15.44
CA ALA C 298 17.68 -51.60 -16.71
C ALA C 298 17.87 -52.84 -17.64
N ALA C 299 18.11 -54.03 -17.08
CA ALA C 299 18.14 -55.28 -17.85
C ALA C 299 16.81 -55.57 -18.53
N ASP C 300 15.74 -55.10 -17.91
CA ASP C 300 14.37 -55.24 -18.39
C ASP C 300 13.97 -54.16 -19.40
N ILE C 301 14.34 -52.92 -19.11
CA ILE C 301 13.82 -51.79 -19.88
C ILE C 301 14.70 -51.42 -21.07
N SER C 302 16.01 -51.58 -20.93
CA SER C 302 16.95 -51.19 -22.00
C SER C 302 16.70 -51.89 -23.34
N PRO C 303 16.43 -53.20 -23.33
CA PRO C 303 16.10 -53.83 -24.62
C PRO C 303 14.86 -53.21 -25.31
N LYS C 304 13.86 -52.77 -24.54
CA LYS C 304 12.68 -52.13 -25.14
C LYS C 304 13.03 -50.77 -25.77
N LEU C 305 13.82 -49.96 -25.07
CA LEU C 305 14.23 -48.67 -25.58
C LEU C 305 15.20 -48.78 -26.74
N GLU C 306 16.10 -49.77 -26.71
CA GLU C 306 17.03 -49.98 -27.83
CA GLU C 306 17.05 -50.05 -27.81
C GLU C 306 16.32 -50.23 -29.14
N GLN C 307 15.37 -51.14 -29.11
CA GLN C 307 14.66 -51.55 -30.32
C GLN C 307 13.83 -50.40 -30.93
N VAL C 308 13.24 -49.58 -30.05
CA VAL C 308 12.46 -48.41 -30.46
C VAL C 308 13.36 -47.41 -31.16
N GLN C 309 14.56 -47.19 -30.59
CA GLN C 309 15.46 -46.15 -31.04
C GLN C 309 16.25 -46.64 -32.26
N GLU C 310 16.50 -47.93 -32.35
CA GLU C 310 17.12 -48.50 -33.54
C GLU C 310 16.17 -48.37 -34.73
N GLU C 311 14.92 -48.79 -34.55
CA GLU C 311 13.93 -48.76 -35.63
C GLU C 311 13.51 -47.34 -36.06
N THR C 312 13.23 -46.49 -35.10
CA THR C 312 12.73 -45.14 -35.39
C THR C 312 13.78 -44.11 -35.78
N GLY C 313 14.97 -44.19 -35.18
CA GLY C 313 15.99 -43.15 -35.33
C GLY C 313 15.70 -41.95 -34.45
N LEU C 314 14.82 -42.12 -33.47
CA LEU C 314 14.46 -41.03 -32.54
C LEU C 314 14.89 -41.42 -31.12
N GLY C 315 15.65 -40.52 -30.47
CA GLY C 315 16.23 -40.70 -29.14
C GLY C 315 15.31 -40.22 -28.02
N PHE C 316 14.82 -41.18 -27.24
CA PHE C 316 13.99 -40.89 -26.07
C PHE C 316 14.82 -40.87 -24.81
N VAL C 317 15.77 -41.81 -24.75
CA VAL C 317 16.51 -42.13 -23.54
C VAL C 317 17.95 -42.44 -23.89
N GLY C 318 18.89 -41.70 -23.28
CA GLY C 318 20.32 -41.90 -23.47
C GLY C 318 20.92 -42.94 -22.55
N TYR C 319 20.37 -43.05 -21.34
CA TYR C 319 20.97 -43.88 -20.28
C TYR C 319 19.88 -44.09 -19.21
N LEU C 320 20.06 -45.13 -18.40
CA LEU C 320 19.21 -45.46 -17.23
C LEU C 320 20.03 -45.63 -15.97
N VAL C 321 19.45 -45.25 -14.83
CA VAL C 321 20.11 -45.42 -13.53
C VAL C 321 19.17 -46.30 -12.76
N ASP C 322 19.65 -47.48 -12.35
CA ASP C 322 18.79 -48.44 -11.64
C ASP C 322 18.47 -47.93 -10.22
N LYS C 323 17.23 -48.12 -9.80
CA LYS C 323 16.77 -47.71 -8.47
C LYS C 323 16.01 -48.89 -7.86
N ASP C 324 15.21 -48.64 -6.82
CA ASP C 324 14.54 -49.76 -6.16
C ASP C 324 13.31 -50.15 -6.96
N GLY C 325 13.46 -51.16 -7.82
CA GLY C 325 12.32 -51.68 -8.58
C GLY C 325 11.93 -50.80 -9.76
N TYR C 326 12.75 -49.80 -10.04
CA TYR C 326 12.55 -48.99 -11.21
C TYR C 326 13.87 -48.45 -11.65
N CYS C 327 13.84 -47.82 -12.82
CA CYS C 327 15.01 -47.17 -13.36
C CYS C 327 14.59 -45.79 -13.93
N SER C 328 15.54 -44.87 -13.87
CA SER C 328 15.29 -43.48 -14.18
CA SER C 328 15.31 -43.45 -14.13
C SER C 328 16.21 -42.92 -15.24
N THR C 329 15.76 -41.86 -15.88
CA THR C 329 16.60 -40.97 -16.69
C THR C 329 16.07 -39.55 -16.52
N GLU C 330 16.96 -38.59 -16.78
CA GLU C 330 16.63 -37.18 -16.73
C GLU C 330 16.51 -36.59 -18.17
N ILE C 331 15.40 -35.91 -18.44
CA ILE C 331 15.11 -35.26 -19.72
C ILE C 331 15.17 -33.77 -19.46
N SER C 332 15.87 -33.04 -20.31
CA SER C 332 15.92 -31.56 -20.20
C SER C 332 15.70 -30.96 -21.58
N VAL C 333 14.52 -30.39 -21.84
CA VAL C 333 14.18 -29.96 -23.21
C VAL C 333 15.11 -28.83 -23.65
N GLY C 334 15.45 -28.86 -24.93
CA GLY C 334 16.28 -27.87 -25.55
C GLY C 334 15.93 -27.78 -27.02
N ASP C 335 16.90 -27.41 -27.83
CA ASP C 335 16.66 -27.22 -29.28
C ASP C 335 16.37 -28.53 -30.00
N ALA C 336 16.88 -29.66 -29.51
CA ALA C 336 16.71 -30.91 -30.25
C ALA C 336 15.26 -31.24 -30.52
N TYR C 337 14.40 -31.11 -29.49
CA TYR C 337 12.99 -31.54 -29.63
C TYR C 337 12.30 -30.74 -30.74
N GLY C 338 12.48 -29.44 -30.68
CA GLY C 338 11.87 -28.51 -31.64
C GLY C 338 12.20 -28.76 -33.10
N GLU C 339 13.29 -29.50 -33.34
CA GLU C 339 13.68 -29.92 -34.70
C GLU C 339 12.91 -31.13 -35.22
N LEU C 340 12.09 -31.74 -34.37
CA LEU C 340 11.28 -32.91 -34.75
C LEU C 340 9.94 -32.48 -35.32
N ASP C 341 9.57 -32.97 -36.50
CA ASP C 341 8.29 -32.61 -37.12
C ASP C 341 7.16 -33.51 -36.65
N GLN C 342 5.94 -33.25 -37.12
CA GLN C 342 4.74 -34.00 -36.64
C GLN C 342 4.79 -35.48 -37.04
N GLN C 343 5.27 -35.77 -38.24
CA GLN C 343 5.42 -37.15 -38.72
CA GLN C 343 5.40 -37.15 -38.71
C GLN C 343 6.44 -37.92 -37.88
N THR C 344 7.54 -37.25 -37.56
CA THR C 344 8.61 -37.87 -36.76
C THR C 344 8.20 -38.20 -35.33
N ARG C 345 7.60 -37.24 -34.64
CA ARG C 345 7.12 -37.48 -33.27
CA ARG C 345 7.12 -37.46 -33.27
C ARG C 345 6.02 -38.55 -33.24
N ASP C 346 5.11 -38.52 -34.20
CA ASP C 346 4.02 -39.50 -34.23
C ASP C 346 4.49 -40.95 -34.44
N ALA C 347 5.43 -41.18 -35.37
CA ALA C 347 5.97 -42.55 -35.58
C ALA C 347 6.82 -43.01 -34.39
N GLY C 348 7.58 -42.08 -33.79
CA GLY C 348 8.42 -42.41 -32.64
C GLY C 348 7.58 -42.83 -31.44
N PHE C 349 6.63 -41.98 -31.09
CA PHE C 349 5.70 -42.27 -30.02
C PHE C 349 4.81 -43.51 -30.32
N ALA C 350 4.38 -43.69 -31.57
CA ALA C 350 3.66 -44.92 -31.95
C ALA C 350 4.50 -46.20 -31.67
N ARG C 351 5.77 -46.18 -32.05
CA ARG C 351 6.65 -47.30 -31.77
C ARG C 351 6.91 -47.47 -30.25
N LEU C 352 7.11 -46.36 -29.53
CA LEU C 352 7.30 -46.39 -28.05
C LEU C 352 6.06 -47.00 -27.36
N ARG C 353 4.88 -46.57 -27.81
CA ARG C 353 3.64 -47.18 -27.38
C ARG C 353 3.58 -48.71 -27.58
N GLN C 354 3.99 -49.21 -28.74
CA GLN C 354 4.06 -50.68 -28.92
C GLN C 354 4.96 -51.35 -27.89
N ALA C 355 6.10 -50.71 -27.61
CA ALA C 355 7.04 -51.20 -26.61
C ALA C 355 6.43 -51.30 -25.22
N PHE C 356 5.63 -50.31 -24.85
CA PHE C 356 5.00 -50.22 -23.54
C PHE C 356 3.48 -50.21 -23.65
N ASN D 3 48.40 4.91 -19.10
CA ASN D 3 49.87 4.63 -19.01
C ASN D 3 50.41 4.60 -20.44
N ARG D 4 51.22 5.60 -20.77
CA ARG D 4 51.65 5.85 -22.14
C ARG D 4 52.65 4.83 -22.69
N LEU D 5 53.44 4.21 -21.80
CA LEU D 5 54.38 3.15 -22.19
C LEU D 5 53.68 1.86 -22.65
N ARG D 6 52.70 1.41 -21.88
CA ARG D 6 51.91 0.24 -22.27
C ARG D 6 51.22 0.53 -23.60
N THR D 7 50.63 1.73 -23.72
CA THR D 7 49.93 2.11 -24.94
C THR D 7 50.86 2.18 -26.14
N SER D 8 52.04 2.80 -25.97
CA SER D 8 53.07 2.88 -27.04
C SER D 8 53.48 1.50 -27.59
N PHE D 9 53.56 0.52 -26.70
CA PHE D 9 53.96 -0.86 -27.06
C PHE D 9 52.85 -1.59 -27.81
N GLN D 10 51.61 -1.33 -27.40
CA GLN D 10 50.44 -2.04 -27.95
C GLN D 10 50.13 -1.59 -29.38
N GLN D 11 50.43 -0.33 -29.70
CA GLN D 11 50.15 0.21 -31.01
C GLN D 11 51.13 -0.25 -32.06
N THR D 12 52.28 -0.75 -31.64
CA THR D 12 53.33 -1.12 -32.58
C THR D 12 52.92 -2.22 -33.57
N THR D 13 53.46 -2.16 -34.79
CA THR D 13 53.15 -3.14 -35.84
C THR D 13 54.16 -4.31 -35.78
N GLY D 14 55.10 -4.25 -34.84
CA GLY D 14 55.97 -5.36 -34.58
C GLY D 14 56.56 -5.20 -33.19
N GLN D 15 57.04 -6.31 -32.65
CA GLN D 15 57.67 -6.33 -31.32
C GLN D 15 58.84 -7.29 -31.28
N ILE D 16 59.73 -7.05 -30.33
CA ILE D 16 60.87 -7.93 -30.13
C ILE D 16 60.50 -9.08 -29.19
N SER D 17 59.51 -8.85 -28.32
CA SER D 17 59.06 -9.88 -27.34
C SER D 17 57.72 -10.44 -27.68
N GLY D 18 57.56 -11.71 -27.32
CA GLY D 18 56.28 -12.36 -27.47
C GLY D 18 56.05 -12.86 -28.87
N HIS D 19 54.82 -13.28 -29.10
CA HIS D 19 54.38 -13.93 -30.30
C HIS D 19 53.48 -13.06 -31.15
N GLY D 20 52.95 -12.00 -30.56
CA GLY D 20 52.08 -11.06 -31.24
C GLY D 20 50.92 -10.77 -30.31
N LYS D 21 49.87 -10.15 -30.84
CA LYS D 21 48.75 -9.75 -30.00
C LYS D 21 47.99 -10.98 -29.50
N ARG D 22 47.63 -10.92 -28.23
CA ARG D 22 46.88 -11.97 -27.58
C ARG D 22 45.43 -11.66 -27.91
N ASN D 23 44.99 -12.14 -29.07
CA ASN D 23 43.61 -11.87 -29.53
C ASN D 23 42.84 -13.15 -29.81
N VAL D 24 41.56 -12.99 -30.16
CA VAL D 24 40.66 -14.11 -30.42
C VAL D 24 41.15 -14.97 -31.61
N GLY D 25 41.78 -14.32 -32.57
CA GLY D 25 42.45 -15.02 -33.71
C GLY D 25 43.44 -16.10 -33.30
N VAL D 26 44.06 -16.00 -32.13
CA VAL D 26 44.85 -17.13 -31.63
C VAL D 26 43.94 -18.38 -31.51
N LEU D 27 42.71 -18.22 -31.06
CA LEU D 27 41.81 -19.38 -30.88
C LEU D 27 41.30 -19.85 -32.22
N LYS D 28 40.85 -18.90 -33.05
CA LYS D 28 40.25 -19.22 -34.36
C LYS D 28 41.20 -19.93 -35.30
N THR D 29 42.45 -19.51 -35.30
CA THR D 29 43.54 -20.22 -36.03
C THR D 29 43.72 -21.69 -35.69
N ALA D 30 43.79 -21.98 -34.38
CA ALA D 30 43.95 -23.35 -33.87
C ALA D 30 42.80 -24.27 -34.28
N PHE D 31 41.60 -23.70 -34.38
CA PHE D 31 40.38 -24.44 -34.74
C PHE D 31 40.05 -24.44 -36.26
N ALA D 32 40.75 -23.63 -37.03
CA ALA D 32 40.48 -23.43 -38.47
C ALA D 32 40.42 -24.71 -39.34
N ALA D 33 41.13 -25.76 -38.96
CA ALA D 33 41.11 -27.02 -39.71
C ALA D 33 40.63 -28.22 -38.86
N VAL D 34 39.97 -27.92 -37.74
CA VAL D 34 39.45 -28.93 -36.78
C VAL D 34 37.97 -29.20 -37.09
N ALA D 35 37.60 -30.47 -37.23
CA ALA D 35 36.24 -30.80 -37.70
C ALA D 35 35.16 -30.40 -36.69
N ASP D 36 34.06 -29.78 -37.16
CA ASP D 36 32.93 -29.40 -36.27
C ASP D 36 32.45 -30.59 -35.46
N GLU D 37 32.39 -31.76 -36.11
CA GLU D 37 31.89 -33.04 -35.53
C GLU D 37 32.79 -33.75 -34.51
N ALA D 39 34.19 -34.88 -31.22
CA ALA D 39 33.53 -34.98 -29.92
C ALA D 39 34.31 -34.19 -28.89
N SER D 40 33.57 -33.55 -28.00
CA SER D 40 34.11 -32.98 -26.79
C SER D 40 34.64 -34.03 -25.84
N ASP D 41 35.64 -33.62 -25.07
CA ASP D 41 36.00 -34.30 -23.83
C ASP D 41 34.81 -34.22 -22.87
N GLN D 42 34.85 -35.03 -21.82
CA GLN D 42 33.80 -35.04 -20.81
C GLN D 42 34.36 -35.24 -19.42
N TYR D 43 34.29 -34.16 -18.65
CA TYR D 43 34.67 -34.19 -17.25
C TYR D 43 35.98 -34.98 -17.06
N GLY D 44 37.02 -34.61 -17.79
CA GLY D 44 38.37 -35.15 -17.54
C GLY D 44 38.78 -36.37 -18.33
N THR D 45 37.82 -37.03 -18.98
CA THR D 45 38.06 -38.25 -19.77
C THR D 45 37.39 -38.17 -21.15
N GLY D 46 37.71 -39.16 -21.98
CA GLY D 46 37.11 -39.27 -23.32
C GLY D 46 37.99 -38.64 -24.38
N ALA D 47 37.35 -38.19 -25.45
CA ALA D 47 38.07 -37.68 -26.60
C ALA D 47 38.85 -36.41 -26.26
N ILE D 48 39.85 -36.13 -27.10
CA ILE D 48 40.71 -34.93 -27.03
C ILE D 48 41.62 -35.00 -25.81
N ILE D 49 41.03 -35.06 -24.61
CA ILE D 49 41.83 -35.01 -23.38
C ILE D 49 42.75 -36.21 -23.13
N GLU D 50 42.23 -37.44 -23.28
CA GLU D 50 43.03 -38.66 -23.06
C GLU D 50 44.19 -38.80 -24.07
N PRO D 51 43.92 -38.74 -25.38
CA PRO D 51 45.07 -38.68 -26.27
C PRO D 51 46.12 -37.64 -25.90
N PHE D 52 45.66 -36.45 -25.48
CA PHE D 52 46.56 -35.33 -25.21
C PHE D 52 47.39 -35.59 -23.93
N GLU D 53 46.73 -36.16 -22.93
CA GLU D 53 47.42 -36.54 -21.71
C GLU D 53 48.45 -37.63 -21.99
N GLN D 54 48.08 -38.60 -22.84
CA GLN D 54 49.01 -39.67 -23.20
C GLN D 54 50.22 -39.08 -23.94
N LYS D 55 49.97 -38.23 -24.93
CA LYS D 55 51.05 -37.55 -25.66
C LYS D 55 52.07 -36.92 -24.69
N PHE D 56 51.58 -36.14 -23.72
CA PHE D 56 52.49 -35.41 -22.85
C PHE D 56 53.16 -36.25 -21.77
N ALA D 57 52.49 -37.32 -21.30
CA ALA D 57 53.12 -38.32 -20.44
C ALA D 57 54.38 -38.85 -21.13
N ASP D 58 54.22 -39.23 -22.40
CA ASP D 58 55.31 -39.76 -23.22
C ASP D 58 56.38 -38.70 -23.49
N VAL D 59 55.97 -37.49 -23.88
CA VAL D 59 56.93 -36.40 -24.06
C VAL D 59 57.78 -36.16 -22.82
N LEU D 60 57.17 -36.30 -21.64
CA LEU D 60 57.84 -36.09 -20.37
C LEU D 60 58.43 -37.37 -19.69
N GLY D 61 58.19 -38.56 -20.24
CA GLY D 61 58.66 -39.83 -19.65
C GLY D 61 58.08 -40.21 -18.28
N ASP D 63 54.58 -41.91 -16.01
CA ASP D 63 53.49 -42.88 -16.14
C ASP D 63 52.25 -42.29 -16.80
N ASP D 64 51.93 -41.03 -16.44
CA ASP D 64 50.62 -40.44 -16.73
C ASP D 64 50.66 -38.91 -16.59
N ALA D 65 49.63 -38.25 -17.04
CA ALA D 65 49.58 -36.82 -16.98
C ALA D 65 48.15 -36.32 -17.02
N VAL D 66 47.93 -35.20 -16.36
CA VAL D 66 46.60 -34.60 -16.19
C VAL D 66 46.58 -33.17 -16.75
N PHE D 67 45.62 -32.90 -17.63
CA PHE D 67 45.43 -31.56 -18.14
C PHE D 67 44.73 -30.69 -17.08
N PHE D 68 45.42 -29.63 -16.64
CA PHE D 68 44.82 -28.63 -15.79
C PHE D 68 44.55 -27.34 -16.50
N PRO D 69 43.47 -26.64 -16.08
CA PRO D 69 43.23 -25.35 -16.69
C PRO D 69 44.38 -24.38 -16.39
N SER D 70 45.02 -24.52 -15.23
CA SER D 70 46.07 -23.61 -14.86
C SER D 70 47.14 -24.34 -14.08
N GLY D 71 48.34 -23.77 -14.20
CA GLY D 71 49.53 -24.14 -13.44
C GLY D 71 49.45 -23.75 -11.99
N THR D 72 48.71 -22.68 -11.69
CA THR D 72 48.39 -22.33 -10.30
C THR D 72 47.71 -23.51 -9.62
N ALA D 74 47.44 -26.73 -10.86
CA ALA D 74 48.22 -27.97 -11.02
C ALA D 74 49.25 -28.08 -9.90
N GLN D 75 49.96 -26.99 -9.63
CA GLN D 75 51.12 -27.06 -8.72
C GLN D 75 50.71 -27.13 -7.25
N GLN D 76 49.61 -26.49 -6.88
CA GLN D 76 49.10 -26.61 -5.51
C GLN D 76 48.65 -28.04 -5.24
N VAL D 77 48.06 -28.68 -6.25
CA VAL D 77 47.63 -30.05 -6.15
C VAL D 77 48.85 -30.99 -6.04
N ALA D 78 49.85 -30.76 -6.88
CA ALA D 78 51.12 -31.52 -6.78
C ALA D 78 51.71 -31.54 -5.35
N LEU D 79 51.89 -30.35 -4.81
CA LEU D 79 52.50 -30.16 -3.52
C LEU D 79 51.66 -30.86 -2.45
N ARG D 80 50.33 -30.67 -2.48
CA ARG D 80 49.45 -31.36 -1.54
C ARG D 80 49.52 -32.87 -1.56
N ILE D 81 49.61 -33.43 -2.77
CA ILE D 81 49.69 -34.89 -2.92
C ILE D 81 50.98 -35.39 -2.27
N TRP D 82 52.10 -34.76 -2.58
CA TRP D 82 53.34 -35.11 -1.93
C TRP D 82 53.33 -34.97 -0.40
N SER D 83 52.74 -33.88 0.08
CA SER D 83 52.60 -33.60 1.47
C SER D 83 51.79 -34.67 2.18
N ASP D 84 50.64 -35.01 1.62
CA ASP D 84 49.85 -36.15 2.05
C ASP D 84 50.66 -37.44 1.98
N GLU D 85 51.34 -37.68 0.87
CA GLU D 85 52.12 -38.93 0.74
C GLU D 85 53.33 -39.03 1.68
N THR D 86 54.01 -37.93 1.97
CA THR D 86 55.17 -38.00 2.84
C THR D 86 54.84 -37.85 4.31
N ASP D 87 53.54 -37.65 4.63
CA ASP D 87 53.08 -37.25 5.96
C ASP D 87 53.89 -36.05 6.44
N ASN D 88 54.18 -35.09 5.55
CA ASN D 88 54.97 -33.89 5.92
C ASN D 88 54.33 -32.62 5.34
N ARG D 89 54.05 -31.66 6.24
CA ARG D 89 53.33 -30.44 5.92
C ARG D 89 54.21 -29.26 5.60
N THR D 90 55.47 -29.51 5.27
CA THR D 90 56.36 -28.42 4.88
C THR D 90 56.88 -28.67 3.46
N VAL D 91 56.81 -27.62 2.65
CA VAL D 91 57.38 -27.62 1.31
C VAL D 91 58.45 -26.55 1.25
N ALA D 92 59.28 -26.62 0.21
CA ALA D 92 60.44 -25.75 0.12
C ALA D 92 60.65 -25.29 -1.31
N TYR D 93 61.02 -24.02 -1.48
CA TYR D 93 61.25 -23.47 -2.81
C TYR D 93 61.93 -22.11 -2.72
N HIS D 94 62.33 -21.56 -3.87
CA HIS D 94 62.96 -20.25 -3.95
C HIS D 94 61.99 -19.16 -3.45
N PRO D 95 62.49 -18.02 -2.87
CA PRO D 95 61.57 -17.01 -2.34
C PRO D 95 60.62 -16.35 -3.34
N LEU D 96 60.93 -16.39 -4.63
CA LEU D 96 60.10 -15.76 -5.65
C LEU D 96 59.39 -16.80 -6.50
N CYS D 97 59.20 -17.99 -5.94
CA CYS D 97 58.38 -19.04 -6.53
C CYS D 97 56.97 -18.50 -6.81
N HIS D 98 56.44 -18.80 -8.00
CA HIS D 98 55.07 -18.37 -8.39
C HIS D 98 54.02 -18.60 -7.32
N LEU D 99 54.09 -19.73 -6.61
CA LEU D 99 53.12 -20.03 -5.52
C LEU D 99 53.28 -19.12 -4.31
N GLU D 100 54.49 -18.67 -4.05
CA GLU D 100 54.70 -17.72 -2.93
C GLU D 100 54.16 -16.34 -3.25
N ILE D 101 54.34 -15.86 -4.49
CA ILE D 101 54.11 -14.44 -4.76
C ILE D 101 53.02 -14.07 -5.80
N HIS D 102 52.52 -15.02 -6.59
CA HIS D 102 51.61 -14.70 -7.74
C HIS D 102 50.27 -15.40 -7.69
N GLU D 103 49.95 -16.01 -6.53
CA GLU D 103 48.74 -16.79 -6.39
C GLU D 103 47.86 -16.41 -5.18
N GLN D 104 47.99 -15.18 -4.68
CA GLN D 104 47.23 -14.74 -3.50
C GLN D 104 47.32 -15.70 -2.31
N ASP D 105 48.50 -16.30 -2.16
CA ASP D 105 48.80 -17.26 -1.07
C ASP D 105 47.92 -18.53 -1.13
N GLY D 106 47.45 -18.89 -2.34
CA GLY D 106 46.51 -20.00 -2.52
C GLY D 106 46.89 -21.28 -1.82
N LEU D 107 48.17 -21.63 -1.92
CA LEU D 107 48.68 -22.87 -1.32
C LEU D 107 48.44 -22.87 0.18
N LYS D 108 48.80 -21.77 0.85
CA LYS D 108 48.65 -21.68 2.30
C LYS D 108 47.21 -21.53 2.75
N GLU D 109 46.38 -20.95 1.89
CA GLU D 109 44.99 -20.71 2.28
C GLU D 109 44.13 -21.91 2.01
N LEU D 110 44.48 -22.71 1.02
CA LEU D 110 43.63 -23.81 0.66
C LEU D 110 44.11 -25.11 1.30
N HIS D 111 45.34 -25.12 1.86
CA HIS D 111 45.94 -26.34 2.40
C HIS D 111 46.68 -26.05 3.69
N PRO D 112 46.74 -27.04 4.60
CA PRO D 112 47.47 -26.87 5.87
C PRO D 112 49.00 -26.98 5.71
N ILE D 113 49.56 -26.23 4.75
CA ILE D 113 50.97 -26.34 4.39
C ILE D 113 51.73 -25.06 4.69
N GLU D 114 52.94 -25.21 5.24
CA GLU D 114 53.88 -24.12 5.48
C GLU D 114 55.00 -24.24 4.47
N THR D 115 55.63 -23.13 4.12
CA THR D 115 56.67 -23.13 3.11
C THR D 115 57.93 -22.55 3.71
N ILE D 116 59.07 -23.10 3.28
CA ILE D 116 60.38 -22.59 3.64
C ILE D 116 60.98 -21.99 2.39
N LEU D 117 61.37 -20.71 2.47
CA LEU D 117 62.04 -20.06 1.34
C LEU D 117 63.58 -20.32 1.35
N VAL D 118 64.11 -20.87 0.24
CA VAL D 118 65.50 -21.35 0.20
C VAL D 118 66.39 -20.46 -0.64
N GLY D 119 67.47 -19.96 -0.01
CA GLY D 119 68.43 -19.05 -0.63
C GLY D 119 68.07 -17.59 -0.43
N ALA D 120 68.53 -16.76 -1.36
CA ALA D 120 68.21 -15.35 -1.38
C ALA D 120 67.31 -15.04 -2.60
N ALA D 121 66.40 -14.07 -2.41
CA ALA D 121 65.46 -13.66 -3.46
C ALA D 121 66.17 -13.26 -4.75
N ASP D 122 67.41 -12.75 -4.63
CA ASP D 122 68.11 -12.21 -5.78
C ASP D 122 69.02 -13.21 -6.55
N ARG D 123 69.10 -14.48 -6.12
CA ARG D 123 69.95 -15.47 -6.82
C ARG D 123 69.42 -16.90 -6.74
N LEU D 124 70.10 -17.84 -7.41
CA LEU D 124 69.80 -19.25 -7.32
C LEU D 124 70.14 -19.79 -5.92
N THR D 126 71.72 -22.55 -3.46
CA THR D 126 72.86 -23.45 -3.56
C THR D 126 72.57 -24.82 -2.93
N LEU D 127 73.43 -25.78 -3.27
CA LEU D 127 73.29 -27.14 -2.82
C LEU D 127 73.49 -27.29 -1.33
N ASP D 128 74.42 -26.53 -0.75
CA ASP D 128 74.53 -26.42 0.72
C ASP D 128 73.28 -25.89 1.38
N GLU D 129 72.64 -24.92 0.76
CA GLU D 129 71.36 -24.42 1.30
C GLU D 129 70.25 -25.49 1.21
N ILE D 130 70.22 -26.29 0.14
CA ILE D 130 69.29 -27.43 0.00
C ILE D 130 69.58 -28.48 1.10
N LYS D 131 70.85 -28.88 1.24
CA LYS D 131 71.31 -29.82 2.30
C LYS D 131 71.01 -29.39 3.77
N ALA D 132 71.01 -28.09 4.02
CA ALA D 132 70.66 -27.58 5.33
C ALA D 132 69.13 -27.53 5.56
N LEU D 133 68.33 -28.05 4.61
CA LEU D 133 66.87 -28.08 4.78
C LEU D 133 66.47 -29.17 5.79
N PRO D 134 65.64 -28.82 6.79
CA PRO D 134 64.96 -29.86 7.57
C PRO D 134 64.11 -30.75 6.69
N ASP D 135 63.59 -31.82 7.28
CA ASP D 135 62.83 -32.84 6.55
C ASP D 135 61.58 -32.16 6.02
N ILE D 136 61.41 -32.19 4.71
CA ILE D 136 60.26 -31.51 4.09
C ILE D 136 59.55 -32.51 3.17
N ALA D 137 58.34 -32.19 2.71
CA ALA D 137 57.62 -33.13 1.84
C ALA D 137 58.14 -33.06 0.43
N CYS D 138 58.47 -31.86 0.00
CA CYS D 138 58.78 -31.59 -1.41
C CYS D 138 59.60 -30.32 -1.58
N LEU D 139 60.55 -30.40 -2.50
CA LEU D 139 61.31 -29.29 -2.90
C LEU D 139 60.89 -28.98 -4.33
N LEU D 140 60.58 -27.70 -4.57
CA LEU D 140 60.17 -27.27 -5.91
C LEU D 140 61.30 -26.48 -6.53
N LEU D 141 61.71 -26.89 -7.74
CA LEU D 141 62.63 -26.10 -8.55
C LEU D 141 61.87 -25.53 -9.74
N GLU D 142 62.29 -24.35 -10.19
CA GLU D 142 61.75 -23.65 -11.35
C GLU D 142 62.86 -23.46 -12.38
N LEU D 143 62.79 -24.13 -13.52
CA LEU D 143 63.81 -24.05 -14.59
C LEU D 143 63.30 -23.23 -15.78
N PRO D 144 63.90 -22.03 -16.04
CA PRO D 144 64.84 -21.29 -15.24
C PRO D 144 64.12 -20.43 -14.19
N GLN D 145 64.90 -19.82 -13.31
CA GLN D 145 64.40 -18.86 -12.36
C GLN D 145 64.07 -17.55 -13.08
N ARG D 146 62.80 -17.42 -13.41
CA ARG D 146 62.30 -16.35 -14.20
C ARG D 146 62.42 -14.98 -13.53
N GLU D 147 62.12 -14.93 -12.23
CA GLU D 147 62.03 -13.63 -11.50
C GLU D 147 63.39 -12.95 -11.34
N ILE D 148 64.47 -13.70 -11.48
CA ILE D 148 65.80 -13.07 -11.57
C ILE D 148 66.40 -13.01 -13.00
N GLY D 149 65.59 -13.22 -14.03
CA GLY D 149 66.03 -13.03 -15.43
C GLY D 149 66.17 -14.26 -16.31
N GLY D 150 65.95 -15.45 -15.76
CA GLY D 150 66.05 -16.68 -16.53
C GLY D 150 67.43 -17.30 -16.41
N VAL D 151 67.79 -17.58 -15.16
CA VAL D 151 69.06 -18.20 -14.79
CA VAL D 151 69.06 -18.25 -14.86
C VAL D 151 68.75 -19.61 -14.27
N ALA D 152 69.58 -20.60 -14.64
CA ALA D 152 69.34 -21.99 -14.30
C ALA D 152 70.65 -22.70 -13.90
N PRO D 153 70.56 -23.64 -12.95
CA PRO D 153 71.74 -24.46 -12.60
C PRO D 153 72.13 -25.38 -13.73
N ALA D 154 73.39 -25.84 -13.73
CA ALA D 154 73.86 -26.80 -14.75
C ALA D 154 73.15 -28.15 -14.60
N PHE D 155 73.08 -28.90 -15.69
CA PHE D 155 72.47 -30.22 -15.62
C PHE D 155 73.13 -31.09 -14.54
N SER D 156 74.44 -31.00 -14.42
CA SER D 156 75.12 -31.84 -13.42
C SER D 156 74.63 -31.55 -12.00
N GLU D 157 74.35 -30.27 -11.72
CA GLU D 157 73.83 -29.82 -10.44
C GLU D 157 72.42 -30.34 -10.22
N LEU D 158 71.62 -30.36 -11.29
CA LEU D 158 70.26 -30.89 -11.17
C LEU D 158 70.28 -32.38 -10.76
N GLU D 159 71.27 -33.13 -11.25
CA GLU D 159 71.40 -34.56 -10.97
C GLU D 159 71.83 -34.80 -9.53
N THR D 160 72.76 -33.97 -9.07
CA THR D 160 73.20 -34.03 -7.67
C THR D 160 72.05 -33.67 -6.74
N ILE D 161 71.26 -32.67 -7.11
CA ILE D 161 70.08 -32.33 -6.32
C ILE D 161 69.06 -33.49 -6.34
N SER D 162 68.89 -34.11 -7.49
CA SER D 162 67.92 -35.19 -7.65
C SER D 162 68.33 -36.37 -6.76
N ARG D 163 69.63 -36.71 -6.80
CA ARG D 163 70.13 -37.86 -6.04
C ARG D 163 69.98 -37.60 -4.56
N TYR D 164 70.32 -36.40 -4.13
CA TYR D 164 70.22 -36.01 -2.71
C TYR D 164 68.78 -36.11 -2.19
N CYS D 165 67.87 -35.40 -2.86
CA CYS D 165 66.45 -35.49 -2.47
C CYS D 165 65.95 -36.93 -2.40
N ARG D 166 66.29 -37.72 -3.43
CA ARG D 166 65.90 -39.14 -3.48
C ARG D 166 66.45 -39.92 -2.27
N GLU D 167 67.70 -39.63 -1.91
CA GLU D 167 68.37 -40.36 -0.81
C GLU D 167 67.84 -39.91 0.55
N ARG D 168 67.15 -38.78 0.57
CA ARG D 168 66.49 -38.28 1.78
C ARG D 168 64.95 -38.45 1.81
N GLY D 169 64.39 -39.03 0.76
CA GLY D 169 62.92 -39.20 0.64
C GLY D 169 62.13 -37.89 0.49
N ILE D 170 62.79 -36.85 -0.02
CA ILE D 170 62.16 -35.57 -0.34
C ILE D 170 61.75 -35.63 -1.81
N ARG D 171 60.46 -35.38 -2.07
CA ARG D 171 59.95 -35.37 -3.44
C ARG D 171 60.40 -34.11 -4.15
N LEU D 172 60.85 -34.24 -5.38
CA LEU D 172 61.36 -33.12 -6.19
C LEU D 172 60.34 -32.80 -7.28
N HIS D 173 59.73 -31.62 -7.21
CA HIS D 173 58.77 -31.20 -8.22
C HIS D 173 59.33 -30.10 -9.12
N LEU D 174 59.14 -30.26 -10.44
CA LEU D 174 59.59 -29.26 -11.41
C LEU D 174 58.49 -28.29 -11.81
N ASP D 175 58.70 -27.00 -11.51
CA ASP D 175 57.99 -25.92 -12.19
C ASP D 175 58.64 -25.70 -13.53
N GLY D 176 58.06 -26.35 -14.54
CA GLY D 176 58.57 -26.27 -15.91
C GLY D 176 57.69 -25.42 -16.83
N ALA D 177 57.17 -24.31 -16.30
CA ALA D 177 56.43 -23.30 -17.08
C ALA D 177 57.18 -22.91 -18.35
N ARG D 178 58.52 -22.89 -18.23
CA ARG D 178 59.43 -22.52 -19.33
C ARG D 178 60.44 -23.62 -19.64
N LEU D 179 59.99 -24.87 -19.55
CA LEU D 179 60.85 -26.02 -19.78
C LEU D 179 61.39 -26.07 -21.20
N PHE D 180 60.48 -25.98 -22.17
CA PHE D 180 60.89 -26.13 -23.58
C PHE D 180 61.93 -25.06 -23.90
N GLU D 181 61.74 -23.88 -23.31
CA GLU D 181 62.63 -22.73 -23.51
C GLU D 181 64.08 -23.01 -23.07
N LEU D 183 65.59 -26.15 -23.18
CA LEU D 183 66.11 -27.39 -23.78
C LEU D 183 67.26 -27.20 -24.74
N PRO D 184 67.27 -26.11 -25.52
CA PRO D 184 68.43 -25.80 -26.39
C PRO D 184 69.77 -25.60 -25.66
N TYR D 185 69.71 -24.88 -24.53
CA TYR D 185 70.88 -24.63 -23.69
C TYR D 185 71.35 -25.92 -23.02
N TYR D 186 70.41 -26.64 -22.38
CA TYR D 186 70.75 -27.94 -21.77
C TYR D 186 71.27 -29.00 -22.72
N GLU D 187 70.88 -28.92 -23.99
CA GLU D 187 71.16 -29.97 -24.97
C GLU D 187 70.58 -31.28 -24.47
N LYS D 188 69.37 -31.19 -23.93
CA LYS D 188 68.66 -32.32 -23.41
C LYS D 188 67.22 -32.27 -23.94
N THR D 189 66.60 -33.45 -24.00
CA THR D 189 65.21 -33.59 -24.40
CA THR D 189 65.21 -33.59 -24.40
C THR D 189 64.31 -33.32 -23.18
N ALA D 190 63.02 -33.14 -23.41
CA ALA D 190 62.13 -32.81 -22.27
C ALA D 190 62.16 -33.95 -21.25
N ALA D 191 62.16 -35.20 -21.72
CA ALA D 191 62.17 -36.38 -20.86
C ALA D 191 63.42 -36.54 -19.99
N GLU D 192 64.58 -36.08 -20.48
CA GLU D 192 65.85 -36.21 -19.76
C GLU D 192 65.91 -35.31 -18.55
N ILE D 193 65.46 -34.07 -18.72
CA ILE D 193 65.35 -33.11 -17.62
CA ILE D 193 65.37 -33.11 -17.62
C ILE D 193 64.26 -33.59 -16.66
N ALA D 194 63.07 -33.85 -17.18
CA ALA D 194 61.93 -34.37 -16.40
C ALA D 194 62.21 -35.66 -15.60
N GLY D 195 63.06 -36.51 -16.16
CA GLY D 195 63.34 -37.82 -15.54
C GLY D 195 64.05 -37.72 -14.21
N LEU D 196 64.57 -36.54 -13.90
CA LEU D 196 65.23 -36.23 -12.61
C LEU D 196 64.23 -35.93 -11.48
N PHE D 197 62.98 -35.66 -11.84
CA PHE D 197 61.95 -35.16 -10.88
C PHE D 197 60.89 -36.20 -10.53
N ASP D 198 60.04 -35.91 -9.55
CA ASP D 198 58.96 -36.87 -9.18
C ASP D 198 57.70 -36.51 -9.97
N SER D 199 57.39 -35.23 -10.00
CA SER D 199 56.31 -34.69 -10.82
C SER D 199 56.81 -33.47 -11.59
N ILE D 200 56.11 -33.11 -12.67
CA ILE D 200 56.46 -31.95 -13.49
C ILE D 200 55.19 -31.20 -13.89
N TYR D 201 55.29 -29.88 -13.89
CA TYR D 201 54.25 -28.99 -14.42
C TYR D 201 54.86 -28.37 -15.66
N ILE D 202 54.10 -28.40 -16.74
CA ILE D 202 54.44 -27.60 -17.93
C ILE D 202 53.21 -26.79 -18.34
N SER D 203 53.45 -25.68 -19.06
CA SER D 203 52.43 -24.70 -19.46
C SER D 203 52.34 -24.64 -20.99
N PHE D 204 51.13 -24.40 -21.51
CA PHE D 204 50.97 -24.23 -22.95
C PHE D 204 50.75 -22.80 -23.39
N TYR D 205 50.99 -21.83 -22.52
CA TYR D 205 50.83 -20.43 -22.91
C TYR D 205 52.06 -19.54 -22.65
N GLY D 207 56.32 -20.20 -23.47
CA GLY D 207 57.16 -20.23 -24.69
C GLY D 207 56.43 -20.64 -25.95
N LEU D 208 55.56 -21.64 -25.81
CA LEU D 208 54.78 -22.21 -26.90
C LEU D 208 53.63 -21.34 -27.38
N GLY D 209 53.18 -20.40 -26.55
CA GLY D 209 52.25 -19.38 -27.03
C GLY D 209 50.81 -19.78 -27.30
N GLY D 210 50.33 -20.81 -26.63
CA GLY D 210 48.92 -21.17 -26.68
C GLY D 210 48.17 -20.16 -25.84
N ILE D 211 47.00 -20.54 -25.35
CA ILE D 211 46.06 -19.58 -24.78
C ILE D 211 45.98 -19.71 -23.27
N ALA D 212 45.76 -20.95 -22.80
CA ALA D 212 45.95 -21.29 -21.38
C ALA D 212 46.15 -22.78 -21.29
N GLY D 213 46.30 -23.28 -20.07
CA GLY D 213 46.34 -24.71 -19.82
C GLY D 213 47.69 -25.23 -19.31
N ALA D 214 47.65 -26.42 -18.71
CA ALA D 214 48.80 -26.97 -18.02
C ALA D 214 48.68 -28.44 -18.02
N ILE D 215 49.81 -29.15 -18.02
CA ILE D 215 49.87 -30.57 -17.77
C ILE D 215 50.60 -30.73 -16.45
N LEU D 216 50.07 -31.60 -15.59
CA LEU D 216 50.80 -32.09 -14.43
C LEU D 216 51.05 -33.57 -14.71
N ALA D 217 52.32 -33.95 -14.65
CA ALA D 217 52.71 -35.28 -15.01
C ALA D 217 53.53 -35.95 -13.86
N GLY D 218 53.38 -37.25 -13.69
CA GLY D 218 54.05 -37.95 -12.60
C GLY D 218 53.61 -39.39 -12.66
N PRO D 219 53.84 -40.16 -11.57
CA PRO D 219 53.38 -41.57 -11.51
C PRO D 219 51.87 -41.70 -11.57
N ALA D 220 51.41 -42.93 -11.81
CA ALA D 220 50.01 -43.18 -12.04
C ALA D 220 49.16 -42.86 -10.80
N ALA D 221 49.58 -43.33 -9.63
CA ALA D 221 48.78 -43.14 -8.41
C ALA D 221 48.62 -41.66 -8.10
N PHE D 222 49.76 -40.94 -8.16
CA PHE D 222 49.81 -39.48 -8.04
C PHE D 222 48.88 -38.76 -9.02
N CYS D 223 48.85 -39.21 -10.27
CA CYS D 223 48.00 -38.56 -11.29
C CYS D 223 46.49 -38.86 -11.04
N GLN D 224 46.16 -40.09 -10.62
CA GLN D 224 44.79 -40.46 -10.18
C GLN D 224 44.29 -39.56 -9.08
N THR D 225 45.10 -39.37 -8.06
CA THR D 225 44.81 -38.43 -7.00
C THR D 225 44.65 -36.99 -7.50
N ALA D 226 45.54 -36.55 -8.39
CA ALA D 226 45.48 -35.18 -8.92
C ALA D 226 44.13 -34.93 -9.64
N ARG D 227 43.58 -35.94 -10.32
CA ARG D 227 42.25 -35.82 -10.97
C ARG D 227 41.15 -35.66 -9.96
N ILE D 228 41.27 -36.32 -8.81
CA ILE D 228 40.32 -36.14 -7.70
CA ILE D 228 40.29 -36.12 -7.75
C ILE D 228 40.38 -34.67 -7.22
N TRP D 229 41.60 -34.15 -7.05
CA TRP D 229 41.77 -32.75 -6.57
C TRP D 229 41.31 -31.73 -7.64
N LYS D 230 41.57 -32.05 -8.89
CA LYS D 230 41.08 -31.25 -9.99
C LYS D 230 39.54 -31.12 -9.86
N ARG D 231 38.83 -32.20 -9.59
CA ARG D 231 37.38 -32.09 -9.38
C ARG D 231 36.99 -31.18 -8.18
N ARG D 232 37.65 -31.36 -7.02
CA ARG D 232 37.36 -30.57 -5.79
C ARG D 232 37.54 -29.06 -5.99
N TYR D 233 38.64 -28.71 -6.64
CA TYR D 233 38.95 -27.34 -7.08
C TYR D 233 38.00 -26.72 -8.09
N GLY D 234 37.23 -27.52 -8.82
CA GLY D 234 36.35 -26.97 -9.83
C GLY D 234 37.09 -26.71 -11.12
N GLY D 235 38.18 -27.45 -11.35
CA GLY D 235 38.97 -27.40 -12.59
C GLY D 235 38.62 -28.50 -13.58
N ASP D 236 37.77 -29.42 -13.16
CA ASP D 236 37.34 -30.57 -13.96
C ASP D 236 36.12 -30.18 -14.77
N LEU D 237 36.30 -29.19 -15.62
CA LEU D 237 35.20 -28.62 -16.40
C LEU D 237 34.68 -29.71 -17.38
N ILE D 238 33.37 -29.67 -17.67
CA ILE D 238 32.77 -30.56 -18.66
C ILE D 238 33.59 -30.65 -19.95
N SER D 239 34.04 -29.50 -20.47
CA SER D 239 34.79 -29.41 -21.73
C SER D 239 36.00 -28.50 -21.62
N LEU D 240 37.20 -29.06 -21.52
CA LEU D 240 38.45 -28.25 -21.59
C LEU D 240 39.04 -28.20 -23.02
N TYR D 241 38.35 -28.75 -24.03
CA TYR D 241 38.87 -28.79 -25.42
C TYR D 241 39.27 -27.44 -26.01
N PRO D 242 38.59 -26.35 -25.61
CA PRO D 242 39.07 -25.11 -26.21
C PRO D 242 40.55 -24.79 -25.91
N TYR D 243 41.05 -25.25 -24.76
CA TYR D 243 42.43 -25.06 -24.32
C TYR D 243 43.33 -26.16 -24.74
N ILE D 244 42.82 -27.37 -24.75
CA ILE D 244 43.63 -28.56 -25.09
C ILE D 244 43.99 -28.55 -26.58
N VAL D 245 42.99 -28.35 -27.42
CA VAL D 245 43.22 -28.35 -28.86
C VAL D 245 44.13 -27.20 -29.29
N SER D 246 43.90 -25.99 -28.74
CA SER D 246 44.75 -24.85 -29.00
C SER D 246 46.16 -25.07 -28.45
N ALA D 247 46.30 -25.79 -27.33
CA ALA D 247 47.59 -26.05 -26.74
C ALA D 247 48.39 -26.95 -27.71
N ASP D 248 47.74 -28.02 -28.19
CA ASP D 248 48.35 -29.00 -29.12
C ASP D 248 48.72 -28.35 -30.45
N TYR D 249 47.92 -27.40 -30.90
CA TYR D 249 48.18 -26.66 -32.14
C TYR D 249 49.45 -25.82 -32.07
N TYR D 250 49.54 -25.00 -31.03
CA TYR D 250 50.71 -24.16 -30.85
C TYR D 250 51.94 -24.94 -30.41
N TYR D 251 51.75 -26.03 -29.68
CA TYR D 251 52.85 -26.94 -29.37
C TYR D 251 53.44 -27.49 -30.67
N GLU D 252 52.58 -27.97 -31.57
CA GLU D 252 53.05 -28.55 -32.85
C GLU D 252 53.71 -27.49 -33.71
N LEU D 253 53.14 -26.28 -33.65
CA LEU D 253 53.62 -25.13 -34.39
C LEU D 253 55.00 -24.65 -33.93
N ARG D 254 55.30 -24.75 -32.61
CA ARG D 254 56.47 -24.08 -32.01
C ARG D 254 57.52 -24.96 -31.29
N LYS D 255 57.25 -26.25 -31.11
CA LYS D 255 58.14 -27.18 -30.40
C LYS D 255 59.60 -27.20 -30.92
N ASP D 256 59.80 -26.85 -32.19
CA ASP D 256 61.12 -26.83 -32.77
C ASP D 256 61.70 -25.44 -32.97
N ARG D 257 61.07 -24.42 -32.40
CA ARG D 257 61.50 -23.01 -32.55
C ARG D 257 62.22 -22.42 -31.32
N GLY D 259 65.03 -23.25 -30.06
CA GLY D 259 66.43 -23.04 -30.40
C GLY D 259 66.64 -21.71 -31.09
N GLN D 260 65.75 -21.35 -32.01
CA GLN D 260 65.86 -20.04 -32.65
C GLN D 260 65.51 -18.85 -31.73
N TYR D 261 64.53 -19.01 -30.85
CA TYR D 261 64.20 -17.94 -29.92
C TYR D 261 65.40 -17.68 -28.97
N TYR D 262 66.09 -18.76 -28.61
CA TYR D 262 67.28 -18.73 -27.75
C TYR D 262 68.43 -18.01 -28.46
N GLU D 263 68.65 -18.36 -29.72
CA GLU D 263 69.67 -17.66 -30.50
C GLU D 263 69.34 -16.20 -30.67
N GLN D 264 68.07 -15.88 -30.91
CA GLN D 264 67.63 -14.49 -31.04
C GLN D 264 67.65 -13.72 -29.73
N ALA D 265 67.33 -14.38 -28.64
CA ALA D 265 67.47 -13.71 -27.35
C ALA D 265 68.94 -13.33 -27.11
N LYS D 266 69.88 -14.17 -27.54
CA LYS D 266 71.31 -13.89 -27.35
C LYS D 266 71.81 -12.73 -28.24
N GLN D 267 71.27 -12.66 -29.47
CA GLN D 267 71.63 -11.57 -30.39
CA GLN D 267 71.58 -11.57 -30.42
C GLN D 267 71.01 -10.25 -29.90
N LEU D 268 69.77 -10.33 -29.36
CA LEU D 268 69.09 -9.19 -28.76
C LEU D 268 69.82 -8.70 -27.50
N ALA D 269 70.33 -9.61 -26.67
CA ALA D 269 71.02 -9.19 -25.43
C ALA D 269 72.30 -8.41 -25.72
N GLU D 270 73.10 -8.98 -26.62
CA GLU D 270 74.31 -8.33 -27.15
C GLU D 270 74.02 -6.89 -27.57
N GLN D 271 72.97 -6.69 -28.38
CA GLN D 271 72.53 -5.35 -28.78
C GLN D 271 72.20 -4.41 -27.64
N PHE D 272 71.39 -4.86 -26.68
CA PHE D 272 71.09 -4.01 -25.52
C PHE D 272 72.34 -3.76 -24.67
N ASN D 273 73.20 -4.77 -24.54
CA ASN D 273 74.41 -4.66 -23.73
C ASN D 273 75.41 -3.70 -24.39
N ALA D 274 75.35 -3.63 -25.73
CA ALA D 274 76.09 -2.61 -26.50
C ALA D 274 75.71 -1.15 -26.21
N LEU D 275 74.53 -0.88 -25.65
CA LEU D 275 74.09 0.50 -25.38
C LEU D 275 74.70 1.00 -24.07
N PRO D 276 74.98 2.33 -23.96
CA PRO D 276 75.46 2.85 -22.67
C PRO D 276 74.32 2.99 -21.66
N GLY D 277 74.56 2.58 -20.42
CA GLY D 277 73.53 2.68 -19.37
C GLY D 277 72.37 1.69 -19.53
N VAL D 278 72.62 0.57 -20.20
CA VAL D 278 71.66 -0.49 -20.38
C VAL D 278 72.44 -1.80 -20.23
N HIS D 279 71.88 -2.79 -19.52
CA HIS D 279 72.50 -4.12 -19.46
C HIS D 279 71.44 -5.23 -19.21
N THR D 280 71.77 -6.47 -19.53
CA THR D 280 70.82 -7.56 -19.34
C THR D 280 71.26 -8.42 -18.15
N THR D 281 70.33 -9.08 -17.47
CA THR D 281 70.70 -10.18 -16.56
C THR D 281 69.86 -11.38 -16.99
N PRO D 282 70.50 -12.52 -17.28
CA PRO D 282 71.93 -12.63 -17.31
C PRO D 282 72.52 -11.89 -18.52
N GLU D 283 73.82 -11.75 -18.47
CA GLU D 283 74.56 -11.11 -19.54
C GLU D 283 74.31 -11.85 -20.83
N VAL D 284 74.50 -13.15 -20.83
CA VAL D 284 74.23 -13.98 -21.99
C VAL D 284 73.09 -14.92 -21.67
N PRO D 285 71.91 -14.68 -22.26
CA PRO D 285 70.78 -15.55 -21.97
C PRO D 285 71.09 -17.04 -22.13
N VAL D 286 70.40 -17.85 -21.32
CA VAL D 286 70.41 -19.30 -21.49
C VAL D 286 69.09 -19.84 -22.08
N SER D 287 68.32 -18.95 -22.69
CA SER D 287 66.96 -19.27 -23.18
C SER D 287 66.52 -18.08 -23.99
N ASN D 288 65.23 -18.03 -24.27
CA ASN D 288 64.56 -16.94 -24.95
C ASN D 288 64.33 -15.64 -24.17
N PHE D 290 65.45 -12.75 -20.83
CA PHE D 290 66.38 -12.06 -19.91
C PHE D 290 65.64 -10.90 -19.31
N HIS D 291 66.21 -10.29 -18.29
CA HIS D 291 65.69 -9.03 -17.80
C HIS D 291 66.59 -7.96 -18.40
N LEU D 292 65.98 -6.80 -18.63
CA LEU D 292 66.60 -5.69 -19.30
C LEU D 292 66.54 -4.49 -18.37
N HIS D 293 67.71 -3.94 -18.06
CA HIS D 293 67.86 -2.88 -17.03
C HIS D 293 68.38 -1.54 -17.61
N PHE D 294 67.72 -0.44 -17.23
CA PHE D 294 68.05 0.91 -17.66
C PHE D 294 68.45 1.77 -16.46
N ASP D 295 69.64 2.37 -16.52
CA ASP D 295 70.10 3.27 -15.48
C ASP D 295 69.15 4.47 -15.50
N GLY D 296 68.62 4.87 -14.34
CA GLY D 296 67.65 5.97 -14.23
C GLY D 296 66.32 5.39 -13.80
N GLN D 297 65.42 6.21 -13.28
CA GLN D 297 64.06 5.73 -12.92
C GLN D 297 63.13 5.83 -14.11
N ALA D 298 61.97 5.18 -14.02
CA ALA D 298 61.01 5.14 -15.14
C ALA D 298 60.49 6.56 -15.45
N ALA D 299 60.37 7.42 -14.44
CA ALA D 299 60.12 8.85 -14.70
C ALA D 299 61.07 9.44 -15.79
N ASP D 300 62.31 8.93 -15.88
CA ASP D 300 63.30 9.38 -16.89
C ASP D 300 63.46 8.46 -18.11
N ILE D 301 63.08 7.20 -17.99
CA ILE D 301 63.23 6.23 -19.09
C ILE D 301 61.89 6.08 -19.88
N SER D 302 60.78 5.96 -19.14
CA SER D 302 59.47 5.72 -19.81
C SER D 302 59.20 6.71 -20.95
N PRO D 303 59.41 8.02 -20.73
CA PRO D 303 59.28 8.93 -21.89
C PRO D 303 60.30 8.74 -23.03
N LYS D 304 61.50 8.20 -22.78
CA LYS D 304 62.46 7.93 -23.89
C LYS D 304 61.91 6.83 -24.80
N LEU D 305 61.50 5.73 -24.16
CA LEU D 305 60.96 4.54 -24.83
C LEU D 305 59.61 4.72 -25.51
N GLU D 306 58.75 5.52 -24.91
CA GLU D 306 57.48 5.87 -25.52
C GLU D 306 57.67 6.49 -26.91
N GLN D 307 58.59 7.46 -27.01
CA GLN D 307 58.86 8.17 -28.26
C GLN D 307 59.55 7.29 -29.33
N VAL D 308 60.49 6.45 -28.91
CA VAL D 308 61.06 5.49 -29.86
C VAL D 308 59.94 4.55 -30.40
N GLN D 309 58.99 4.17 -29.55
CA GLN D 309 57.93 3.25 -30.00
C GLN D 309 56.79 3.95 -30.77
N GLU D 310 56.49 5.21 -30.44
CA GLU D 310 55.53 6.00 -31.26
C GLU D 310 56.07 6.37 -32.65
N GLU D 311 57.37 6.65 -32.76
CA GLU D 311 57.99 6.99 -34.04
C GLU D 311 58.25 5.74 -34.89
N THR D 312 58.85 4.71 -34.28
CA THR D 312 59.28 3.54 -35.02
C THR D 312 58.19 2.45 -35.21
N GLY D 313 57.12 2.48 -34.40
CA GLY D 313 56.13 1.38 -34.40
C GLY D 313 56.69 0.00 -34.03
N LEU D 314 57.89 -0.05 -33.44
CA LEU D 314 58.51 -1.31 -33.02
C LEU D 314 58.43 -1.37 -31.48
N GLY D 315 57.87 -2.46 -30.94
CA GLY D 315 57.72 -2.60 -29.48
C GLY D 315 58.92 -3.25 -28.84
N PHE D 316 59.60 -2.50 -27.96
CA PHE D 316 60.79 -2.99 -27.21
C PHE D 316 60.43 -3.42 -25.76
N VAL D 317 59.70 -2.52 -25.09
CA VAL D 317 59.38 -2.61 -23.68
C VAL D 317 57.95 -2.14 -23.46
N GLY D 318 57.15 -2.94 -22.75
CA GLY D 318 55.75 -2.62 -22.45
C GLY D 318 55.45 -2.19 -21.01
N TYR D 319 56.45 -2.22 -20.14
CA TYR D 319 56.31 -1.80 -18.75
C TYR D 319 57.74 -1.73 -18.10
N LEU D 320 57.87 -0.84 -17.13
CA LEU D 320 59.11 -0.66 -16.37
C LEU D 320 58.82 -0.80 -14.89
N VAL D 321 59.72 -1.51 -14.20
CA VAL D 321 59.65 -1.70 -12.75
C VAL D 321 60.82 -0.92 -12.15
N ASP D 322 60.49 0.02 -11.28
CA ASP D 322 61.48 0.98 -10.73
C ASP D 322 62.24 0.31 -9.60
N LYS D 323 63.57 0.43 -9.62
CA LYS D 323 64.44 -0.12 -8.55
C LYS D 323 65.34 1.02 -8.03
N ASP D 324 66.41 0.71 -7.27
CA ASP D 324 67.27 1.75 -6.72
C ASP D 324 68.36 2.19 -7.71
N GLY D 325 68.02 3.23 -8.48
CA GLY D 325 68.94 3.85 -9.44
C GLY D 325 68.75 3.35 -10.87
N TYR D 326 67.86 2.39 -11.05
CA TYR D 326 67.60 1.80 -12.36
C TYR D 326 66.15 1.34 -12.47
N CYS D 327 65.76 0.92 -13.67
CA CYS D 327 64.40 0.37 -13.90
C CYS D 327 64.50 -0.84 -14.84
N SER D 328 63.53 -1.76 -14.75
CA SER D 328 63.67 -3.07 -15.33
C SER D 328 62.46 -3.46 -16.17
N THR D 329 62.70 -4.42 -17.05
CA THR D 329 61.60 -5.14 -17.68
C THR D 329 62.07 -6.53 -18.09
N GLU D 330 61.14 -7.33 -18.58
CA GLU D 330 61.43 -8.68 -18.95
C GLU D 330 61.23 -8.79 -20.44
N ILE D 331 62.11 -9.58 -21.06
CA ILE D 331 62.00 -9.86 -22.50
C ILE D 331 61.97 -11.37 -22.70
N SER D 332 60.96 -11.85 -23.41
CA SER D 332 60.93 -13.24 -23.79
C SER D 332 60.65 -13.32 -25.27
N VAL D 333 61.60 -13.85 -26.04
CA VAL D 333 61.48 -13.95 -27.49
C VAL D 333 60.52 -15.07 -27.86
N GLY D 334 59.59 -14.75 -28.75
CA GLY D 334 58.73 -15.73 -29.44
C GLY D 334 58.76 -15.39 -30.94
N ASP D 335 57.60 -15.53 -31.61
CA ASP D 335 57.54 -15.41 -33.07
C ASP D 335 57.67 -14.00 -33.58
N ALA D 336 57.27 -13.01 -32.77
CA ALA D 336 57.31 -11.61 -33.24
C ALA D 336 58.66 -11.14 -33.72
N TYR D 337 59.71 -11.48 -32.99
CA TYR D 337 61.01 -10.97 -33.36
C TYR D 337 61.43 -11.43 -34.75
N GLY D 338 61.16 -12.71 -35.02
CA GLY D 338 61.42 -13.35 -36.30
C GLY D 338 60.65 -12.75 -37.48
N GLU D 339 59.56 -12.05 -37.19
CA GLU D 339 58.76 -11.41 -38.23
C GLU D 339 59.27 -10.03 -38.68
N LEU D 340 60.25 -9.48 -37.96
CA LEU D 340 60.85 -8.20 -38.31
C LEU D 340 61.99 -8.57 -39.25
N ASP D 341 61.94 -8.04 -40.47
CA ASP D 341 63.07 -8.19 -41.40
C ASP D 341 64.29 -7.40 -40.91
N GLN D 342 65.42 -7.63 -41.57
CA GLN D 342 66.69 -7.02 -41.14
C GLN D 342 66.76 -5.49 -41.33
N GLN D 343 65.74 -4.86 -41.94
CA GLN D 343 65.69 -3.39 -42.06
C GLN D 343 64.86 -2.72 -40.97
N THR D 344 63.73 -3.34 -40.64
CA THR D 344 62.86 -2.80 -39.59
C THR D 344 63.64 -2.77 -38.27
N ARG D 345 64.36 -3.85 -38.03
CA ARG D 345 65.26 -4.00 -36.88
C ARG D 345 66.25 -2.87 -36.73
N ASP D 346 66.91 -2.52 -37.84
CA ASP D 346 67.99 -1.52 -37.81
C ASP D 346 67.42 -0.10 -37.67
N ALA D 347 66.31 0.14 -38.37
CA ALA D 347 65.60 1.39 -38.24
C ALA D 347 65.21 1.64 -36.76
N GLY D 348 64.77 0.57 -36.09
CA GLY D 348 64.32 0.65 -34.70
C GLY D 348 65.44 0.69 -33.68
N PHE D 349 66.49 -0.08 -33.93
CA PHE D 349 67.66 -0.03 -33.04
C PHE D 349 68.47 1.25 -33.20
N ALA D 350 68.57 1.79 -34.43
CA ALA D 350 69.27 3.08 -34.64
C ALA D 350 68.52 4.22 -33.91
N ARG D 351 67.20 4.16 -33.89
CA ARG D 351 66.45 5.17 -33.15
C ARG D 351 66.55 4.95 -31.65
N LEU D 352 66.62 3.68 -31.23
CA LEU D 352 66.87 3.34 -29.83
C LEU D 352 68.27 3.81 -29.42
N ARG D 353 69.25 3.53 -30.25
CA ARG D 353 70.64 3.90 -29.95
C ARG D 353 70.86 5.41 -29.89
N GLN D 354 70.04 6.20 -30.59
CA GLN D 354 70.04 7.66 -30.39
C GLN D 354 69.32 8.08 -29.10
N ALA D 355 68.47 7.19 -28.56
CA ALA D 355 67.78 7.44 -27.28
C ALA D 355 68.67 7.18 -26.04
N PHE D 356 69.69 6.35 -26.20
CA PHE D 356 70.53 5.85 -25.09
C PHE D 356 72.00 5.92 -25.47
N ASN E 3 -31.84 -26.91 20.22
CA ASN E 3 -33.09 -26.13 20.09
C ASN E 3 -33.36 -25.94 18.60
N ARG E 4 -34.18 -26.82 18.04
CA ARG E 4 -34.38 -26.90 16.58
C ARG E 4 -35.33 -25.84 16.05
N LEU E 5 -36.31 -25.44 16.86
CA LEU E 5 -37.17 -24.32 16.47
C LEU E 5 -36.36 -23.05 16.22
N ARG E 6 -35.43 -22.73 17.12
CA ARG E 6 -34.54 -21.55 16.95
C ARG E 6 -33.65 -21.69 15.70
N THR E 7 -33.19 -22.91 15.42
CA THR E 7 -32.33 -23.15 14.26
C THR E 7 -33.11 -23.09 12.96
N SER E 8 -34.29 -23.70 12.92
CA SER E 8 -35.09 -23.59 11.70
C SER E 8 -35.37 -22.12 11.44
N PHE E 9 -35.52 -21.34 12.52
CA PHE E 9 -35.84 -19.93 12.36
C PHE E 9 -34.62 -19.15 11.90
N GLN E 10 -33.49 -19.38 12.55
CA GLN E 10 -32.25 -18.66 12.22
CA GLN E 10 -32.30 -18.60 12.21
C GLN E 10 -31.77 -18.92 10.80
N GLN E 11 -32.12 -20.09 10.26
CA GLN E 11 -31.64 -20.47 8.93
C GLN E 11 -32.54 -19.96 7.81
N THR E 12 -33.62 -19.25 8.11
CA THR E 12 -34.53 -18.77 7.05
C THR E 12 -33.90 -17.61 6.28
N THR E 13 -34.46 -17.29 5.12
CA THR E 13 -33.90 -16.28 4.22
C THR E 13 -34.72 -14.99 4.35
N GLY E 14 -35.85 -15.08 5.05
CA GLY E 14 -36.69 -13.94 5.38
C GLY E 14 -37.57 -14.29 6.58
N GLN E 15 -38.11 -13.28 7.23
CA GLN E 15 -38.94 -13.50 8.44
C GLN E 15 -40.09 -12.51 8.52
N ILE E 16 -41.18 -12.93 9.16
CA ILE E 16 -42.34 -12.09 9.31
C ILE E 16 -42.09 -11.14 10.46
N SER E 17 -41.25 -11.52 11.40
CA SER E 17 -41.00 -10.72 12.59
C SER E 17 -39.62 -10.07 12.57
N GLY E 18 -39.45 -9.01 13.35
CA GLY E 18 -38.15 -8.39 13.47
C GLY E 18 -37.60 -7.70 12.24
N HIS E 19 -36.35 -7.30 12.38
CA HIS E 19 -35.65 -6.44 11.44
C HIS E 19 -34.57 -7.21 10.68
N GLY E 20 -34.47 -8.53 10.90
CA GLY E 20 -33.37 -9.32 10.33
C GLY E 20 -32.37 -9.65 11.41
N LYS E 21 -31.22 -10.19 11.01
CA LYS E 21 -30.21 -10.63 11.96
C LYS E 21 -29.59 -9.51 12.77
N ARG E 22 -29.49 -9.80 14.06
CA ARG E 22 -28.77 -8.99 14.98
C ARG E 22 -27.29 -9.26 14.77
N ASN E 23 -26.68 -8.57 13.80
CA ASN E 23 -25.23 -8.71 13.58
C ASN E 23 -24.42 -7.41 13.68
N VAL E 24 -23.11 -7.56 13.56
CA VAL E 24 -22.15 -6.47 13.61
C VAL E 24 -22.43 -5.44 12.50
N GLY E 25 -23.05 -5.89 11.39
CA GLY E 25 -23.44 -5.02 10.29
C GLY E 25 -24.43 -3.98 10.68
N VAL E 26 -25.15 -4.23 11.76
CA VAL E 26 -26.11 -3.27 12.24
C VAL E 26 -25.30 -2.04 12.67
N LEU E 27 -24.21 -2.25 13.42
CA LEU E 27 -23.38 -1.12 13.83
C LEU E 27 -22.60 -0.51 12.65
N LYS E 28 -22.07 -1.32 11.75
CA LYS E 28 -21.28 -0.74 10.64
C LYS E 28 -22.12 0.10 9.72
N THR E 29 -23.33 -0.36 9.49
CA THR E 29 -24.24 0.35 8.66
C THR E 29 -24.47 1.75 9.22
N ALA E 30 -24.78 1.85 10.51
CA ALA E 30 -25.00 3.16 11.13
C ALA E 30 -23.79 4.08 11.03
N PHE E 31 -22.58 3.51 11.08
CA PHE E 31 -21.36 4.30 11.09
C PHE E 31 -20.78 4.67 9.72
N ALA E 32 -21.31 4.09 8.63
CA ALA E 32 -20.71 4.22 7.32
C ALA E 32 -20.78 5.69 6.85
N ALA E 33 -21.83 6.43 7.23
CA ALA E 33 -21.95 7.86 6.88
C ALA E 33 -21.43 8.83 7.91
N VAL E 34 -20.69 8.39 8.91
CA VAL E 34 -20.15 9.26 9.94
C VAL E 34 -18.64 9.41 9.77
N ALA E 35 -18.15 10.64 9.72
CA ALA E 35 -16.70 10.86 9.52
C ALA E 35 -15.86 10.39 10.74
N ASP E 36 -14.71 9.78 10.45
CA ASP E 36 -13.74 9.32 11.47
C ASP E 36 -13.38 10.44 12.45
N GLU E 37 -13.14 11.64 11.94
CA GLU E 37 -12.71 12.75 12.78
C GLU E 37 -13.77 13.31 13.72
N ALA E 39 -15.66 14.11 16.82
CA ALA E 39 -15.26 13.98 18.23
C ALA E 39 -16.24 13.13 19.06
N SER E 40 -15.66 12.27 19.90
CA SER E 40 -16.41 11.52 20.91
C SER E 40 -17.16 12.41 21.91
N ASP E 41 -18.26 11.89 22.43
CA ASP E 41 -18.82 12.40 23.70
C ASP E 41 -17.77 12.18 24.80
N GLN E 42 -17.98 12.83 25.94
CA GLN E 42 -17.08 12.69 27.09
C GLN E 42 -17.83 12.71 28.42
N TYR E 43 -17.90 11.55 29.06
CA TYR E 43 -18.59 11.39 30.34
C TYR E 43 -19.93 12.13 30.40
N GLY E 44 -20.80 11.90 29.39
CA GLY E 44 -22.15 12.43 29.39
C GLY E 44 -22.39 13.86 28.91
N THR E 45 -21.35 14.52 28.40
CA THR E 45 -21.48 15.86 27.85
C THR E 45 -20.67 15.92 26.58
N GLY E 46 -20.81 17.05 25.87
CA GLY E 46 -20.02 17.34 24.71
C GLY E 46 -20.67 16.90 23.41
N ALA E 47 -19.83 16.60 22.43
CA ALA E 47 -20.27 16.27 21.07
C ALA E 47 -21.13 15.00 21.13
N ILE E 48 -22.08 14.92 20.20
CA ILE E 48 -22.92 13.75 20.01
C ILE E 48 -24.05 13.67 21.04
N ILE E 49 -23.71 13.52 22.33
CA ILE E 49 -24.70 13.33 23.38
C ILE E 49 -25.57 14.55 23.64
N GLU E 50 -24.98 15.74 23.62
CA GLU E 50 -25.77 16.95 23.86
C GLU E 50 -26.80 17.22 22.75
N PRO E 51 -26.42 17.15 21.46
CA PRO E 51 -27.41 17.28 20.37
C PRO E 51 -28.50 16.19 20.33
N PHE E 52 -28.16 14.97 20.74
CA PHE E 52 -29.11 13.87 20.79
C PHE E 52 -30.11 14.01 21.95
N GLU E 53 -29.58 14.39 23.11
CA GLU E 53 -30.41 14.70 24.25
C GLU E 53 -31.36 15.90 24.00
N GLN E 54 -30.84 16.94 23.35
CA GLN E 54 -31.64 18.11 22.99
C GLN E 54 -32.77 17.74 22.04
N LYS E 55 -32.46 16.95 21.00
CA LYS E 55 -33.40 16.45 19.97
C LYS E 55 -34.54 15.62 20.54
N PHE E 56 -34.21 14.69 21.43
CA PHE E 56 -35.25 13.84 22.04
C PHE E 56 -36.00 14.49 23.18
N ALA E 57 -35.38 15.44 23.88
CA ALA E 57 -36.12 16.38 24.74
C ALA E 57 -37.26 17.05 23.90
N ASP E 58 -36.90 17.52 22.71
CA ASP E 58 -37.87 18.19 21.84
C ASP E 58 -38.82 17.21 21.17
N VAL E 59 -38.37 16.00 20.84
CA VAL E 59 -39.30 14.95 20.33
C VAL E 59 -40.38 14.67 21.36
N LEU E 60 -40.00 14.69 22.64
CA LEU E 60 -40.92 14.35 23.74
C LEU E 60 -41.60 15.54 24.47
N GLY E 61 -41.27 16.78 24.11
CA GLY E 61 -41.80 17.97 24.78
C GLY E 61 -41.47 18.02 26.27
N ASP E 63 -38.32 19.23 29.18
CA ASP E 63 -37.30 20.25 29.38
C ASP E 63 -35.95 19.75 28.98
N ASP E 64 -35.66 18.52 29.38
CA ASP E 64 -34.34 17.90 29.15
C ASP E 64 -34.49 16.39 28.96
N ALA E 65 -33.37 15.73 28.70
CA ALA E 65 -33.37 14.29 28.50
C ALA E 65 -31.96 13.80 28.74
N VAL E 66 -31.87 12.57 29.24
CA VAL E 66 -30.59 11.95 29.49
C VAL E 66 -30.49 10.66 28.67
N PHE E 67 -29.36 10.51 28.01
CA PHE E 67 -29.04 9.27 27.39
C PHE E 67 -28.52 8.27 28.42
N PHE E 68 -29.14 7.10 28.43
CA PHE E 68 -28.78 5.98 29.31
C PHE E 68 -28.36 4.77 28.50
N PRO E 69 -27.41 3.99 29.02
CA PRO E 69 -27.11 2.77 28.29
C PRO E 69 -28.25 1.76 28.26
N SER E 70 -29.19 1.82 29.19
CA SER E 70 -30.28 0.85 29.20
C SER E 70 -31.49 1.43 29.87
N GLY E 71 -32.66 0.96 29.47
CA GLY E 71 -33.88 1.22 30.25
C GLY E 71 -33.90 0.69 31.69
N THR E 72 -33.29 -0.46 31.91
CA THR E 72 -33.21 -1.02 33.28
C THR E 72 -32.57 0.00 34.23
N ALA E 74 -32.24 3.20 33.48
CA ALA E 74 -32.98 4.44 33.38
C ALA E 74 -34.25 4.51 34.25
N GLN E 75 -35.05 3.43 34.22
CA GLN E 75 -36.33 3.42 34.92
C GLN E 75 -36.17 3.27 36.40
N GLN E 76 -35.13 2.55 36.85
CA GLN E 76 -34.82 2.47 38.28
C GLN E 76 -34.41 3.85 38.83
N VAL E 77 -33.60 4.58 38.06
CA VAL E 77 -33.20 5.96 38.42
C VAL E 77 -34.44 6.88 38.48
N ALA E 78 -35.29 6.81 37.44
CA ALA E 78 -36.49 7.61 37.41
C ALA E 78 -37.32 7.40 38.68
N LEU E 79 -37.56 6.13 38.99
CA LEU E 79 -38.39 5.78 40.14
C LEU E 79 -37.80 6.21 41.47
N ARG E 80 -36.48 6.10 41.60
CA ARG E 80 -35.76 6.52 42.83
C ARG E 80 -35.77 8.03 43.01
N ILE E 81 -35.72 8.78 41.93
CA ILE E 81 -35.77 10.24 42.06
C ILE E 81 -37.16 10.69 42.57
N TRP E 82 -38.22 10.06 42.05
CA TRP E 82 -39.57 10.44 42.42
C TRP E 82 -39.89 10.03 43.85
N SER E 83 -39.39 8.87 44.26
CA SER E 83 -39.50 8.36 45.63
C SER E 83 -38.75 9.29 46.63
N ASP E 84 -37.54 9.67 46.29
CA ASP E 84 -36.78 10.69 47.04
C ASP E 84 -37.51 12.03 47.17
N GLU E 85 -38.13 12.48 46.09
CA GLU E 85 -38.76 13.76 46.04
C GLU E 85 -40.09 13.79 46.80
N THR E 86 -40.91 12.75 46.66
CA THR E 86 -42.20 12.68 47.31
C THR E 86 -42.11 12.02 48.67
N ASP E 87 -40.92 11.79 49.18
CA ASP E 87 -40.77 11.22 50.52
C ASP E 87 -41.46 9.90 50.75
N ASN E 88 -41.59 9.11 49.69
CA ASN E 88 -42.39 7.90 49.76
C ASN E 88 -41.65 6.75 49.09
N ARG E 89 -41.58 5.62 49.80
CA ARG E 89 -40.78 4.47 49.39
C ARG E 89 -41.57 3.43 48.66
N THR E 90 -42.72 3.79 48.12
CA THR E 90 -43.51 2.78 47.41
C THR E 90 -43.87 3.28 46.01
N VAL E 91 -43.77 2.36 45.06
CA VAL E 91 -44.11 2.65 43.69
C VAL E 91 -45.08 1.57 43.33
N ALA E 92 -45.83 1.80 42.26
CA ALA E 92 -46.82 0.85 41.80
C ALA E 92 -46.71 0.66 40.32
N TYR E 93 -46.98 -0.55 39.90
CA TYR E 93 -47.00 -0.86 38.49
C TYR E 93 -47.69 -2.17 38.23
N HIS E 94 -47.92 -2.50 36.96
CA HIS E 94 -48.55 -3.77 36.57
C HIS E 94 -47.72 -5.00 37.03
N PRO E 95 -48.38 -6.12 37.36
CA PRO E 95 -47.62 -7.27 37.84
C PRO E 95 -46.47 -7.76 36.93
N LEU E 96 -46.51 -7.47 35.62
CA LEU E 96 -45.52 -7.99 34.70
C LEU E 96 -44.60 -6.90 34.18
N CYS E 97 -44.59 -5.78 34.92
CA CYS E 97 -43.70 -4.65 34.69
C CYS E 97 -42.28 -5.15 34.56
N HIS E 98 -41.56 -4.57 33.60
CA HIS E 98 -40.18 -4.98 33.36
C HIS E 98 -39.30 -4.94 34.64
N LEU E 99 -39.51 -3.95 35.49
CA LEU E 99 -38.71 -3.84 36.72
C LEU E 99 -39.05 -4.94 37.74
N GLU E 100 -40.23 -5.52 37.65
CA GLU E 100 -40.63 -6.59 38.57
C GLU E 100 -40.03 -7.94 38.17
N ILE E 101 -40.04 -8.27 36.88
CA ILE E 101 -39.70 -9.62 36.41
C ILE E 101 -38.49 -9.82 35.49
N HIS E 102 -37.85 -8.75 35.02
CA HIS E 102 -36.75 -8.91 34.05
C HIS E 102 -35.45 -8.23 34.42
N GLU E 103 -35.36 -7.73 35.65
CA GLU E 103 -34.19 -7.00 36.08
C GLU E 103 -33.53 -7.65 37.33
N GLN E 104 -33.89 -8.90 37.63
CA GLN E 104 -33.30 -9.63 38.77
C GLN E 104 -33.47 -8.80 40.05
N ASP E 105 -34.62 -8.13 40.14
CA ASP E 105 -35.06 -7.37 41.29
C ASP E 105 -34.14 -6.21 41.58
N GLY E 106 -33.50 -5.66 40.55
CA GLY E 106 -32.59 -4.52 40.73
C GLY E 106 -33.12 -3.34 41.51
N LEU E 107 -34.37 -2.94 41.27
CA LEU E 107 -34.94 -1.78 41.95
C LEU E 107 -35.02 -2.05 43.47
N LYS E 108 -35.51 -3.22 43.86
CA LYS E 108 -35.65 -3.58 45.28
C LYS E 108 -34.32 -3.90 45.95
N GLU E 109 -33.33 -4.33 45.16
CA GLU E 109 -31.98 -4.64 45.66
C GLU E 109 -31.11 -3.39 45.81
N LEU E 110 -31.22 -2.46 44.85
CA LEU E 110 -30.36 -1.29 44.83
C LEU E 110 -30.98 -0.09 45.48
N HIS E 111 -32.27 -0.19 45.83
CA HIS E 111 -32.98 0.95 46.43
C HIS E 111 -33.99 0.50 47.51
N PRO E 112 -34.20 1.32 48.56
CA PRO E 112 -35.09 0.93 49.67
C PRO E 112 -36.53 1.25 49.33
N ILE E 113 -36.98 0.69 48.20
CA ILE E 113 -38.30 0.97 47.59
C ILE E 113 -39.10 -0.33 47.53
N GLU E 114 -40.36 -0.25 47.91
CA GLU E 114 -41.27 -1.38 47.85
C GLU E 114 -42.26 -1.07 46.75
N THR E 115 -42.78 -2.13 46.16
CA THR E 115 -43.61 -2.03 44.99
C THR E 115 -44.95 -2.72 45.27
N ILE E 116 -46.06 -2.11 44.82
CA ILE E 116 -47.45 -2.64 44.85
C ILE E 116 -47.75 -3.08 43.41
N LEU E 117 -48.19 -4.31 43.20
CA LEU E 117 -48.55 -4.85 41.87
C LEU E 117 -50.04 -4.67 41.62
N VAL E 118 -50.38 -3.78 40.68
CA VAL E 118 -51.77 -3.28 40.48
C VAL E 118 -52.57 -3.97 39.40
N GLY E 119 -53.74 -4.44 39.78
CA GLY E 119 -54.59 -5.18 38.86
C GLY E 119 -53.99 -6.53 38.63
N ALA E 120 -54.61 -7.25 37.71
CA ALA E 120 -54.35 -8.65 37.53
C ALA E 120 -53.26 -8.79 36.49
N ALA E 121 -52.54 -9.89 36.56
CA ALA E 121 -51.38 -10.15 35.68
C ALA E 121 -51.73 -10.43 34.22
N ASP E 122 -52.99 -10.74 33.94
CA ASP E 122 -53.39 -11.16 32.58
C ASP E 122 -54.18 -10.09 31.86
N ARG E 123 -54.40 -8.96 32.50
CA ARG E 123 -55.13 -7.85 31.89
C ARG E 123 -54.58 -6.50 32.31
N LEU E 124 -55.09 -5.47 31.65
CA LEU E 124 -54.73 -4.09 31.94
C LEU E 124 -55.34 -3.74 33.27
N THR E 126 -57.30 -1.39 35.85
CA THR E 126 -58.43 -0.49 35.64
C THR E 126 -58.21 0.77 36.47
N LEU E 127 -58.97 1.80 36.15
CA LEU E 127 -58.96 3.03 36.93
C LEU E 127 -59.39 2.80 38.40
N ASP E 128 -60.40 1.98 38.63
CA ASP E 128 -60.78 1.60 39.99
C ASP E 128 -59.63 1.04 40.82
N GLU E 129 -58.78 0.23 40.17
CA GLU E 129 -57.63 -0.33 40.84
C GLU E 129 -56.57 0.73 41.15
N ILE E 130 -56.44 1.72 40.27
CA ILE E 130 -55.55 2.85 40.52
C ILE E 130 -56.06 3.77 41.63
N LYS E 131 -57.37 4.01 41.63
CA LYS E 131 -57.99 4.89 42.63
C LYS E 131 -57.96 4.25 44.01
N ALA E 132 -57.83 2.91 44.07
CA ALA E 132 -57.72 2.16 45.34
C ALA E 132 -56.29 2.10 45.89
N LEU E 133 -55.32 2.69 45.19
CA LEU E 133 -53.94 2.71 45.66
C LEU E 133 -53.84 3.60 46.89
N PRO E 134 -52.95 3.25 47.82
CA PRO E 134 -52.57 4.19 48.87
C PRO E 134 -51.64 5.28 48.37
N ASP E 135 -51.09 6.10 49.27
CA ASP E 135 -50.17 7.18 48.84
C ASP E 135 -48.85 6.54 48.33
N ILE E 136 -48.57 6.68 47.05
CA ILE E 136 -47.33 6.09 46.49
C ILE E 136 -46.46 7.21 45.92
N ALA E 137 -45.18 6.91 45.77
CA ALA E 137 -44.24 7.83 45.13
C ALA E 137 -44.63 8.11 43.70
N CYS E 138 -44.89 7.03 42.96
CA CYS E 138 -44.93 7.09 41.49
C CYS E 138 -45.70 5.92 40.93
N LEU E 139 -46.58 6.20 39.95
CA LEU E 139 -47.21 5.13 39.18
C LEU E 139 -46.48 5.00 37.85
N LEU E 140 -46.02 3.79 37.51
CA LEU E 140 -45.40 3.50 36.23
C LEU E 140 -46.43 2.81 35.32
N LEU E 141 -46.66 3.35 34.13
CA LEU E 141 -47.46 2.69 33.09
C LEU E 141 -46.57 2.31 31.92
N GLU E 142 -46.87 1.16 31.30
CA GLU E 142 -46.20 0.69 30.09
C GLU E 142 -47.15 0.69 28.86
N LEU E 143 -46.80 1.46 27.81
CA LEU E 143 -47.60 1.57 26.56
C LEU E 143 -46.89 0.94 25.37
N PRO E 144 -47.45 -0.15 24.80
CA PRO E 144 -48.49 -1.01 25.37
C PRO E 144 -47.94 -1.99 26.41
N GLN E 145 -48.84 -2.67 27.12
CA GLN E 145 -48.52 -3.82 27.98
C GLN E 145 -48.07 -5.01 27.18
N ARG E 146 -46.77 -4.99 26.93
CA ARG E 146 -46.14 -5.96 26.09
C ARG E 146 -46.44 -7.42 26.51
N GLU E 147 -46.28 -7.73 27.79
CA GLU E 147 -46.41 -9.10 28.31
C GLU E 147 -47.80 -9.74 28.10
N ILE E 148 -48.86 -8.94 27.94
CA ILE E 148 -50.18 -9.49 27.56
C ILE E 148 -50.56 -9.15 26.13
N GLY E 149 -49.57 -9.23 25.24
CA GLY E 149 -49.77 -9.16 23.81
C GLY E 149 -49.62 -7.79 23.16
N GLY E 150 -49.59 -6.75 23.99
CA GLY E 150 -49.48 -5.37 23.50
C GLY E 150 -50.83 -4.66 23.50
N VAL E 151 -51.52 -4.65 24.64
CA VAL E 151 -52.81 -3.99 24.77
CA VAL E 151 -52.80 -3.96 24.73
C VAL E 151 -52.61 -2.67 25.54
N ALA E 152 -53.43 -1.68 25.22
CA ALA E 152 -53.24 -0.32 25.72
C ALA E 152 -54.55 0.36 26.08
N PRO E 153 -54.55 1.27 27.07
CA PRO E 153 -55.78 2.02 27.29
C PRO E 153 -56.01 3.04 26.21
N ALA E 154 -57.22 3.59 26.15
CA ALA E 154 -57.50 4.69 25.24
C ALA E 154 -56.83 5.94 25.78
N PHE E 155 -56.46 6.81 24.86
CA PHE E 155 -55.88 8.11 25.18
C PHE E 155 -56.66 8.85 26.27
N SER E 156 -57.99 8.86 26.16
CA SER E 156 -58.85 9.52 27.15
C SER E 156 -58.76 8.87 28.51
N GLU E 157 -58.53 7.56 28.56
CA GLU E 157 -58.28 6.88 29.85
C GLU E 157 -56.97 7.38 30.46
N LEU E 158 -55.92 7.45 29.64
CA LEU E 158 -54.62 7.97 30.09
C LEU E 158 -54.76 9.40 30.62
N GLU E 159 -55.47 10.25 29.89
CA GLU E 159 -55.72 11.64 30.36
C GLU E 159 -56.34 11.67 31.76
N THR E 160 -57.27 10.74 32.02
CA THR E 160 -57.91 10.54 33.33
C THR E 160 -56.93 10.11 34.42
N ILE E 161 -56.04 9.19 34.07
CA ILE E 161 -55.02 8.72 35.02
C ILE E 161 -54.04 9.85 35.35
N SER E 162 -53.66 10.59 34.32
CA SER E 162 -52.81 11.76 34.43
C SER E 162 -53.42 12.73 35.47
N ARG E 163 -54.67 13.12 35.27
CA ARG E 163 -55.28 14.14 36.15
C ARG E 163 -55.42 13.64 37.59
N TYR E 164 -55.81 12.38 37.71
CA TYR E 164 -56.00 11.77 39.01
C TYR E 164 -54.67 11.77 39.76
N CYS E 165 -53.61 11.28 39.13
CA CYS E 165 -52.29 11.21 39.79
C CYS E 165 -51.82 12.57 40.24
N ARG E 166 -51.88 13.49 39.30
CA ARG E 166 -51.50 14.88 39.47
C ARG E 166 -52.17 15.53 40.68
N GLU E 167 -53.49 15.38 40.80
CA GLU E 167 -54.20 15.91 41.97
C GLU E 167 -53.90 15.09 43.25
N ARG E 168 -53.53 13.83 43.09
CA ARG E 168 -53.11 13.08 44.26
C ARG E 168 -51.63 13.21 44.67
N GLY E 169 -50.83 13.96 43.91
CA GLY E 169 -49.39 14.04 44.15
C GLY E 169 -48.59 12.75 43.92
N ILE E 170 -49.09 11.90 43.01
CA ILE E 170 -48.39 10.73 42.53
C ILE E 170 -47.73 11.07 41.20
N ARG E 171 -46.41 10.96 41.13
CA ARG E 171 -45.69 11.12 39.86
C ARG E 171 -46.05 9.98 38.91
N LEU E 172 -46.22 10.31 37.63
CA LEU E 172 -46.56 9.35 36.62
C LEU E 172 -45.44 9.22 35.61
N HIS E 173 -44.90 8.00 35.50
CA HIS E 173 -43.74 7.70 34.63
C HIS E 173 -44.17 6.73 33.54
N LEU E 174 -43.74 6.99 32.31
CA LEU E 174 -44.12 6.18 31.20
C LEU E 174 -42.96 5.22 30.89
N ASP E 175 -43.24 3.93 30.95
CA ASP E 175 -42.37 2.98 30.29
C ASP E 175 -42.76 3.00 28.82
N GLY E 176 -41.97 3.77 28.03
CA GLY E 176 -42.17 3.96 26.60
C GLY E 176 -41.22 3.19 25.70
N ALA E 177 -40.85 1.98 26.11
CA ALA E 177 -40.03 1.07 25.31
C ALA E 177 -40.56 0.89 23.90
N ARG E 178 -41.88 0.81 23.81
CA ARG E 178 -42.60 0.67 22.56
C ARG E 178 -43.59 1.82 22.36
N LEU E 179 -43.18 3.06 22.61
CA LEU E 179 -44.04 4.25 22.42
C LEU E 179 -44.24 4.55 20.95
N PHE E 180 -43.13 4.63 20.20
CA PHE E 180 -43.19 4.92 18.74
C PHE E 180 -44.14 3.96 18.03
N GLU E 181 -44.17 2.71 18.50
CA GLU E 181 -45.02 1.70 17.90
C GLU E 181 -46.52 1.98 18.09
N LEU E 183 -48.01 5.14 18.23
CA LEU E 183 -48.46 6.44 17.72
C LEU E 183 -49.47 6.32 16.57
N PRO E 184 -49.23 5.36 15.67
CA PRO E 184 -50.20 5.19 14.59
C PRO E 184 -51.62 4.88 15.10
N TYR E 185 -51.75 3.98 16.09
CA TYR E 185 -53.03 3.68 16.67
C TYR E 185 -53.61 4.85 17.42
N TYR E 186 -52.77 5.54 18.18
CA TYR E 186 -53.25 6.68 18.95
C TYR E 186 -53.54 7.90 18.08
N GLU E 187 -52.90 8.02 16.91
CA GLU E 187 -53.01 9.23 16.09
C GLU E 187 -52.59 10.43 16.92
N LYS E 188 -51.43 10.27 17.57
CA LYS E 188 -50.90 11.30 18.38
C LYS E 188 -49.41 11.34 18.13
N THR E 189 -48.87 12.51 18.38
CA THR E 189 -47.45 12.69 18.34
C THR E 189 -46.80 12.09 19.61
N ALA E 190 -45.51 11.74 19.53
CA ALA E 190 -44.81 11.25 20.72
C ALA E 190 -44.94 12.26 21.88
N ALA E 191 -44.83 13.54 21.57
CA ALA E 191 -44.87 14.61 22.57
C ALA E 191 -46.26 14.74 23.23
N GLU E 192 -47.29 14.40 22.47
CA GLU E 192 -48.67 14.56 22.93
C GLU E 192 -49.00 13.50 23.96
N ILE E 193 -48.47 12.31 23.75
CA ILE E 193 -48.61 11.23 24.71
CA ILE E 193 -48.57 11.20 24.69
C ILE E 193 -47.70 11.46 25.92
N ALA E 194 -46.43 11.80 25.68
CA ALA E 194 -45.46 12.08 26.75
C ALA E 194 -45.91 13.21 27.64
N GLY E 195 -46.51 14.24 27.05
CA GLY E 195 -47.14 15.37 27.82
C GLY E 195 -48.05 14.99 28.98
N LEU E 196 -48.63 13.79 28.92
CA LEU E 196 -49.45 13.28 30.03
C LEU E 196 -48.61 12.71 31.18
N PHE E 197 -47.30 12.60 30.98
CA PHE E 197 -46.40 12.06 32.02
C PHE E 197 -45.42 13.08 32.63
N ASP E 198 -45.06 12.82 33.88
CA ASP E 198 -43.94 13.50 34.56
C ASP E 198 -42.55 13.14 34.02
N SER E 199 -42.32 11.87 33.72
CA SER E 199 -41.03 11.40 33.17
C SER E 199 -41.32 10.28 32.19
N ILE E 200 -40.40 10.04 31.27
CA ILE E 200 -40.61 9.07 30.15
C ILE E 200 -39.33 8.31 29.83
N TYR E 201 -39.46 7.00 29.59
CA TYR E 201 -38.36 6.19 29.08
C TYR E 201 -38.67 5.78 27.66
N ILE E 202 -37.78 6.05 26.72
CA ILE E 202 -37.85 5.47 25.37
C ILE E 202 -36.59 4.69 25.11
N SER E 203 -36.73 3.64 24.28
CA SER E 203 -35.66 2.71 23.92
C SER E 203 -35.29 2.91 22.48
N PHE E 204 -34.05 2.60 22.12
CA PHE E 204 -33.63 2.70 20.72
C PHE E 204 -33.38 1.34 20.01
N TYR E 205 -33.72 0.26 20.70
CA TYR E 205 -33.50 -1.08 20.13
C TYR E 205 -34.72 -1.98 20.07
N GLY E 207 -38.77 -1.23 18.69
CA GLY E 207 -39.37 -0.99 17.39
C GLY E 207 -38.41 -0.32 16.41
N LEU E 208 -37.49 0.49 16.92
CA LEU E 208 -36.55 1.17 16.06
C LEU E 208 -35.42 0.30 15.53
N GLY E 209 -35.16 -0.82 16.17
CA GLY E 209 -34.16 -1.75 15.67
C GLY E 209 -32.73 -1.28 15.67
N GLY E 210 -32.40 -0.37 16.58
CA GLY E 210 -31.00 -0.08 16.87
C GLY E 210 -30.36 -1.18 17.68
N ILE E 211 -29.21 -0.87 18.25
CA ILE E 211 -28.34 -1.86 18.89
C ILE E 211 -28.68 -1.92 20.37
N ALA E 212 -28.55 -0.77 21.05
CA ALA E 212 -28.94 -0.61 22.45
C ALA E 212 -29.08 0.89 22.77
N GLY E 213 -29.48 1.23 23.99
CA GLY E 213 -29.53 2.63 24.42
C GLY E 213 -30.95 3.09 24.72
N ALA E 214 -31.06 4.19 25.47
CA ALA E 214 -32.30 4.69 26.02
C ALA E 214 -32.19 6.18 26.33
N ILE E 215 -33.34 6.86 26.26
CA ILE E 215 -33.51 8.17 26.80
C ILE E 215 -34.49 8.15 27.96
N LEU E 216 -34.18 9.00 28.96
CA LEU E 216 -35.05 9.29 30.08
C LEU E 216 -35.25 10.80 30.04
N ALA E 217 -36.48 11.23 29.75
CA ALA E 217 -36.74 12.66 29.56
C ALA E 217 -37.68 13.12 30.65
N GLY E 218 -37.57 14.40 30.98
CA GLY E 218 -38.30 14.96 32.11
C GLY E 218 -37.94 16.42 32.34
N PRO E 219 -38.35 16.96 33.51
CA PRO E 219 -38.02 18.34 33.90
C PRO E 219 -36.53 18.50 34.19
N ALA E 220 -36.05 19.73 34.20
CA ALA E 220 -34.63 20.03 34.33
C ALA E 220 -34.00 19.41 35.56
N ALA E 221 -34.62 19.63 36.73
CA ALA E 221 -34.06 19.23 38.03
C ALA E 221 -34.05 17.72 38.17
N PHE E 222 -35.12 17.07 37.70
CA PHE E 222 -35.19 15.60 37.59
C PHE E 222 -33.98 15.06 36.77
N CYS E 223 -33.75 15.65 35.60
CA CYS E 223 -32.73 15.16 34.68
C CYS E 223 -31.31 15.39 35.21
N GLN E 224 -31.10 16.54 35.85
CA GLN E 224 -29.84 16.81 36.58
C GLN E 224 -29.54 15.75 37.62
N THR E 225 -30.56 15.38 38.40
CA THR E 225 -30.42 14.32 39.38
C THR E 225 -30.11 12.98 38.72
N ALA E 226 -30.85 12.69 37.65
CA ALA E 226 -30.64 11.48 36.83
C ALA E 226 -29.22 11.33 36.33
N ARG E 227 -28.54 12.43 36.00
CA ARG E 227 -27.18 12.32 35.52
C ARG E 227 -26.24 11.97 36.67
N ILE E 228 -26.55 12.47 37.89
CA ILE E 228 -25.81 12.09 39.09
CA ILE E 228 -25.76 12.08 39.04
C ILE E 228 -25.96 10.59 39.32
N TRP E 229 -27.20 10.08 39.27
CA TRP E 229 -27.40 8.65 39.46
C TRP E 229 -26.81 7.85 38.32
N LYS E 230 -26.79 8.38 37.09
CA LYS E 230 -26.14 7.67 36.00
C LYS E 230 -24.69 7.42 36.33
N ARG E 231 -24.01 8.41 36.92
CA ARG E 231 -22.60 8.21 37.28
C ARG E 231 -22.37 7.21 38.41
N ARG E 232 -23.24 7.24 39.41
CA ARG E 232 -23.23 6.28 40.50
C ARG E 232 -23.44 4.83 40.00
N TYR E 233 -24.38 4.62 39.07
CA TYR E 233 -24.64 3.28 38.46
C TYR E 233 -23.55 2.73 37.54
N GLY E 234 -22.58 3.57 37.16
CA GLY E 234 -21.52 3.15 36.26
C GLY E 234 -22.02 3.13 34.81
N GLY E 235 -22.95 4.02 34.49
CA GLY E 235 -23.53 4.18 33.15
C GLY E 235 -23.06 5.47 32.48
N ASP E 236 -22.25 6.25 33.20
CA ASP E 236 -21.69 7.48 32.67
C ASP E 236 -20.37 7.11 32.00
N LEU E 237 -20.48 6.37 30.90
CA LEU E 237 -19.29 5.83 30.24
C LEU E 237 -18.58 7.03 29.61
N ILE E 238 -17.27 6.93 29.48
CA ILE E 238 -16.53 8.02 28.81
C ILE E 238 -17.15 8.30 27.43
N SER E 239 -17.47 7.23 26.70
CA SER E 239 -17.94 7.31 25.31
C SER E 239 -19.14 6.39 25.13
N LEU E 240 -20.33 6.97 24.97
CA LEU E 240 -21.52 6.20 24.62
C LEU E 240 -21.86 6.44 23.15
N TYR E 241 -20.97 7.06 22.38
CA TYR E 241 -21.33 7.34 21.00
C TYR E 241 -21.66 6.07 20.16
N PRO E 242 -21.06 4.87 20.47
CA PRO E 242 -21.45 3.70 19.66
C PRO E 242 -22.97 3.42 19.68
N TYR E 243 -23.60 3.71 20.81
CA TYR E 243 -25.05 3.60 20.98
C TYR E 243 -25.80 4.85 20.61
N ILE E 244 -25.23 6.03 20.84
CA ILE E 244 -25.96 7.25 20.49
C ILE E 244 -26.07 7.40 18.98
N VAL E 245 -24.94 7.20 18.29
CA VAL E 245 -24.92 7.36 16.84
C VAL E 245 -25.75 6.30 16.17
N SER E 246 -25.68 5.06 16.64
CA SER E 246 -26.53 4.03 16.06
C SER E 246 -28.00 4.24 16.38
N ALA E 247 -28.34 4.72 17.58
CA ALA E 247 -29.74 4.98 17.96
C ALA E 247 -30.34 6.05 17.06
N ASP E 248 -29.56 7.11 16.80
CA ASP E 248 -30.00 8.23 15.95
C ASP E 248 -30.18 7.76 14.51
N TYR E 249 -29.21 7.02 13.99
CA TYR E 249 -29.32 6.47 12.63
C TYR E 249 -30.59 5.65 12.36
N TYR E 250 -30.96 4.80 13.32
CA TYR E 250 -32.07 3.91 13.13
C TYR E 250 -33.40 4.59 13.42
N TYR E 251 -33.38 5.61 14.27
CA TYR E 251 -34.52 6.42 14.49
C TYR E 251 -34.83 7.18 13.20
N GLU E 252 -33.82 7.83 12.65
CA GLU E 252 -34.00 8.53 11.39
C GLU E 252 -34.42 7.53 10.30
N LEU E 253 -33.92 6.30 10.37
CA LEU E 253 -34.29 5.32 9.35
C LEU E 253 -35.75 4.89 9.46
N ARG E 254 -36.21 4.60 10.67
CA ARG E 254 -37.52 3.93 10.82
C ARG E 254 -38.63 4.74 11.47
N LYS E 255 -38.35 5.98 11.87
CA LYS E 255 -39.33 6.79 12.57
C LYS E 255 -40.68 6.94 11.86
N ASP E 256 -40.69 6.91 10.53
CA ASP E 256 -41.95 7.08 9.75
C ASP E 256 -42.44 5.76 9.17
N ARG E 257 -41.98 4.66 9.75
CA ARG E 257 -42.35 3.32 9.32
C ARG E 257 -43.28 2.63 10.30
N GLY E 259 -46.38 3.19 11.12
CA GLY E 259 -47.67 2.98 10.50
C GLY E 259 -47.71 1.76 9.62
N GLN E 260 -46.68 1.58 8.80
CA GLN E 260 -46.65 0.38 7.94
C GLN E 260 -46.47 -0.85 8.84
N TYR E 261 -45.58 -0.76 9.83
CA TYR E 261 -45.39 -1.91 10.72
C TYR E 261 -46.70 -2.35 11.37
N TYR E 262 -47.52 -1.36 11.75
CA TYR E 262 -48.85 -1.57 12.35
C TYR E 262 -49.83 -2.23 11.39
N GLU E 263 -49.93 -1.67 10.19
CA GLU E 263 -50.82 -2.22 9.17
C GLU E 263 -50.45 -3.66 8.81
N GLN E 264 -49.14 -3.94 8.71
CA GLN E 264 -48.66 -5.27 8.43
C GLN E 264 -48.92 -6.24 9.60
N ALA E 265 -48.77 -5.78 10.84
CA ALA E 265 -49.07 -6.64 11.98
C ALA E 265 -50.55 -7.05 11.96
N LYS E 266 -51.43 -6.09 11.67
CA LYS E 266 -52.87 -6.39 11.55
C LYS E 266 -53.12 -7.42 10.42
N GLN E 267 -52.34 -7.33 9.35
CA GLN E 267 -52.48 -8.24 8.23
C GLN E 267 -52.05 -9.64 8.62
N LEU E 268 -50.91 -9.73 9.30
CA LEU E 268 -50.36 -10.99 9.78
C LEU E 268 -51.33 -11.62 10.72
N ALA E 269 -51.82 -10.83 11.67
CA ALA E 269 -52.76 -11.33 12.68
C ALA E 269 -54.02 -11.91 12.05
N GLU E 270 -54.60 -11.15 11.12
CA GLU E 270 -55.73 -11.61 10.30
C GLU E 270 -55.46 -12.99 9.66
N GLN E 271 -54.24 -13.20 9.14
CA GLN E 271 -53.88 -14.47 8.52
CA GLN E 271 -53.87 -14.48 8.53
C GLN E 271 -53.72 -15.60 9.56
N PHE E 272 -53.16 -15.27 10.70
CA PHE E 272 -52.95 -16.26 11.74
C PHE E 272 -54.29 -16.69 12.34
N ASN E 273 -55.17 -15.71 12.63
CA ASN E 273 -56.51 -15.99 13.14
C ASN E 273 -57.41 -16.81 12.21
N ALA E 274 -57.10 -16.83 10.91
CA ALA E 274 -57.84 -17.65 9.95
C ALA E 274 -57.35 -19.12 9.88
N LEU E 275 -56.24 -19.44 10.54
CA LEU E 275 -55.78 -20.83 10.63
C LEU E 275 -56.54 -21.45 11.80
N PRO E 276 -57.06 -22.69 11.63
CA PRO E 276 -57.78 -23.31 12.77
C PRO E 276 -56.78 -23.72 13.83
N GLY E 277 -57.20 -23.59 15.08
CA GLY E 277 -56.34 -23.90 16.23
C GLY E 277 -55.23 -22.87 16.45
N VAL E 278 -55.36 -21.72 15.80
CA VAL E 278 -54.41 -20.61 16.01
C VAL E 278 -55.19 -19.32 16.28
N HIS E 279 -54.64 -18.48 17.16
CA HIS E 279 -55.27 -17.19 17.48
C HIS E 279 -54.24 -16.26 18.08
N THR E 280 -54.50 -14.99 17.94
CA THR E 280 -53.63 -13.97 18.48
C THR E 280 -54.31 -13.23 19.60
N THR E 281 -53.48 -12.62 20.47
CA THR E 281 -53.95 -11.69 21.48
CA THR E 281 -53.95 -11.69 21.49
C THR E 281 -53.06 -10.46 21.42
N PRO E 282 -53.66 -9.25 21.27
CA PRO E 282 -55.10 -9.03 21.03
C PRO E 282 -55.53 -9.62 19.65
N GLU E 283 -56.83 -9.86 19.48
CA GLU E 283 -57.36 -10.29 18.17
C GLU E 283 -56.94 -9.34 17.06
N VAL E 284 -57.09 -8.02 17.28
CA VAL E 284 -56.57 -7.06 16.33
C VAL E 284 -55.41 -6.34 16.98
N PRO E 285 -54.19 -6.51 16.47
CA PRO E 285 -53.09 -5.75 17.04
C PRO E 285 -53.42 -4.27 17.14
N VAL E 286 -52.86 -3.60 18.14
CA VAL E 286 -52.97 -2.13 18.23
C VAL E 286 -51.61 -1.45 17.96
N SER E 287 -50.66 -2.22 17.44
CA SER E 287 -49.30 -1.73 17.18
C SER E 287 -48.63 -2.74 16.23
N ASN E 288 -47.30 -2.76 16.18
CA ASN E 288 -46.59 -3.77 15.39
C ASN E 288 -46.50 -5.19 16.00
N PHE E 290 -48.21 -8.64 18.51
CA PHE E 290 -49.22 -9.44 19.19
C PHE E 290 -48.57 -10.70 19.72
N HIS E 291 -49.28 -11.40 20.60
CA HIS E 291 -48.89 -12.78 20.91
C HIS E 291 -49.69 -13.73 20.07
N LEU E 292 -49.05 -14.82 19.69
CA LEU E 292 -49.60 -15.83 18.82
C LEU E 292 -49.75 -17.10 19.67
N HIS E 293 -50.93 -17.71 19.63
CA HIS E 293 -51.22 -18.91 20.41
C HIS E 293 -51.69 -20.06 19.53
N PHE E 294 -51.12 -21.23 19.74
CA PHE E 294 -51.48 -22.45 19.02
C PHE E 294 -52.05 -23.44 20.03
N ASP E 295 -53.16 -24.06 19.68
CA ASP E 295 -53.63 -25.24 20.40
C ASP E 295 -52.60 -26.36 20.39
N GLY E 296 -52.54 -27.10 21.50
CA GLY E 296 -51.53 -28.17 21.67
C GLY E 296 -50.31 -27.63 22.39
N GLN E 297 -49.34 -28.48 22.62
CA GLN E 297 -48.13 -28.10 23.35
C GLN E 297 -46.98 -28.09 22.40
N ALA E 298 -45.89 -27.43 22.81
CA ALA E 298 -44.70 -27.26 21.98
C ALA E 298 -44.21 -28.58 21.38
N ALA E 299 -44.21 -29.67 22.17
CA ALA E 299 -43.78 -31.00 21.64
C ALA E 299 -44.44 -31.37 20.31
N ASP E 300 -45.69 -30.95 20.20
CA ASP E 300 -46.52 -31.25 19.06
C ASP E 300 -46.42 -30.14 18.01
N ILE E 301 -46.61 -28.89 18.41
CA ILE E 301 -46.59 -27.77 17.44
C ILE E 301 -45.19 -27.52 16.87
N SER E 302 -44.15 -27.53 17.71
CA SER E 302 -42.78 -27.21 17.25
C SER E 302 -42.42 -27.87 15.91
N PRO E 303 -42.66 -29.20 15.77
CA PRO E 303 -42.26 -29.89 14.52
C PRO E 303 -43.02 -29.52 13.27
N LYS E 304 -44.26 -29.06 13.43
CA LYS E 304 -45.03 -28.60 12.30
C LYS E 304 -44.35 -27.36 11.73
N LEU E 305 -43.83 -26.55 12.67
CA LEU E 305 -43.28 -25.22 12.42
C LEU E 305 -41.86 -25.30 11.97
N GLU E 306 -41.10 -26.25 12.52
CA GLU E 306 -39.75 -26.53 12.07
C GLU E 306 -39.78 -27.00 10.62
N GLN E 307 -40.71 -27.91 10.29
CA GLN E 307 -40.82 -28.40 8.93
C GLN E 307 -41.25 -27.30 7.97
N VAL E 308 -42.28 -26.52 8.31
CA VAL E 308 -42.65 -25.34 7.50
C VAL E 308 -41.43 -24.41 7.25
N GLN E 309 -40.70 -24.10 8.30
CA GLN E 309 -39.55 -23.19 8.20
C GLN E 309 -38.38 -23.79 7.43
N GLU E 310 -38.14 -25.07 7.60
CA GLU E 310 -37.13 -25.77 6.81
C GLU E 310 -37.45 -25.79 5.32
N GLU E 311 -38.71 -26.07 5.00
CA GLU E 311 -39.17 -26.21 3.63
C GLU E 311 -39.34 -24.89 2.91
N THR E 312 -39.79 -23.86 3.61
CA THR E 312 -40.12 -22.61 2.95
C THR E 312 -38.99 -21.58 3.00
N GLY E 313 -38.16 -21.64 4.03
CA GLY E 313 -37.16 -20.60 4.28
C GLY E 313 -37.77 -19.28 4.77
N LEU E 314 -39.04 -19.30 5.18
CA LEU E 314 -39.72 -18.12 5.77
C LEU E 314 -39.86 -18.38 7.27
N GLY E 315 -39.35 -17.46 8.08
CA GLY E 315 -39.42 -17.62 9.55
C GLY E 315 -40.70 -17.01 10.09
N PHE E 316 -41.51 -17.83 10.76
CA PHE E 316 -42.71 -17.39 11.46
C PHE E 316 -42.50 -17.33 12.98
N VAL E 317 -41.95 -18.41 13.52
CA VAL E 317 -41.81 -18.61 14.98
C VAL E 317 -40.38 -19.11 15.29
N GLY E 318 -39.71 -18.42 16.21
CA GLY E 318 -38.40 -18.82 16.70
C GLY E 318 -38.40 -19.54 18.04
N TYR E 319 -39.45 -19.37 18.83
CA TYR E 319 -39.52 -20.05 20.12
C TYR E 319 -40.98 -20.22 20.49
N LEU E 320 -41.25 -21.09 21.45
CA LEU E 320 -42.60 -21.28 21.96
C LEU E 320 -42.54 -21.43 23.46
N VAL E 321 -43.61 -21.06 24.12
CA VAL E 321 -43.69 -21.20 25.56
C VAL E 321 -44.94 -22.00 25.78
N ASP E 322 -44.85 -22.97 26.68
CA ASP E 322 -45.96 -23.87 26.93
C ASP E 322 -46.84 -23.31 28.01
N LYS E 323 -48.15 -23.38 27.78
CA LYS E 323 -49.19 -22.95 28.71
C LYS E 323 -50.14 -24.16 28.88
N ASP E 324 -51.26 -24.00 29.58
CA ASP E 324 -52.17 -25.14 29.77
C ASP E 324 -53.04 -25.38 28.53
N GLY E 325 -52.55 -26.29 27.70
CA GLY E 325 -53.28 -26.75 26.52
C GLY E 325 -52.97 -25.96 25.27
N TYR E 326 -52.00 -25.06 25.34
CA TYR E 326 -51.61 -24.24 24.21
C TYR E 326 -50.16 -23.78 24.37
N CYS E 327 -49.62 -23.20 23.29
CA CYS E 327 -48.27 -22.65 23.33
C CYS E 327 -48.18 -21.36 22.50
N SER E 328 -47.34 -20.45 22.98
CA SER E 328 -47.40 -19.07 22.57
C SER E 328 -46.03 -18.56 22.16
N THR E 329 -46.05 -17.51 21.35
CA THR E 329 -44.86 -16.71 21.03
C THR E 329 -45.28 -15.27 20.82
N GLU E 330 -44.29 -14.37 20.79
CA GLU E 330 -44.53 -12.98 20.53
C GLU E 330 -44.03 -12.63 19.12
N ILE E 331 -44.86 -11.94 18.37
CA ILE E 331 -44.49 -11.40 17.06
C ILE E 331 -44.42 -9.89 17.18
N SER E 332 -43.37 -9.27 16.62
CA SER E 332 -43.22 -7.81 16.44
C SER E 332 -42.80 -7.54 15.00
N VAL E 333 -43.57 -6.76 14.22
CA VAL E 333 -43.19 -6.50 12.84
C VAL E 333 -42.16 -5.35 12.78
N GLY E 334 -41.14 -5.56 11.97
CA GLY E 334 -40.18 -4.57 11.61
C GLY E 334 -39.98 -4.64 10.11
N ASP E 335 -38.81 -4.21 9.66
CA ASP E 335 -38.45 -4.23 8.23
C ASP E 335 -38.50 -5.60 7.58
N ALA E 336 -38.26 -6.69 8.32
CA ALA E 336 -38.08 -8.00 7.69
C ALA E 336 -39.31 -8.35 6.85
N TYR E 337 -40.50 -8.12 7.42
CA TYR E 337 -41.76 -8.45 6.73
C TYR E 337 -41.78 -7.85 5.32
N GLY E 338 -41.39 -6.57 5.24
CA GLY E 338 -41.44 -5.79 3.98
C GLY E 338 -40.45 -6.25 2.93
N GLU E 339 -39.43 -6.99 3.36
CA GLU E 339 -38.42 -7.49 2.47
C GLU E 339 -38.82 -8.80 1.83
N LEU E 340 -39.90 -9.40 2.32
CA LEU E 340 -40.55 -10.52 1.66
C LEU E 340 -41.59 -9.90 0.75
N ASP E 341 -41.82 -10.51 -0.40
CA ASP E 341 -42.87 -10.01 -1.27
C ASP E 341 -44.17 -10.76 -0.92
N GLN E 342 -45.27 -10.18 -1.37
CA GLN E 342 -46.60 -10.70 -1.08
C GLN E 342 -46.74 -12.17 -1.42
N GLN E 343 -46.23 -12.54 -2.59
CA GLN E 343 -46.41 -13.89 -3.08
C GLN E 343 -45.65 -14.88 -2.18
N THR E 344 -44.48 -14.49 -1.69
CA THR E 344 -43.72 -15.33 -0.80
C THR E 344 -44.41 -15.51 0.53
N ARG E 345 -44.86 -14.41 1.13
CA ARG E 345 -45.60 -14.50 2.37
C ARG E 345 -46.80 -15.41 2.16
N ASP E 346 -47.56 -15.17 1.08
CA ASP E 346 -48.73 -15.99 0.74
C ASP E 346 -48.36 -17.47 0.60
N ALA E 347 -47.31 -17.77 -0.16
CA ALA E 347 -46.80 -19.14 -0.29
C ALA E 347 -46.54 -19.76 1.10
N GLY E 348 -45.83 -19.04 1.95
CA GLY E 348 -45.49 -19.56 3.28
C GLY E 348 -46.72 -19.86 4.13
N PHE E 349 -47.71 -18.96 4.09
CA PHE E 349 -48.96 -19.19 4.83
C PHE E 349 -49.78 -20.40 4.32
N ALA E 350 -49.75 -20.66 3.01
CA ALA E 350 -50.41 -21.85 2.45
C ALA E 350 -49.72 -23.15 2.90
N ARG E 351 -48.42 -23.08 3.21
CA ARG E 351 -47.69 -24.25 3.71
C ARG E 351 -47.84 -24.39 5.23
N LEU E 352 -47.89 -23.24 5.94
CA LEU E 352 -48.32 -23.22 7.35
C LEU E 352 -49.73 -23.82 7.50
N ARG E 353 -50.70 -23.35 6.71
CA ARG E 353 -52.09 -23.85 6.73
C ARG E 353 -52.13 -25.37 6.59
N GLN E 354 -51.39 -25.91 5.63
CA GLN E 354 -51.30 -27.36 5.47
C GLN E 354 -50.81 -28.08 6.73
N ALA E 355 -50.05 -27.39 7.56
CA ALA E 355 -49.69 -27.92 8.87
C ALA E 355 -50.90 -27.87 9.81
N PHE E 356 -51.71 -26.82 9.70
CA PHE E 356 -52.86 -26.57 10.57
C PHE E 356 -54.15 -26.45 9.75
N GLY F 1 -17.17 27.93 25.62
CA GLY F 1 -16.01 27.41 24.86
C GLY F 1 -14.94 26.90 25.82
N ASN F 3 -10.73 27.39 27.54
CA ASN F 3 -9.71 28.32 27.94
C ASN F 3 -8.59 28.31 26.90
N ARG F 4 -7.74 29.32 26.98
CA ARG F 4 -6.64 29.51 26.04
C ARG F 4 -5.67 28.32 25.96
N LEU F 5 -5.41 27.67 27.10
CA LEU F 5 -4.56 26.48 27.14
C LEU F 5 -5.19 25.32 26.38
N ARG F 6 -6.41 24.96 26.76
CA ARG F 6 -7.17 23.87 26.11
C ARG F 6 -7.27 24.03 24.59
N THR F 7 -7.49 25.27 24.15
CA THR F 7 -7.53 25.62 22.76
C THR F 7 -6.16 25.49 22.10
N SER F 8 -5.11 25.90 22.80
CA SER F 8 -3.76 25.79 22.26
C SER F 8 -3.41 24.30 22.06
N PHE F 9 -3.89 23.44 22.93
CA PHE F 9 -3.62 22.01 22.85
C PHE F 9 -4.43 21.27 21.76
N GLN F 10 -5.71 21.64 21.61
CA GLN F 10 -6.59 20.99 20.63
C GLN F 10 -6.11 21.24 19.21
N GLN F 11 -5.51 22.40 18.99
CA GLN F 11 -4.99 22.74 17.67
C GLN F 11 -3.60 22.17 17.33
N THR F 12 -2.93 21.50 18.26
CA THR F 12 -1.59 20.97 17.97
C THR F 12 -1.70 19.79 17.00
N THR F 13 -0.64 19.59 16.24
CA THR F 13 -0.57 18.53 15.25
C THR F 13 0.16 17.28 15.80
N GLY F 14 0.59 17.37 17.06
CA GLY F 14 1.19 16.24 17.76
C GLY F 14 1.18 16.51 19.26
N GLN F 15 1.30 15.44 20.04
CA GLN F 15 1.21 15.49 21.50
C GLN F 15 2.16 14.50 22.16
N ILE F 16 2.58 14.81 23.37
CA ILE F 16 3.43 13.91 24.10
C ILE F 16 2.58 12.86 24.87
N SER F 17 1.33 13.19 25.15
CA SER F 17 0.46 12.36 25.97
CA SER F 17 0.47 12.36 25.99
C SER F 17 -0.64 11.72 25.16
N GLY F 18 -1.06 10.52 25.54
CA GLY F 18 -2.21 9.90 24.90
C GLY F 18 -1.99 9.18 23.60
N HIS F 19 -3.11 8.84 22.97
CA HIS F 19 -3.11 8.08 21.73
C HIS F 19 -3.70 8.94 20.61
N GLY F 20 -3.63 10.26 20.72
CA GLY F 20 -4.24 11.11 19.70
C GLY F 20 -5.72 11.29 19.95
N LYS F 21 -6.45 11.73 18.94
CA LYS F 21 -7.83 12.19 19.13
C LYS F 21 -8.78 11.06 19.41
N ARG F 22 -9.59 11.26 20.43
CA ARG F 22 -10.60 10.31 20.84
C ARG F 22 -11.77 10.63 19.95
N ASN F 23 -11.82 9.97 18.80
CA ASN F 23 -12.86 10.22 17.85
C ASN F 23 -13.52 8.91 17.43
N VAL F 24 -14.58 9.05 16.67
CA VAL F 24 -15.35 7.95 16.14
C VAL F 24 -14.53 6.98 15.27
N GLY F 25 -13.48 7.48 14.65
CA GLY F 25 -12.55 6.61 13.88
C GLY F 25 -11.91 5.52 14.72
N VAL F 26 -11.77 5.75 16.02
CA VAL F 26 -11.25 4.72 16.93
C VAL F 26 -12.17 3.49 16.91
N LEU F 27 -13.49 3.72 16.92
CA LEU F 27 -14.45 2.63 16.70
C LEU F 27 -14.36 1.99 15.31
N LYS F 28 -14.35 2.82 14.27
CA LYS F 28 -14.42 2.28 12.90
C LYS F 28 -13.18 1.47 12.50
N THR F 29 -12.02 1.89 12.97
CA THR F 29 -10.75 1.17 12.75
C THR F 29 -10.82 -0.25 13.28
N ALA F 30 -11.33 -0.37 14.51
CA ALA F 30 -11.50 -1.66 15.18
C ALA F 30 -12.45 -2.60 14.41
N PHE F 31 -13.43 -2.01 13.74
CA PHE F 31 -14.46 -2.79 13.02
C PHE F 31 -14.19 -2.99 11.55
N ALA F 32 -13.13 -2.37 11.05
CA ALA F 32 -12.81 -2.35 9.62
C ALA F 32 -12.68 -3.75 9.03
N ALA F 33 -11.91 -4.59 9.70
CA ALA F 33 -11.70 -5.94 9.23
C ALA F 33 -12.65 -6.95 9.89
N VAL F 34 -13.72 -6.51 10.54
CA VAL F 34 -14.71 -7.45 11.09
C VAL F 34 -15.86 -7.66 10.12
N ALA F 35 -16.26 -8.92 9.92
CA ALA F 35 -17.33 -9.30 8.98
C ALA F 35 -18.72 -8.84 9.42
N ASP F 36 -19.49 -8.27 8.50
CA ASP F 36 -20.84 -7.78 8.84
C ASP F 36 -21.71 -8.89 9.44
N GLU F 37 -21.50 -10.14 8.99
CA GLU F 37 -22.38 -11.25 9.33
C GLU F 37 -22.21 -11.75 10.74
N ALA F 39 -22.32 -12.58 14.51
CA ALA F 39 -23.41 -12.52 15.44
C ALA F 39 -23.11 -11.56 16.59
N SER F 40 -24.12 -10.82 17.02
CA SER F 40 -24.03 -10.05 18.25
C SER F 40 -24.08 -10.97 19.47
N ASP F 41 -23.63 -10.43 20.60
CA ASP F 41 -23.79 -11.08 21.89
C ASP F 41 -25.23 -10.88 22.26
N GLN F 42 -25.68 -11.64 23.26
CA GLN F 42 -27.03 -11.54 23.74
C GLN F 42 -27.07 -11.64 25.23
N TYR F 43 -27.47 -10.53 25.83
CA TYR F 43 -27.64 -10.40 27.27
C TYR F 43 -26.57 -11.16 28.03
N GLY F 44 -25.32 -10.76 27.80
CA GLY F 44 -24.23 -11.24 28.64
C GLY F 44 -23.65 -12.59 28.25
N THR F 45 -24.28 -13.24 27.28
CA THR F 45 -23.91 -14.57 26.83
C THR F 45 -23.85 -14.63 25.29
N GLY F 46 -23.31 -15.73 24.79
CA GLY F 46 -23.22 -15.96 23.35
C GLY F 46 -21.93 -15.54 22.71
N ALA F 47 -22.05 -15.21 21.41
CA ALA F 47 -20.90 -14.94 20.58
C ALA F 47 -20.32 -13.62 21.02
N ILE F 48 -19.02 -13.47 20.79
CA ILE F 48 -18.20 -12.30 21.03
C ILE F 48 -17.82 -12.19 22.52
N ILE F 49 -18.86 -12.06 23.35
CA ILE F 49 -18.68 -11.97 24.79
C ILE F 49 -18.10 -13.25 25.43
N GLU F 50 -18.63 -14.43 25.15
CA GLU F 50 -18.07 -15.65 25.76
C GLU F 50 -16.58 -15.92 25.45
N PRO F 51 -16.18 -15.92 24.19
CA PRO F 51 -14.73 -16.06 23.95
C PRO F 51 -13.84 -14.94 24.57
N PHE F 52 -14.36 -13.70 24.64
CA PHE F 52 -13.58 -12.59 25.20
C PHE F 52 -13.36 -12.82 26.71
N GLU F 53 -14.46 -13.04 27.43
CA GLU F 53 -14.39 -13.38 28.84
C GLU F 53 -13.44 -14.58 29.14
N GLN F 54 -13.49 -15.65 28.35
CA GLN F 54 -12.52 -16.79 28.53
C GLN F 54 -11.07 -16.34 28.25
N LYS F 55 -10.91 -15.55 27.18
CA LYS F 55 -9.63 -14.94 26.87
C LYS F 55 -9.06 -14.17 28.04
N PHE F 56 -9.87 -13.31 28.65
CA PHE F 56 -9.31 -12.45 29.68
C PHE F 56 -9.25 -13.17 31.04
N ALA F 57 -10.11 -14.14 31.30
CA ALA F 57 -9.92 -14.98 32.49
C ALA F 57 -8.53 -15.65 32.42
N ASP F 58 -8.18 -16.22 31.26
CA ASP F 58 -6.86 -16.88 31.07
C ASP F 58 -5.74 -15.88 31.17
N VAL F 59 -5.88 -14.74 30.51
CA VAL F 59 -4.85 -13.68 30.63
C VAL F 59 -4.56 -13.33 32.09
N LEU F 60 -5.59 -13.31 32.92
CA LEU F 60 -5.45 -12.90 34.29
C LEU F 60 -5.30 -14.05 35.29
N GLY F 61 -5.25 -15.29 34.82
CA GLY F 61 -5.10 -16.47 35.71
C GLY F 61 -6.25 -16.70 36.68
N ASP F 63 -10.50 -17.99 37.44
CA ASP F 63 -11.53 -18.99 37.05
C ASP F 63 -12.35 -18.46 35.91
N ASP F 64 -12.72 -17.21 36.02
CA ASP F 64 -13.77 -16.70 35.20
C ASP F 64 -13.68 -15.15 35.12
N ALA F 65 -14.45 -14.56 34.21
CA ALA F 65 -14.38 -13.11 34.00
C ALA F 65 -15.67 -12.60 33.37
N VAL F 66 -16.01 -11.37 33.67
CA VAL F 66 -17.30 -10.81 33.27
C VAL F 66 -17.02 -9.48 32.62
N PHE F 67 -17.50 -9.32 31.38
CA PHE F 67 -17.46 -8.01 30.73
C PHE F 67 -18.50 -7.04 31.31
N PHE F 68 -18.04 -5.84 31.66
CA PHE F 68 -18.88 -4.79 32.23
C PHE F 68 -18.75 -3.59 31.31
N PRO F 69 -19.80 -2.79 31.18
CA PRO F 69 -19.62 -1.57 30.38
C PRO F 69 -18.68 -0.59 31.04
N SER F 70 -18.51 -0.65 32.38
CA SER F 70 -17.63 0.29 33.08
C SER F 70 -16.90 -0.33 34.30
N GLY F 71 -15.75 0.22 34.64
CA GLY F 71 -15.11 -0.07 35.91
C GLY F 71 -15.91 0.39 37.13
N THR F 72 -16.59 1.53 36.99
CA THR F 72 -17.41 2.07 38.08
C THR F 72 -18.40 0.99 38.51
N ALA F 74 -18.27 -2.40 37.62
CA ALA F 74 -17.57 -3.64 38.01
C ALA F 74 -17.08 -3.57 39.44
N GLN F 75 -16.35 -2.52 39.79
CA GLN F 75 -15.71 -2.50 41.12
C GLN F 75 -16.70 -2.42 42.27
N GLN F 76 -17.78 -1.64 42.09
CA GLN F 76 -18.84 -1.55 43.09
C GLN F 76 -19.46 -2.94 43.32
N VAL F 77 -19.72 -3.64 42.24
CA VAL F 77 -20.19 -5.03 42.27
C VAL F 77 -19.23 -5.97 43.00
N ALA F 78 -17.94 -5.90 42.68
CA ALA F 78 -16.92 -6.70 43.36
C ALA F 78 -16.98 -6.51 44.89
N LEU F 79 -17.00 -5.26 45.31
CA LEU F 79 -16.98 -4.96 46.74
C LEU F 79 -18.26 -5.36 47.45
N ARG F 80 -19.43 -5.19 46.80
CA ARG F 80 -20.69 -5.71 47.34
C ARG F 80 -20.70 -7.23 47.48
N ILE F 81 -20.09 -7.93 46.53
CA ILE F 81 -20.02 -9.39 46.62
C ILE F 81 -19.13 -9.85 47.80
N TRP F 82 -17.96 -9.29 47.93
CA TRP F 82 -17.09 -9.70 49.04
C TRP F 82 -17.70 -9.30 50.41
N SER F 83 -18.46 -8.19 50.44
CA SER F 83 -19.11 -7.72 51.65
C SER F 83 -20.21 -8.71 52.08
N ASP F 84 -20.99 -9.17 51.11
CA ASP F 84 -22.02 -10.19 51.33
C ASP F 84 -21.42 -11.50 51.82
N GLU F 85 -20.35 -11.95 51.17
CA GLU F 85 -19.76 -13.23 51.50
C GLU F 85 -19.12 -13.25 52.90
N THR F 86 -18.56 -12.11 53.35
CA THR F 86 -17.88 -12.01 54.65
C THR F 86 -18.77 -11.49 55.79
N ASP F 87 -20.03 -11.17 55.50
CA ASP F 87 -20.98 -10.50 56.41
C ASP F 87 -20.40 -9.21 57.00
N ASN F 88 -19.59 -8.51 56.21
CA ASN F 88 -18.90 -7.32 56.70
C ASN F 88 -19.14 -6.18 55.73
N ARG F 89 -19.72 -5.11 56.24
CA ARG F 89 -20.11 -3.95 55.42
C ARG F 89 -19.06 -2.83 55.39
N THR F 90 -17.82 -3.16 55.71
CA THR F 90 -16.74 -2.18 55.63
C THR F 90 -15.71 -2.67 54.61
N VAL F 91 -15.20 -1.74 53.79
CA VAL F 91 -14.05 -2.00 52.94
C VAL F 91 -13.06 -0.88 53.15
N ALA F 92 -11.82 -1.13 52.74
CA ALA F 92 -10.72 -0.20 52.89
C ALA F 92 -9.99 0.06 51.56
N TYR F 93 -9.57 1.30 51.39
CA TYR F 93 -8.85 1.71 50.21
C TYR F 93 -8.20 3.06 50.45
N HIS F 94 -7.31 3.47 49.54
CA HIS F 94 -6.59 4.75 49.65
C HIS F 94 -7.61 5.89 49.67
N PRO F 95 -7.28 7.00 50.35
CA PRO F 95 -8.24 8.13 50.32
C PRO F 95 -8.68 8.61 48.92
N LEU F 96 -7.83 8.47 47.93
CA LEU F 96 -8.10 8.95 46.57
C LEU F 96 -8.53 7.86 45.58
N CYS F 97 -9.00 6.74 46.14
CA CYS F 97 -9.57 5.66 45.38
C CYS F 97 -10.71 6.17 44.50
N HIS F 98 -10.83 5.59 43.32
CA HIS F 98 -11.83 6.06 42.35
C HIS F 98 -13.26 6.01 42.88
N LEU F 99 -13.55 4.97 43.66
CA LEU F 99 -14.88 4.75 44.28
C LEU F 99 -15.23 5.83 45.29
N GLU F 100 -14.20 6.41 45.89
CA GLU F 100 -14.34 7.43 46.90
C GLU F 100 -14.56 8.81 46.33
N ILE F 101 -13.86 9.15 45.26
CA ILE F 101 -13.89 10.53 44.75
C ILE F 101 -14.40 10.76 43.33
N HIS F 102 -14.72 9.72 42.55
CA HIS F 102 -15.04 9.97 41.13
C HIS F 102 -16.34 9.32 40.66
N GLU F 103 -17.12 8.73 41.59
CA GLU F 103 -18.35 8.02 41.22
C GLU F 103 -19.58 8.58 41.95
N GLN F 104 -19.52 9.86 42.35
CA GLN F 104 -20.65 10.52 43.04
C GLN F 104 -21.21 9.69 44.21
N ASP F 105 -20.29 9.09 44.98
CA ASP F 105 -20.62 8.18 46.09
C ASP F 105 -21.54 7.00 45.75
N GLY F 106 -21.31 6.42 44.57
CA GLY F 106 -22.15 5.30 44.12
C GLY F 106 -22.02 4.08 45.03
N LEU F 107 -20.79 3.65 45.37
CA LEU F 107 -20.65 2.54 46.35
C LEU F 107 -21.54 2.76 47.62
N LYS F 108 -21.39 3.91 48.25
CA LYS F 108 -22.11 4.20 49.47
C LYS F 108 -23.62 4.45 49.24
N GLU F 109 -23.99 5.00 48.10
CA GLU F 109 -25.40 5.36 47.82
C GLU F 109 -26.22 4.17 47.37
N LEU F 110 -25.58 3.19 46.70
CA LEU F 110 -26.32 2.04 46.19
C LEU F 110 -26.22 0.79 47.09
N HIS F 111 -25.32 0.79 48.05
CA HIS F 111 -25.08 -0.36 48.92
C HIS F 111 -24.92 0.14 50.36
N PRO F 112 -25.34 -0.66 51.35
CA PRO F 112 -25.05 -0.30 52.76
C PRO F 112 -23.55 -0.47 53.15
N ILE F 113 -22.63 0.11 52.40
CA ILE F 113 -21.22 -0.11 52.64
C ILE F 113 -20.51 1.14 53.13
N GLU F 114 -19.64 1.01 54.14
CA GLU F 114 -18.82 2.15 54.62
C GLU F 114 -17.38 1.86 54.28
N THR F 115 -16.55 2.91 54.27
CA THR F 115 -15.18 2.80 53.84
C THR F 115 -14.16 3.34 54.84
N ILE F 116 -13.04 2.64 54.96
CA ILE F 116 -11.91 3.11 55.73
C ILE F 116 -10.87 3.58 54.74
N LEU F 117 -10.46 4.84 54.90
CA LEU F 117 -9.40 5.40 54.09
C LEU F 117 -8.07 5.15 54.79
N VAL F 118 -7.21 4.37 54.14
CA VAL F 118 -6.00 3.89 54.74
C VAL F 118 -4.83 4.85 54.42
N GLY F 119 -4.10 5.28 55.44
CA GLY F 119 -2.96 6.19 55.23
C GLY F 119 -3.31 7.63 54.90
N ALA F 120 -2.49 8.29 54.09
CA ALA F 120 -2.69 9.73 53.79
C ALA F 120 -2.81 9.95 52.29
N ALA F 121 -3.51 11.03 51.94
CA ALA F 121 -3.89 11.33 50.56
C ALA F 121 -2.73 11.52 49.62
N ASP F 122 -1.60 12.01 50.14
CA ASP F 122 -0.40 12.34 49.35
C ASP F 122 0.64 11.21 49.21
N ARG F 123 0.32 9.99 49.63
CA ARG F 123 1.28 8.91 49.55
C ARG F 123 0.58 7.55 49.52
N LEU F 124 1.36 6.52 49.20
CA LEU F 124 0.92 5.13 49.38
C LEU F 124 0.63 4.81 50.87
N THR F 126 0.87 2.30 54.02
CA THR F 126 2.00 1.48 54.46
C THR F 126 1.51 0.13 54.89
N LEU F 127 2.42 -0.83 54.94
CA LEU F 127 2.13 -2.17 55.45
C LEU F 127 1.64 -2.15 56.90
N ASP F 128 2.26 -1.32 57.74
CA ASP F 128 1.77 -1.13 59.10
C ASP F 128 0.34 -0.62 59.11
N GLU F 129 0.00 0.27 58.20
CA GLU F 129 -1.38 0.76 58.18
C GLU F 129 -2.32 -0.39 57.81
N ILE F 130 -1.97 -1.16 56.78
CA ILE F 130 -2.77 -2.34 56.41
C ILE F 130 -2.88 -3.32 57.60
N LYS F 131 -1.79 -3.51 58.35
CA LYS F 131 -1.81 -4.43 59.49
C LYS F 131 -2.65 -3.92 60.66
N ALA F 132 -2.80 -2.59 60.78
CA ALA F 132 -3.65 -1.99 61.81
C ALA F 132 -5.12 -2.10 61.48
N LEU F 133 -5.51 -2.45 60.24
CA LEU F 133 -6.94 -2.50 59.89
C LEU F 133 -7.72 -3.54 60.75
N PRO F 134 -8.96 -3.22 61.14
CA PRO F 134 -9.80 -4.17 61.82
C PRO F 134 -10.40 -5.17 60.82
N ASP F 135 -11.24 -6.07 61.30
CA ASP F 135 -11.97 -6.97 60.41
C ASP F 135 -12.82 -6.14 59.43
N ILE F 136 -12.52 -6.32 58.16
CA ILE F 136 -13.21 -5.67 57.04
C ILE F 136 -13.49 -6.72 55.99
N ALA F 137 -14.40 -6.40 55.08
CA ALA F 137 -14.75 -7.31 54.02
C ALA F 137 -13.63 -7.42 52.97
N CYS F 138 -13.07 -6.28 52.61
CA CYS F 138 -12.25 -6.21 51.41
C CYS F 138 -11.31 -5.03 51.47
N LEU F 139 -10.05 -5.23 51.07
CA LEU F 139 -9.10 -4.11 50.85
C LEU F 139 -8.90 -4.02 49.31
N LEU F 140 -9.05 -2.83 48.75
CA LEU F 140 -8.81 -2.56 47.32
C LEU F 140 -7.48 -1.84 47.22
N LEU F 141 -6.63 -2.32 46.31
CA LEU F 141 -5.37 -1.64 45.95
C LEU F 141 -5.41 -1.24 44.48
N GLU F 142 -4.91 -0.05 44.17
CA GLU F 142 -4.86 0.46 42.82
C GLU F 142 -3.41 0.50 42.37
N LEU F 143 -3.09 -0.20 41.28
CA LEU F 143 -1.72 -0.27 40.79
C LEU F 143 -1.61 0.43 39.43
N PRO F 144 -0.82 1.53 39.32
CA PRO F 144 -0.23 2.31 40.40
C PRO F 144 -1.31 3.25 40.94
N GLN F 145 -0.98 4.01 41.98
CA GLN F 145 -1.90 4.99 42.58
C GLN F 145 -1.86 6.27 41.76
N ARG F 146 -2.85 6.40 40.93
CA ARG F 146 -2.83 7.36 39.86
C ARG F 146 -2.88 8.81 40.36
N GLU F 147 -3.66 9.02 41.42
CA GLU F 147 -3.94 10.36 41.90
C GLU F 147 -2.72 11.03 42.52
N ILE F 148 -1.70 10.26 42.85
CA ILE F 148 -0.44 10.86 43.25
C ILE F 148 0.68 10.65 42.22
N GLY F 149 0.31 10.47 40.96
CA GLY F 149 1.25 10.46 39.83
C GLY F 149 1.63 9.10 39.28
N GLY F 150 1.09 8.04 39.88
CA GLY F 150 1.41 6.69 39.47
C GLY F 150 2.60 6.15 40.23
N VAL F 151 2.34 5.79 41.48
CA VAL F 151 3.30 5.20 42.41
CA VAL F 151 3.34 5.13 42.28
C VAL F 151 2.76 3.82 42.81
N ALA F 152 3.64 2.85 43.01
CA ALA F 152 3.25 1.47 43.35
C ALA F 152 4.19 0.84 44.37
N PRO F 153 3.68 -0.07 45.20
CA PRO F 153 4.60 -0.83 46.04
C PRO F 153 5.40 -1.85 45.24
N ALA F 154 6.54 -2.24 45.77
CA ALA F 154 7.32 -3.35 45.20
C ALA F 154 6.48 -4.61 45.14
N PHE F 155 6.84 -5.47 44.18
CA PHE F 155 6.20 -6.78 44.02
C PHE F 155 6.28 -7.57 45.33
N SER F 156 7.39 -7.46 46.05
CA SER F 156 7.53 -8.21 47.31
CA SER F 156 7.52 -8.21 47.30
C SER F 156 6.49 -7.76 48.31
N GLU F 157 6.23 -6.44 48.38
CA GLU F 157 5.19 -5.86 49.24
CA GLU F 157 5.20 -5.91 49.27
C GLU F 157 3.81 -6.37 48.86
N LEU F 158 3.54 -6.42 47.56
CA LEU F 158 2.28 -6.95 47.04
C LEU F 158 2.07 -8.40 47.51
N GLU F 159 3.11 -9.22 47.38
CA GLU F 159 3.08 -10.61 47.92
C GLU F 159 2.81 -10.66 49.42
N THR F 160 3.49 -9.82 50.18
CA THR F 160 3.27 -9.72 51.61
C THR F 160 1.85 -9.36 51.98
N ILE F 161 1.31 -8.35 51.32
CA ILE F 161 -0.06 -7.91 51.60
C ILE F 161 -1.01 -9.06 51.27
N SER F 162 -0.84 -9.67 50.12
CA SER F 162 -1.61 -10.82 49.70
C SER F 162 -1.68 -11.94 50.76
N ARG F 163 -0.53 -12.41 51.22
CA ARG F 163 -0.49 -13.49 52.22
C ARG F 163 -1.23 -13.04 53.47
N TYR F 164 -0.91 -11.85 53.95
CA TYR F 164 -1.50 -11.26 55.15
C TYR F 164 -3.04 -11.18 55.07
N CYS F 165 -3.53 -10.64 53.96
CA CYS F 165 -4.96 -10.55 53.75
C CYS F 165 -5.57 -11.96 53.69
N ARG F 166 -4.95 -12.89 52.96
CA ARG F 166 -5.45 -14.27 52.87
CA ARG F 166 -5.43 -14.29 52.86
C ARG F 166 -5.54 -14.90 54.26
N GLU F 167 -4.49 -14.75 55.07
CA GLU F 167 -4.50 -15.31 56.42
C GLU F 167 -5.63 -14.72 57.27
N ARG F 168 -5.86 -13.41 57.14
CA ARG F 168 -6.89 -12.73 57.92
C ARG F 168 -8.33 -12.84 57.37
N GLY F 169 -8.52 -13.51 56.24
CA GLY F 169 -9.84 -13.56 55.62
C GLY F 169 -10.38 -12.22 55.17
N ILE F 170 -9.49 -11.34 54.72
CA ILE F 170 -9.86 -10.09 54.09
C ILE F 170 -9.69 -10.32 52.60
N ARG F 171 -10.74 -10.09 51.82
CA ARG F 171 -10.62 -10.29 50.39
C ARG F 171 -9.81 -9.12 49.85
N LEU F 172 -8.99 -9.40 48.85
CA LEU F 172 -8.13 -8.42 48.26
C LEU F 172 -8.51 -8.22 46.80
N HIS F 173 -8.93 -7.00 46.47
CA HIS F 173 -9.39 -6.66 45.13
C HIS F 173 -8.36 -5.72 44.50
N LEU F 174 -8.08 -5.91 43.22
CA LEU F 174 -7.18 -5.05 42.46
C LEU F 174 -7.95 -4.13 41.49
N ASP F 175 -7.80 -2.83 41.72
CA ASP F 175 -8.14 -1.83 40.73
C ASP F 175 -6.97 -1.73 39.77
N GLY F 176 -7.08 -2.48 38.69
CA GLY F 176 -6.05 -2.57 37.68
C GLY F 176 -6.46 -1.90 36.40
N ALA F 177 -7.13 -0.75 36.55
CA ALA F 177 -7.34 0.17 35.43
C ALA F 177 -6.10 0.40 34.58
N ARG F 178 -4.92 0.41 35.22
CA ARG F 178 -3.64 0.66 34.56
C ARG F 178 -2.66 -0.49 34.82
N LEU F 179 -3.20 -1.70 34.94
CA LEU F 179 -2.40 -2.89 35.21
C LEU F 179 -1.35 -3.15 34.14
N PHE F 180 -1.77 -3.09 32.89
CA PHE F 180 -0.87 -3.40 31.77
C PHE F 180 0.29 -2.45 31.73
N GLU F 181 0.06 -1.20 32.14
CA GLU F 181 1.08 -0.15 32.20
C GLU F 181 2.20 -0.45 33.19
N LEU F 183 3.28 -3.60 34.08
CA LEU F 183 4.00 -4.90 33.87
C LEU F 183 5.48 -4.76 33.50
N PRO F 184 5.88 -3.70 32.77
CA PRO F 184 7.31 -3.51 32.49
C PRO F 184 8.21 -3.25 33.72
N TYR F 185 7.73 -2.41 34.62
CA TYR F 185 8.44 -2.16 35.86
C TYR F 185 8.46 -3.40 36.72
N TYR F 186 7.33 -4.10 36.78
CA TYR F 186 7.25 -5.30 37.60
C TYR F 186 7.98 -6.50 36.98
N GLU F 187 8.20 -6.47 35.66
CA GLU F 187 8.75 -7.62 34.95
C GLU F 187 7.95 -8.89 35.34
N LYS F 188 6.63 -8.76 35.33
CA LYS F 188 5.76 -9.87 35.62
C LYS F 188 4.69 -9.82 34.57
N THR F 189 4.08 -10.98 34.33
CA THR F 189 2.92 -11.06 33.45
CA THR F 189 2.91 -11.09 33.46
C THR F 189 1.67 -10.60 34.21
N ALA F 190 0.61 -10.36 33.46
CA ALA F 190 -0.64 -9.92 34.04
C ALA F 190 -1.13 -10.94 35.06
N ALA F 191 -1.04 -12.22 34.71
CA ALA F 191 -1.45 -13.30 35.61
C ALA F 191 -0.59 -13.40 36.87
N GLU F 192 0.69 -13.04 36.80
CA GLU F 192 1.51 -13.13 37.99
C GLU F 192 1.10 -12.05 39.00
N ILE F 193 0.63 -10.90 38.50
CA ILE F 193 0.14 -9.85 39.41
CA ILE F 193 0.14 -9.84 39.40
C ILE F 193 -1.23 -10.22 39.92
N ALA F 194 -2.15 -10.46 38.98
CA ALA F 194 -3.53 -10.79 39.27
C ALA F 194 -3.66 -11.98 40.23
N GLY F 195 -2.74 -12.94 40.10
CA GLY F 195 -2.67 -14.12 40.97
C GLY F 195 -2.48 -13.82 42.44
N LEU F 196 -2.08 -12.60 42.77
CA LEU F 196 -1.99 -12.16 44.14
C LEU F 196 -3.35 -11.76 44.73
N PHE F 197 -4.33 -11.54 43.86
CA PHE F 197 -5.64 -11.02 44.26
C PHE F 197 -6.77 -12.03 44.18
N ASP F 198 -7.88 -11.74 44.89
CA ASP F 198 -9.10 -12.55 44.80
C ASP F 198 -9.93 -12.13 43.59
N SER F 199 -9.96 -10.82 43.35
CA SER F 199 -10.65 -10.28 42.23
C SER F 199 -9.85 -9.11 41.63
N ILE F 200 -10.01 -8.92 40.31
CA ILE F 200 -9.30 -7.87 39.57
C ILE F 200 -10.25 -7.16 38.58
N TYR F 201 -10.06 -5.83 38.43
CA TYR F 201 -10.76 -5.05 37.41
C TYR F 201 -9.66 -4.49 36.53
N ILE F 202 -9.73 -4.79 35.25
CA ILE F 202 -8.90 -4.17 34.24
C ILE F 202 -9.75 -3.34 33.28
N SER F 203 -9.14 -2.33 32.68
CA SER F 203 -9.82 -1.38 31.81
C SER F 203 -9.29 -1.53 30.38
N PHE F 204 -10.16 -1.25 29.40
CA PHE F 204 -9.77 -1.22 27.99
C PHE F 204 -9.67 0.17 27.33
N TYR F 205 -9.92 1.23 28.08
CA TYR F 205 -9.75 2.55 27.51
C TYR F 205 -8.68 3.38 28.15
N GLY F 207 -4.54 2.69 29.26
CA GLY F 207 -3.31 2.53 28.48
C GLY F 207 -3.47 1.79 27.15
N LEU F 208 -4.49 0.93 27.08
CA LEU F 208 -4.73 0.21 25.84
C LEU F 208 -5.42 1.07 24.80
N GLY F 209 -6.07 2.15 25.25
CA GLY F 209 -6.54 3.17 24.34
C GLY F 209 -7.72 2.79 23.47
N GLY F 210 -8.58 1.94 24.01
CA GLY F 210 -9.87 1.64 23.39
C GLY F 210 -10.96 2.65 23.67
N ILE F 211 -12.22 2.22 23.55
CA ILE F 211 -13.33 3.16 23.65
C ILE F 211 -13.86 3.17 25.09
N ALA F 212 -14.27 2.00 25.55
CA ALA F 212 -14.74 1.84 26.92
C ALA F 212 -14.77 0.33 27.29
N GLY F 213 -15.09 0.03 28.54
CA GLY F 213 -15.27 -1.34 28.92
C GLY F 213 -14.33 -1.82 29.99
N ALA F 214 -14.76 -2.91 30.59
CA ALA F 214 -14.13 -3.40 31.77
C ALA F 214 -14.31 -4.91 31.79
N ILE F 215 -13.30 -5.58 32.30
CA ILE F 215 -13.41 -6.98 32.72
C ILE F 215 -13.38 -7.02 34.28
N LEU F 216 -14.24 -7.83 34.88
CA LEU F 216 -14.09 -8.16 36.29
C LEU F 216 -13.79 -9.64 36.34
N ALA F 217 -12.64 -9.99 36.90
CA ALA F 217 -12.21 -11.39 36.87
C ALA F 217 -12.11 -11.92 38.31
N GLY F 218 -12.46 -13.19 38.50
CA GLY F 218 -12.40 -13.79 39.83
C GLY F 218 -12.79 -15.26 39.81
N PRO F 219 -13.08 -15.83 40.99
CA PRO F 219 -13.62 -17.20 41.15
C PRO F 219 -14.95 -17.40 40.40
N ALA F 220 -15.25 -18.64 40.06
CA ALA F 220 -16.46 -18.94 39.33
C ALA F 220 -17.70 -18.44 40.06
N ALA F 221 -17.88 -18.78 41.32
CA ALA F 221 -19.06 -18.32 42.08
C ALA F 221 -19.17 -16.77 42.13
N PHE F 222 -18.04 -16.12 42.35
CA PHE F 222 -17.96 -14.64 42.36
C PHE F 222 -18.42 -14.07 41.02
N CYS F 223 -17.93 -14.62 39.90
CA CYS F 223 -18.35 -14.13 38.59
C CYS F 223 -19.83 -14.37 38.34
N GLN F 224 -20.36 -15.48 38.82
CA GLN F 224 -21.78 -15.78 38.61
C GLN F 224 -22.65 -14.77 39.33
N THR F 225 -22.27 -14.42 40.55
CA THR F 225 -23.04 -13.42 41.29
C THR F 225 -22.87 -12.04 40.68
N ALA F 226 -21.71 -11.80 40.08
CA ALA F 226 -21.42 -10.55 39.41
C ALA F 226 -22.37 -10.32 38.20
N ARG F 227 -22.56 -11.35 37.37
CA ARG F 227 -23.51 -11.28 36.23
C ARG F 227 -24.94 -10.95 36.66
N ILE F 228 -25.36 -11.50 37.81
CA ILE F 228 -26.66 -11.12 38.37
C ILE F 228 -26.69 -9.61 38.71
N TRP F 229 -25.65 -9.15 39.40
CA TRP F 229 -25.55 -7.72 39.76
C TRP F 229 -25.45 -6.85 38.50
N LYS F 230 -24.79 -7.35 37.45
CA LYS F 230 -24.70 -6.60 36.21
C LYS F 230 -26.13 -6.29 35.72
N ARG F 231 -27.02 -7.27 35.81
CA ARG F 231 -28.37 -7.10 35.31
C ARG F 231 -29.16 -6.16 36.18
N ARG F 232 -28.99 -6.29 37.49
CA ARG F 232 -29.67 -5.40 38.42
C ARG F 232 -29.31 -3.95 38.10
N TYR F 233 -28.04 -3.73 37.77
CA TYR F 233 -27.52 -2.39 37.51
C TYR F 233 -27.94 -1.83 36.15
N GLY F 234 -28.39 -2.68 35.23
CA GLY F 234 -28.73 -2.18 33.89
C GLY F 234 -27.49 -2.11 32.99
N GLY F 235 -26.52 -2.97 33.28
CA GLY F 235 -25.29 -3.11 32.51
C GLY F 235 -25.28 -4.33 31.61
N ASP F 236 -26.29 -5.19 31.77
CA ASP F 236 -26.37 -6.40 31.00
C ASP F 236 -27.10 -6.06 29.71
N LEU F 237 -26.39 -5.31 28.88
CA LEU F 237 -26.99 -4.75 27.68
C LEU F 237 -27.29 -5.87 26.71
N ILE F 238 -28.37 -5.72 25.94
CA ILE F 238 -28.58 -6.73 24.87
C ILE F 238 -27.29 -6.94 24.06
N SER F 239 -26.59 -5.85 23.73
CA SER F 239 -25.40 -5.94 22.88
C SER F 239 -24.27 -5.05 23.35
N LEU F 240 -23.25 -5.68 23.89
CA LEU F 240 -22.07 -4.97 24.32
C LEU F 240 -20.95 -5.05 23.27
N TYR F 241 -21.13 -5.78 22.17
CA TYR F 241 -20.03 -6.00 21.19
C TYR F 241 -19.35 -4.77 20.63
N PRO F 242 -20.04 -3.62 20.54
CA PRO F 242 -19.24 -2.47 20.11
C PRO F 242 -18.02 -2.20 21.03
N TYR F 243 -18.21 -2.35 22.37
CA TYR F 243 -17.09 -2.19 23.28
C TYR F 243 -16.20 -3.44 23.35
N ILE F 244 -16.77 -4.63 23.19
CA ILE F 244 -15.97 -5.85 23.35
C ILE F 244 -15.02 -6.04 22.18
N VAL F 245 -15.53 -5.88 20.96
CA VAL F 245 -14.71 -6.06 19.75
C VAL F 245 -13.63 -4.95 19.73
N SER F 246 -14.02 -3.73 20.07
CA SER F 246 -13.03 -2.63 20.07
C SER F 246 -12.01 -2.78 21.19
N ALA F 247 -12.46 -3.22 22.38
CA ALA F 247 -11.57 -3.63 23.49
C ALA F 247 -10.49 -4.65 23.10
N ASP F 248 -10.91 -5.70 22.42
CA ASP F 248 -10.04 -6.75 21.93
C ASP F 248 -9.07 -6.26 20.85
N TYR F 249 -9.56 -5.44 19.91
CA TYR F 249 -8.68 -4.85 18.91
C TYR F 249 -7.51 -4.04 19.50
N TYR F 250 -7.79 -3.16 20.45
CA TYR F 250 -6.75 -2.32 21.05
C TYR F 250 -5.87 -3.10 22.00
N TYR F 251 -6.45 -4.08 22.70
CA TYR F 251 -5.66 -4.99 23.47
C TYR F 251 -4.56 -5.61 22.58
N GLU F 252 -4.96 -6.17 21.43
CA GLU F 252 -4.00 -6.88 20.55
C GLU F 252 -2.99 -5.93 19.90
N LEU F 253 -3.47 -4.76 19.52
CA LEU F 253 -2.63 -3.69 18.97
C LEU F 253 -1.58 -3.21 20.00
N ARG F 254 -1.97 -3.01 21.27
CA ARG F 254 -1.10 -2.30 22.23
C ARG F 254 -0.56 -3.08 23.41
N LYS F 255 -0.92 -4.35 23.54
CA LYS F 255 -0.44 -5.18 24.68
C LYS F 255 1.07 -5.23 24.83
N ASP F 256 1.79 -5.13 23.71
CA ASP F 256 3.25 -5.22 23.72
C ASP F 256 3.95 -3.86 23.65
N ARG F 257 3.21 -2.77 23.82
CA ARG F 257 3.79 -1.43 23.71
C ARG F 257 4.03 -0.75 25.05
N GLY F 259 6.04 -1.43 27.48
CA GLY F 259 7.47 -1.21 27.78
C GLY F 259 8.01 0.06 27.14
N GLN F 260 7.65 0.26 25.87
CA GLN F 260 8.13 1.44 25.16
C GLN F 260 7.48 2.74 25.69
N TYR F 261 6.22 2.65 26.11
CA TYR F 261 5.55 3.82 26.74
C TYR F 261 6.22 4.18 28.05
N TYR F 262 6.67 3.14 28.75
CA TYR F 262 7.41 3.26 29.98
C TYR F 262 8.78 3.93 29.83
N GLU F 263 9.62 3.44 28.92
CA GLU F 263 10.92 4.09 28.66
C GLU F 263 10.71 5.58 28.27
N GLN F 264 9.73 5.82 27.42
CA GLN F 264 9.43 7.18 26.94
C GLN F 264 8.94 8.12 28.04
N ALA F 265 8.04 7.61 28.89
CA ALA F 265 7.66 8.34 30.09
C ALA F 265 8.90 8.72 30.90
N LYS F 266 9.89 7.81 30.99
CA LYS F 266 11.10 8.09 31.76
C LYS F 266 11.95 9.20 31.14
N GLN F 267 12.12 9.17 29.83
CA GLN F 267 12.88 10.22 29.14
CA GLN F 267 12.91 10.22 29.17
C GLN F 267 12.21 11.57 29.31
N LEU F 268 10.89 11.59 29.15
CA LEU F 268 10.13 12.83 29.24
C LEU F 268 10.22 13.42 30.64
N ALA F 269 10.10 12.59 31.67
CA ALA F 269 10.14 13.11 33.02
C ALA F 269 11.50 13.76 33.26
N GLU F 270 12.55 13.07 32.84
CA GLU F 270 13.92 13.54 32.94
C GLU F 270 14.07 14.95 32.31
N GLN F 271 13.55 15.10 31.10
CA GLN F 271 13.53 16.40 30.43
C GLN F 271 12.73 17.47 31.18
N PHE F 272 11.52 17.12 31.62
CA PHE F 272 10.72 18.06 32.36
C PHE F 272 11.42 18.41 33.67
N ASN F 273 11.98 17.43 34.36
CA ASN F 273 12.60 17.72 35.64
C ASN F 273 13.81 18.66 35.51
N ALA F 274 14.42 18.72 34.32
CA ALA F 274 15.61 19.55 34.10
C ALA F 274 15.22 21.02 33.93
N LEU F 275 13.94 21.30 33.68
CA LEU F 275 13.46 22.67 33.57
C LEU F 275 13.33 23.30 34.97
N PRO F 276 13.81 24.55 35.14
CA PRO F 276 13.67 25.16 36.45
C PRO F 276 12.20 25.59 36.69
N GLY F 277 11.72 25.39 37.91
CA GLY F 277 10.31 25.64 38.24
C GLY F 277 9.35 24.54 37.78
N VAL F 278 9.91 23.40 37.35
CA VAL F 278 9.11 22.28 36.89
C VAL F 278 9.66 21.02 37.53
N HIS F 279 8.78 20.12 37.94
CA HIS F 279 9.22 18.78 38.32
C HIS F 279 8.08 17.79 38.15
N THR F 280 8.42 16.51 38.26
CA THR F 280 7.43 15.44 38.11
C THR F 280 7.24 14.70 39.41
N THR F 281 6.05 14.12 39.58
CA THR F 281 5.80 13.28 40.74
C THR F 281 5.16 12.00 40.20
N PRO F 282 5.79 10.82 40.40
CA PRO F 282 7.07 10.66 41.09
C PRO F 282 8.21 11.22 40.23
N GLU F 283 9.38 11.41 40.81
CA GLU F 283 10.53 11.92 40.07
C GLU F 283 10.89 11.02 38.89
N VAL F 284 10.92 9.72 39.14
CA VAL F 284 11.13 8.75 38.06
C VAL F 284 9.91 7.85 37.88
N PRO F 285 9.23 7.93 36.71
CA PRO F 285 8.05 7.13 36.47
C PRO F 285 8.27 5.62 36.58
N VAL F 286 7.29 4.93 37.15
CA VAL F 286 7.32 3.48 37.24
C VAL F 286 6.38 2.89 36.21
N SER F 287 6.02 3.71 35.22
CA SER F 287 5.03 3.35 34.25
C SER F 287 5.06 4.45 33.21
N ASN F 288 4.06 4.42 32.35
CA ASN F 288 3.88 5.38 31.31
C ASN F 288 3.35 6.74 31.79
N PHE F 290 2.91 10.07 34.87
CA PHE F 290 3.40 10.87 35.97
C PHE F 290 2.61 12.16 35.98
N HIS F 291 2.71 12.88 37.10
CA HIS F 291 2.15 14.22 37.19
C HIS F 291 3.27 15.19 37.02
N LEU F 292 2.95 16.27 36.31
CA LEU F 292 3.88 17.32 35.94
C LEU F 292 3.43 18.56 36.71
N HIS F 293 4.36 19.16 37.48
CA HIS F 293 4.05 20.24 38.40
C HIS F 293 4.84 21.50 37.97
N PHE F 294 4.15 22.61 37.90
CA PHE F 294 4.74 23.87 37.57
C PHE F 294 4.57 24.81 38.76
N ASP F 295 5.68 25.35 39.30
CA ASP F 295 5.64 26.43 40.33
CA ASP F 295 5.61 26.40 40.33
C ASP F 295 4.78 27.59 39.83
N GLY F 296 3.90 28.10 40.67
CA GLY F 296 3.00 29.17 40.29
C GLY F 296 1.61 28.60 40.07
N GLN F 297 0.71 29.42 39.54
CA GLN F 297 -0.68 29.01 39.41
C GLN F 297 -1.00 29.03 37.93
N ALA F 298 -2.18 28.59 37.56
CA ALA F 298 -2.55 28.49 36.14
C ALA F 298 -2.50 29.84 35.43
N ALA F 299 -2.91 30.89 36.12
CA ALA F 299 -2.90 32.23 35.51
C ALA F 299 -1.49 32.67 35.09
N ASP F 300 -0.47 32.17 35.78
CA ASP F 300 0.94 32.48 35.49
C ASP F 300 1.53 31.57 34.39
N ILE F 301 1.16 30.29 34.43
CA ILE F 301 1.84 29.27 33.67
C ILE F 301 1.17 29.03 32.32
N SER F 302 -0.16 29.08 32.29
CA SER F 302 -0.93 28.88 31.06
C SER F 302 -0.49 29.74 29.85
N PRO F 303 -0.16 31.03 30.05
CA PRO F 303 0.25 31.83 28.89
C PRO F 303 1.59 31.36 28.32
N LYS F 304 2.45 30.78 29.15
CA LYS F 304 3.74 30.27 28.73
C LYS F 304 3.56 29.04 27.85
N LEU F 305 2.69 28.13 28.29
CA LEU F 305 2.40 26.91 27.54
C LEU F 305 1.51 27.16 26.32
N GLU F 306 0.66 28.18 26.39
CA GLU F 306 -0.20 28.56 25.26
C GLU F 306 0.68 28.97 24.06
N GLN F 307 1.66 29.80 24.34
CA GLN F 307 2.53 30.35 23.31
C GLN F 307 3.46 29.25 22.74
N VAL F 308 4.05 28.44 23.62
CA VAL F 308 4.83 27.27 23.17
C VAL F 308 4.02 26.38 22.19
N GLN F 309 2.76 26.10 22.52
CA GLN F 309 1.93 25.15 21.75
C GLN F 309 1.38 25.77 20.45
N GLU F 310 1.09 27.07 20.50
CA GLU F 310 0.74 27.87 19.32
C GLU F 310 1.93 28.02 18.38
N GLU F 311 3.12 28.30 18.91
CA GLU F 311 4.30 28.47 18.06
C GLU F 311 4.89 27.18 17.52
N THR F 312 4.72 26.06 18.22
CA THR F 312 5.37 24.79 17.84
C THR F 312 4.49 23.73 17.25
N GLY F 313 3.18 23.78 17.49
CA GLY F 313 2.28 22.72 17.05
C GLY F 313 2.44 21.40 17.82
N LEU F 314 3.25 21.41 18.89
CA LEU F 314 3.45 20.24 19.77
C LEU F 314 2.73 20.47 21.10
N GLY F 315 1.97 19.46 21.52
CA GLY F 315 1.12 19.55 22.70
C GLY F 315 1.82 18.92 23.87
N PHE F 316 2.27 19.74 24.80
CA PHE F 316 2.87 19.26 26.05
C PHE F 316 1.85 19.06 27.15
N VAL F 317 0.92 20.01 27.26
CA VAL F 317 -0.03 20.10 28.38
C VAL F 317 -1.42 20.53 27.86
N GLY F 318 -2.40 19.67 28.05
CA GLY F 318 -3.78 19.98 27.69
C GLY F 318 -4.61 20.73 28.75
N TYR F 319 -4.17 20.76 30.00
CA TYR F 319 -4.97 21.39 31.05
C TYR F 319 -4.09 21.52 32.27
N LEU F 320 -4.46 22.44 33.15
CA LEU F 320 -3.83 22.58 34.45
C LEU F 320 -4.87 22.49 35.56
N VAL F 321 -4.49 21.89 36.68
CA VAL F 321 -5.26 21.95 37.91
C VAL F 321 -4.47 22.79 38.92
N ASP F 322 -5.05 23.85 39.52
CA ASP F 322 -4.35 24.71 40.49
C ASP F 322 -4.32 24.04 41.86
N LYS F 323 -3.16 24.08 42.51
CA LYS F 323 -2.99 23.55 43.85
C LYS F 323 -2.30 24.65 44.67
N ASP F 324 -1.72 24.30 45.82
CA ASP F 324 -1.14 25.31 46.71
CA ASP F 324 -1.12 25.25 46.74
C ASP F 324 0.28 25.73 46.30
N GLY F 325 0.36 26.75 45.44
CA GLY F 325 1.64 27.31 44.99
C GLY F 325 2.17 26.72 43.69
N TYR F 326 1.51 25.68 43.20
CA TYR F 326 1.86 25.06 41.92
C TYR F 326 0.59 24.68 41.20
N CYS F 327 0.72 24.30 39.94
CA CYS F 327 -0.39 23.70 39.21
C CYS F 327 0.12 22.42 38.55
N SER F 328 -0.81 21.54 38.17
CA SER F 328 -0.43 20.22 37.65
C SER F 328 -1.25 19.73 36.47
N THR F 329 -0.68 18.75 35.81
CA THR F 329 -1.35 18.03 34.75
C THR F 329 -0.86 16.63 34.80
N GLU F 330 -1.65 15.70 34.27
CA GLU F 330 -1.25 14.29 34.23
C GLU F 330 -0.79 13.87 32.83
N ILE F 331 0.40 13.29 32.73
CA ILE F 331 0.91 12.79 31.44
C ILE F 331 0.82 11.25 31.45
N SER F 332 0.30 10.68 30.37
CA SER F 332 0.21 9.22 30.22
C SER F 332 0.63 8.90 28.79
N VAL F 333 1.86 8.45 28.61
CA VAL F 333 2.40 8.17 27.29
C VAL F 333 1.57 7.08 26.59
N GLY F 334 1.22 7.36 25.34
CA GLY F 334 0.63 6.39 24.43
C GLY F 334 1.36 6.46 23.11
N ASP F 335 0.66 6.13 22.02
CA ASP F 335 1.19 6.15 20.65
C ASP F 335 1.55 7.55 20.17
N ALA F 336 0.92 8.60 20.72
CA ALA F 336 1.12 9.97 20.22
C ALA F 336 2.57 10.37 20.20
N TYR F 337 3.28 10.04 21.29
CA TYR F 337 4.66 10.44 21.49
C TYR F 337 5.56 9.82 20.44
N GLY F 338 5.32 8.53 20.14
CA GLY F 338 6.10 7.79 19.17
C GLY F 338 5.90 8.26 17.75
N GLU F 339 4.78 8.94 17.49
CA GLU F 339 4.53 9.55 16.18
C GLU F 339 5.35 10.80 15.95
N LEU F 340 5.95 11.37 16.99
CA LEU F 340 6.84 12.52 16.84
C LEU F 340 8.26 12.12 16.45
N ASP F 341 8.77 12.69 15.37
CA ASP F 341 10.16 12.46 15.00
C ASP F 341 11.06 13.33 15.85
N GLN F 342 12.34 12.99 15.83
CA GLN F 342 13.34 13.69 16.63
C GLN F 342 13.35 15.21 16.37
N GLN F 343 13.19 15.58 15.09
CA GLN F 343 13.17 16.97 14.67
CA GLN F 343 13.18 16.99 14.69
C GLN F 343 12.13 17.74 15.50
N THR F 344 10.92 17.23 15.49
CA THR F 344 9.81 17.82 16.22
C THR F 344 10.14 17.96 17.71
N ARG F 345 10.55 16.86 18.35
CA ARG F 345 10.89 16.83 19.78
C ARG F 345 11.97 17.83 20.16
N ASP F 346 12.99 17.93 19.31
CA ASP F 346 14.08 18.87 19.50
C ASP F 346 13.57 20.31 19.50
N ALA F 347 12.82 20.66 18.49
CA ALA F 347 12.24 22.00 18.38
C ALA F 347 11.23 22.29 19.51
N GLY F 348 10.38 21.30 19.81
CA GLY F 348 9.36 21.49 20.83
C GLY F 348 10.02 21.81 22.16
N PHE F 349 10.95 20.98 22.57
CA PHE F 349 11.60 21.17 23.85
C PHE F 349 12.49 22.39 23.86
N ALA F 350 13.07 22.72 22.71
CA ALA F 350 13.86 23.93 22.56
C ALA F 350 12.99 25.13 22.92
N ARG F 351 11.80 25.16 22.34
CA ARG F 351 10.87 26.25 22.64
C ARG F 351 10.36 26.23 24.08
N LEU F 352 10.12 25.04 24.62
CA LEU F 352 9.67 24.88 26.02
C LEU F 352 10.72 25.42 26.95
N ARG F 353 11.96 25.08 26.66
CA ARG F 353 13.11 25.50 27.47
C ARG F 353 13.29 27.04 27.53
N GLN F 354 13.09 27.72 26.40
CA GLN F 354 13.04 29.20 26.36
C GLN F 354 12.00 29.78 27.33
N ALA F 355 10.78 29.25 27.29
CA ALA F 355 9.69 29.68 28.19
C ALA F 355 9.99 29.45 29.65
N PHE F 356 10.67 28.37 29.98
CA PHE F 356 11.00 28.04 31.37
C PHE F 356 12.49 28.18 31.64
N SER F 357 12.79 29.42 32.04
CA SER F 357 14.11 30.00 32.33
C SER F 357 14.53 30.88 31.19
#